data_1UJC
# 
_entry.id   1UJC 
# 
_audit_conform.dict_name       mmcif_pdbx.dic 
_audit_conform.dict_version    5.383 
_audit_conform.dict_location   http://mmcif.pdb.org/dictionaries/ascii/mmcif_pdbx.dic 
# 
loop_
_database_2.database_id 
_database_2.database_code 
_database_2.pdbx_database_accession 
_database_2.pdbx_DOI 
PDB   1UJC         pdb_00001ujc 10.2210/pdb1ujc/pdb 
RCSB  RCSB005888   ?            ?                   
WWPDB D_1000005888 ?            ?                   
# 
loop_
_pdbx_audit_revision_history.ordinal 
_pdbx_audit_revision_history.data_content_type 
_pdbx_audit_revision_history.major_revision 
_pdbx_audit_revision_history.minor_revision 
_pdbx_audit_revision_history.revision_date 
1 'Structure model' 1 0 2005-01-25 
2 'Structure model' 1 1 2008-04-27 
3 'Structure model' 1 2 2011-07-13 
4 'Structure model' 1 3 2023-12-27 
# 
_pdbx_audit_revision_details.ordinal             1 
_pdbx_audit_revision_details.revision_ordinal    1 
_pdbx_audit_revision_details.data_content_type   'Structure model' 
_pdbx_audit_revision_details.provider            repository 
_pdbx_audit_revision_details.type                'Initial release' 
_pdbx_audit_revision_details.description         ? 
_pdbx_audit_revision_details.details             ? 
# 
loop_
_pdbx_audit_revision_group.ordinal 
_pdbx_audit_revision_group.revision_ordinal 
_pdbx_audit_revision_group.data_content_type 
_pdbx_audit_revision_group.group 
1 2 'Structure model' 'Version format compliance' 
2 3 'Structure model' 'Version format compliance' 
3 4 'Structure model' 'Data collection'           
4 4 'Structure model' 'Database references'       
5 4 'Structure model' 'Derived calculations'      
# 
loop_
_pdbx_audit_revision_category.ordinal 
_pdbx_audit_revision_category.revision_ordinal 
_pdbx_audit_revision_category.data_content_type 
_pdbx_audit_revision_category.category 
1 4 'Structure model' chem_comp_atom         
2 4 'Structure model' chem_comp_bond         
3 4 'Structure model' database_2             
4 4 'Structure model' pdbx_struct_conn_angle 
5 4 'Structure model' struct_conn            
6 4 'Structure model' struct_site            
# 
loop_
_pdbx_audit_revision_item.ordinal 
_pdbx_audit_revision_item.revision_ordinal 
_pdbx_audit_revision_item.data_content_type 
_pdbx_audit_revision_item.item 
1  4 'Structure model' '_database_2.pdbx_DOI'                        
2  4 'Structure model' '_database_2.pdbx_database_accession'         
3  4 'Structure model' '_pdbx_struct_conn_angle.ptnr1_auth_comp_id'  
4  4 'Structure model' '_pdbx_struct_conn_angle.ptnr1_auth_seq_id'   
5  4 'Structure model' '_pdbx_struct_conn_angle.ptnr1_label_asym_id' 
6  4 'Structure model' '_pdbx_struct_conn_angle.ptnr1_label_atom_id' 
7  4 'Structure model' '_pdbx_struct_conn_angle.ptnr1_label_comp_id' 
8  4 'Structure model' '_pdbx_struct_conn_angle.ptnr1_label_seq_id'  
9  4 'Structure model' '_pdbx_struct_conn_angle.ptnr1_symmetry'      
10 4 'Structure model' '_pdbx_struct_conn_angle.ptnr2_auth_comp_id'  
11 4 'Structure model' '_pdbx_struct_conn_angle.ptnr2_auth_seq_id'   
12 4 'Structure model' '_pdbx_struct_conn_angle.ptnr2_label_asym_id' 
13 4 'Structure model' '_pdbx_struct_conn_angle.ptnr2_label_atom_id' 
14 4 'Structure model' '_pdbx_struct_conn_angle.ptnr2_label_comp_id' 
15 4 'Structure model' '_pdbx_struct_conn_angle.ptnr3_auth_comp_id'  
16 4 'Structure model' '_pdbx_struct_conn_angle.ptnr3_auth_seq_id'   
17 4 'Structure model' '_pdbx_struct_conn_angle.ptnr3_label_asym_id' 
18 4 'Structure model' '_pdbx_struct_conn_angle.ptnr3_label_atom_id' 
19 4 'Structure model' '_pdbx_struct_conn_angle.ptnr3_label_comp_id' 
20 4 'Structure model' '_pdbx_struct_conn_angle.ptnr3_label_seq_id'  
21 4 'Structure model' '_pdbx_struct_conn_angle.ptnr3_symmetry'      
22 4 'Structure model' '_pdbx_struct_conn_angle.value'               
23 4 'Structure model' '_struct_conn.pdbx_dist_value'                
24 4 'Structure model' '_struct_conn.ptnr1_auth_comp_id'             
25 4 'Structure model' '_struct_conn.ptnr1_auth_seq_id'              
26 4 'Structure model' '_struct_conn.ptnr1_label_asym_id'            
27 4 'Structure model' '_struct_conn.ptnr1_label_atom_id'            
28 4 'Structure model' '_struct_conn.ptnr1_label_comp_id'            
29 4 'Structure model' '_struct_conn.ptnr1_label_seq_id'             
30 4 'Structure model' '_struct_conn.ptnr1_symmetry'                 
31 4 'Structure model' '_struct_conn.ptnr2_auth_comp_id'             
32 4 'Structure model' '_struct_conn.ptnr2_auth_seq_id'              
33 4 'Structure model' '_struct_conn.ptnr2_label_asym_id'            
34 4 'Structure model' '_struct_conn.ptnr2_label_atom_id'            
35 4 'Structure model' '_struct_conn.ptnr2_label_comp_id'            
36 4 'Structure model' '_struct_conn.ptnr2_label_seq_id'             
37 4 'Structure model' '_struct_conn.ptnr2_symmetry'                 
38 4 'Structure model' '_struct_site.pdbx_auth_asym_id'              
39 4 'Structure model' '_struct_site.pdbx_auth_comp_id'              
40 4 'Structure model' '_struct_site.pdbx_auth_seq_id'               
# 
_pdbx_database_status.status_code                     REL 
_pdbx_database_status.entry_id                        1UJC 
_pdbx_database_status.recvd_initial_deposition_date   2003-07-31 
_pdbx_database_status.deposit_site                    PDBJ 
_pdbx_database_status.process_site                    PDBJ 
_pdbx_database_status.status_code_sf                  REL 
_pdbx_database_status.status_code_mr                  ? 
_pdbx_database_status.SG_entry                        ? 
_pdbx_database_status.pdb_format_compatible           Y 
_pdbx_database_status.status_code_cs                  ? 
_pdbx_database_status.status_code_nmr_data            ? 
_pdbx_database_status.methods_development_category    ? 
# 
_pdbx_database_related.db_name        PDB 
_pdbx_database_related.db_id          1UJB 
_pdbx_database_related.details        '1UJB contains the same protein in the apo form.' 
_pdbx_database_related.content_type   unspecified 
# 
loop_
_audit_author.name 
_audit_author.pdbx_ordinal 
'Hamada, K.'    1 
'Kato, M.'      2 
'Shimizu, T.'   3 
'Ihara, K.'     4 
'Mizuno, T.'    5 
'Hakoshima, T.' 6 
# 
loop_
_citation.id 
_citation.title 
_citation.journal_abbrev 
_citation.journal_volume 
_citation.page_first 
_citation.page_last 
_citation.year 
_citation.journal_id_ASTM 
_citation.country 
_citation.journal_id_ISSN 
_citation.journal_id_CSD 
_citation.book_publisher 
_citation.pdbx_database_id_PubMed 
_citation.pdbx_database_id_DOI 
primary 'Crystal structure of the protein histidine phosphatase SixA in the multistep His-Asp phosphorelay.' 'Genes Cells' 10 1   
11  2005 ?      UK 1356-9597 ?    ? 15670209 10.1111/j.1365-2443.2005.00817.x 
1       
;Crystallographic characterization of a novel protein SixA which exhibits phospho-histidine phosphatase activity in the multistep His-Asp phosphorelay
;
'Acta Crystallogr.,Sect.D' 55 269 271 1999 ABCRE6 DK 0907-4449 0766 ? ?        ?                                
# 
loop_
_citation_author.citation_id 
_citation_author.name 
_citation_author.ordinal 
_citation_author.identifier_ORCID 
primary 'Hamada, K.'    1  ? 
primary 'Kato, M.'      2  ? 
primary 'Shimizu, T.'   3  ? 
primary 'Ihara, K.'     4  ? 
primary 'Mizuno, T.'    5  ? 
primary 'Hakoshima, T.' 6  ? 
1       'Hamada, K.'    7  ? 
1       'Kato, M.'      8  ? 
1       'Mizuno, T.'    9  ? 
1       'Hakoshima, T.' 10 ? 
# 
loop_
_entity.id 
_entity.type 
_entity.src_method 
_entity.pdbx_description 
_entity.formula_weight 
_entity.pdbx_number_of_molecules 
_entity.pdbx_ec 
_entity.pdbx_mutation 
_entity.pdbx_fragment 
_entity.details 
1 polymer     man 'Phosphohistidine phosphatase sixA' 17218.699 1   3.1.3.- ? ? ? 
2 non-polymer syn 'CALCIUM ION'                       40.078    1   ?       ? ? ? 
3 non-polymer syn 'TUNGSTATE(VI)ION'                  247.838   1   ?       ? ? ? 
4 water       nat water                               18.015    234 ?       ? ? ? 
# 
_entity_name_com.entity_id   1 
_entity_name_com.name        'protein histidine phosphatase SixA, RX6' 
# 
_entity_poly.entity_id                      1 
_entity_poly.type                           'polypeptide(L)' 
_entity_poly.nstd_linkage                   no 
_entity_poly.nstd_monomer                   no 
_entity_poly.pdbx_seq_one_letter_code       
;MQVFIMRHGDAALDAASDSVRPLTTNGCDESRLMANWLKGQKVEIERVLVSPFLRAEQTLEEVGDCLNLPSSAEVLPELT
PCGDVGLVSAYLQALTNEGVASVLVISHLPLVGYLVAELCPGETPPMFTTSAIASVTLDESGNGTFNWQMSPCNLKMAKA
I
;
_entity_poly.pdbx_seq_one_letter_code_can   
;MQVFIMRHGDAALDAASDSVRPLTTNGCDESRLMANWLKGQKVEIERVLVSPFLRAEQTLEEVGDCLNLPSSAEVLPELT
PCGDVGLVSAYLQALTNEGVASVLVISHLPLVGYLVAELCPGETPPMFTTSAIASVTLDESGNGTFNWQMSPCNLKMAKA
I
;
_entity_poly.pdbx_strand_id                 A 
_entity_poly.pdbx_target_identifier         ? 
# 
loop_
_pdbx_entity_nonpoly.entity_id 
_pdbx_entity_nonpoly.name 
_pdbx_entity_nonpoly.comp_id 
2 'CALCIUM ION'      CA  
3 'TUNGSTATE(VI)ION' WO4 
4 water              HOH 
# 
loop_
_entity_poly_seq.entity_id 
_entity_poly_seq.num 
_entity_poly_seq.mon_id 
_entity_poly_seq.hetero 
1 1   MET n 
1 2   GLN n 
1 3   VAL n 
1 4   PHE n 
1 5   ILE n 
1 6   MET n 
1 7   ARG n 
1 8   HIS n 
1 9   GLY n 
1 10  ASP n 
1 11  ALA n 
1 12  ALA n 
1 13  LEU n 
1 14  ASP n 
1 15  ALA n 
1 16  ALA n 
1 17  SER n 
1 18  ASP n 
1 19  SER n 
1 20  VAL n 
1 21  ARG n 
1 22  PRO n 
1 23  LEU n 
1 24  THR n 
1 25  THR n 
1 26  ASN n 
1 27  GLY n 
1 28  CYS n 
1 29  ASP n 
1 30  GLU n 
1 31  SER n 
1 32  ARG n 
1 33  LEU n 
1 34  MET n 
1 35  ALA n 
1 36  ASN n 
1 37  TRP n 
1 38  LEU n 
1 39  LYS n 
1 40  GLY n 
1 41  GLN n 
1 42  LYS n 
1 43  VAL n 
1 44  GLU n 
1 45  ILE n 
1 46  GLU n 
1 47  ARG n 
1 48  VAL n 
1 49  LEU n 
1 50  VAL n 
1 51  SER n 
1 52  PRO n 
1 53  PHE n 
1 54  LEU n 
1 55  ARG n 
1 56  ALA n 
1 57  GLU n 
1 58  GLN n 
1 59  THR n 
1 60  LEU n 
1 61  GLU n 
1 62  GLU n 
1 63  VAL n 
1 64  GLY n 
1 65  ASP n 
1 66  CYS n 
1 67  LEU n 
1 68  ASN n 
1 69  LEU n 
1 70  PRO n 
1 71  SER n 
1 72  SER n 
1 73  ALA n 
1 74  GLU n 
1 75  VAL n 
1 76  LEU n 
1 77  PRO n 
1 78  GLU n 
1 79  LEU n 
1 80  THR n 
1 81  PRO n 
1 82  CYS n 
1 83  GLY n 
1 84  ASP n 
1 85  VAL n 
1 86  GLY n 
1 87  LEU n 
1 88  VAL n 
1 89  SER n 
1 90  ALA n 
1 91  TYR n 
1 92  LEU n 
1 93  GLN n 
1 94  ALA n 
1 95  LEU n 
1 96  THR n 
1 97  ASN n 
1 98  GLU n 
1 99  GLY n 
1 100 VAL n 
1 101 ALA n 
1 102 SER n 
1 103 VAL n 
1 104 LEU n 
1 105 VAL n 
1 106 ILE n 
1 107 SER n 
1 108 HIS n 
1 109 LEU n 
1 110 PRO n 
1 111 LEU n 
1 112 VAL n 
1 113 GLY n 
1 114 TYR n 
1 115 LEU n 
1 116 VAL n 
1 117 ALA n 
1 118 GLU n 
1 119 LEU n 
1 120 CYS n 
1 121 PRO n 
1 122 GLY n 
1 123 GLU n 
1 124 THR n 
1 125 PRO n 
1 126 PRO n 
1 127 MET n 
1 128 PHE n 
1 129 THR n 
1 130 THR n 
1 131 SER n 
1 132 ALA n 
1 133 ILE n 
1 134 ALA n 
1 135 SER n 
1 136 VAL n 
1 137 THR n 
1 138 LEU n 
1 139 ASP n 
1 140 GLU n 
1 141 SER n 
1 142 GLY n 
1 143 ASN n 
1 144 GLY n 
1 145 THR n 
1 146 PHE n 
1 147 ASN n 
1 148 TRP n 
1 149 GLN n 
1 150 MET n 
1 151 SER n 
1 152 PRO n 
1 153 CYS n 
1 154 ASN n 
1 155 LEU n 
1 156 LYS n 
1 157 MET n 
1 158 ALA n 
1 159 LYS n 
1 160 ALA n 
1 161 ILE n 
# 
_entity_src_gen.entity_id                          1 
_entity_src_gen.pdbx_src_id                        1 
_entity_src_gen.pdbx_alt_source_flag               sample 
_entity_src_gen.pdbx_seq_type                      ? 
_entity_src_gen.pdbx_beg_seq_num                   ? 
_entity_src_gen.pdbx_end_seq_num                   ? 
_entity_src_gen.gene_src_common_name               ? 
_entity_src_gen.gene_src_genus                     Escherichia 
_entity_src_gen.pdbx_gene_src_gene                 ? 
_entity_src_gen.gene_src_species                   ? 
_entity_src_gen.gene_src_strain                    ? 
_entity_src_gen.gene_src_tissue                    ? 
_entity_src_gen.gene_src_tissue_fraction           ? 
_entity_src_gen.gene_src_details                   ? 
_entity_src_gen.pdbx_gene_src_fragment             ? 
_entity_src_gen.pdbx_gene_src_scientific_name      'Escherichia coli' 
_entity_src_gen.pdbx_gene_src_ncbi_taxonomy_id     562 
_entity_src_gen.pdbx_gene_src_variant              ? 
_entity_src_gen.pdbx_gene_src_cell_line            ? 
_entity_src_gen.pdbx_gene_src_atcc                 ? 
_entity_src_gen.pdbx_gene_src_organ                ? 
_entity_src_gen.pdbx_gene_src_organelle            ? 
_entity_src_gen.pdbx_gene_src_cell                 ? 
_entity_src_gen.pdbx_gene_src_cellular_location    ? 
_entity_src_gen.host_org_common_name               ? 
_entity_src_gen.pdbx_host_org_scientific_name      'Escherichia coli BL21(DE3)' 
_entity_src_gen.pdbx_host_org_ncbi_taxonomy_id     469008 
_entity_src_gen.host_org_genus                     Escherichia 
_entity_src_gen.pdbx_host_org_gene                 ? 
_entity_src_gen.pdbx_host_org_organ                ? 
_entity_src_gen.host_org_species                   'Escherichia coli' 
_entity_src_gen.pdbx_host_org_tissue               ? 
_entity_src_gen.pdbx_host_org_tissue_fraction      ? 
_entity_src_gen.pdbx_host_org_strain               'BL21(DE3)' 
_entity_src_gen.pdbx_host_org_variant              ? 
_entity_src_gen.pdbx_host_org_cell_line            ? 
_entity_src_gen.pdbx_host_org_atcc                 ? 
_entity_src_gen.pdbx_host_org_culture_collection   ? 
_entity_src_gen.pdbx_host_org_cell                 ? 
_entity_src_gen.pdbx_host_org_organelle            ? 
_entity_src_gen.pdbx_host_org_cellular_location    ? 
_entity_src_gen.pdbx_host_org_vector_type          plasmid 
_entity_src_gen.pdbx_host_org_vector               ? 
_entity_src_gen.host_org_details                   ? 
_entity_src_gen.expression_system_id               ? 
_entity_src_gen.plasmid_name                       ? 
_entity_src_gen.plasmid_details                    ? 
_entity_src_gen.pdbx_description                   ? 
# 
loop_
_chem_comp.id 
_chem_comp.type 
_chem_comp.mon_nstd_flag 
_chem_comp.name 
_chem_comp.pdbx_synonyms 
_chem_comp.formula 
_chem_comp.formula_weight 
ALA 'L-peptide linking' y ALANINE            ? 'C3 H7 N O2'     89.093  
ARG 'L-peptide linking' y ARGININE           ? 'C6 H15 N4 O2 1' 175.209 
ASN 'L-peptide linking' y ASPARAGINE         ? 'C4 H8 N2 O3'    132.118 
ASP 'L-peptide linking' y 'ASPARTIC ACID'    ? 'C4 H7 N O4'     133.103 
CA  non-polymer         . 'CALCIUM ION'      ? 'Ca 2'           40.078  
CYS 'L-peptide linking' y CYSTEINE           ? 'C3 H7 N O2 S'   121.158 
GLN 'L-peptide linking' y GLUTAMINE          ? 'C5 H10 N2 O3'   146.144 
GLU 'L-peptide linking' y 'GLUTAMIC ACID'    ? 'C5 H9 N O4'     147.129 
GLY 'peptide linking'   y GLYCINE            ? 'C2 H5 N O2'     75.067  
HIS 'L-peptide linking' y HISTIDINE          ? 'C6 H10 N3 O2 1' 156.162 
HOH non-polymer         . WATER              ? 'H2 O'           18.015  
ILE 'L-peptide linking' y ISOLEUCINE         ? 'C6 H13 N O2'    131.173 
LEU 'L-peptide linking' y LEUCINE            ? 'C6 H13 N O2'    131.173 
LYS 'L-peptide linking' y LYSINE             ? 'C6 H15 N2 O2 1' 147.195 
MET 'L-peptide linking' y METHIONINE         ? 'C5 H11 N O2 S'  149.211 
PHE 'L-peptide linking' y PHENYLALANINE      ? 'C9 H11 N O2'    165.189 
PRO 'L-peptide linking' y PROLINE            ? 'C5 H9 N O2'     115.130 
SER 'L-peptide linking' y SERINE             ? 'C3 H7 N O3'     105.093 
THR 'L-peptide linking' y THREONINE          ? 'C4 H9 N O3'     119.119 
TRP 'L-peptide linking' y TRYPTOPHAN         ? 'C11 H12 N2 O2'  204.225 
TYR 'L-peptide linking' y TYROSINE           ? 'C9 H11 N O3'    181.189 
VAL 'L-peptide linking' y VALINE             ? 'C5 H11 N O2'    117.146 
WO4 non-polymer         . 'TUNGSTATE(VI)ION' ? 'O4 W -2'        247.838 
# 
loop_
_pdbx_poly_seq_scheme.asym_id 
_pdbx_poly_seq_scheme.entity_id 
_pdbx_poly_seq_scheme.seq_id 
_pdbx_poly_seq_scheme.mon_id 
_pdbx_poly_seq_scheme.ndb_seq_num 
_pdbx_poly_seq_scheme.pdb_seq_num 
_pdbx_poly_seq_scheme.auth_seq_num 
_pdbx_poly_seq_scheme.pdb_mon_id 
_pdbx_poly_seq_scheme.auth_mon_id 
_pdbx_poly_seq_scheme.pdb_strand_id 
_pdbx_poly_seq_scheme.pdb_ins_code 
_pdbx_poly_seq_scheme.hetero 
A 1 1   MET 1   1   1   MET MET A . n 
A 1 2   GLN 2   2   2   GLN GLN A . n 
A 1 3   VAL 3   3   3   VAL VAL A . n 
A 1 4   PHE 4   4   4   PHE PHE A . n 
A 1 5   ILE 5   5   5   ILE ILE A . n 
A 1 6   MET 6   6   6   MET MET A . n 
A 1 7   ARG 7   7   7   ARG ARG A . n 
A 1 8   HIS 8   8   8   HIS HIS A . n 
A 1 9   GLY 9   9   9   GLY GLY A . n 
A 1 10  ASP 10  10  10  ASP ASP A . n 
A 1 11  ALA 11  11  11  ALA ALA A . n 
A 1 12  ALA 12  12  12  ALA ALA A . n 
A 1 13  LEU 13  13  13  LEU LEU A . n 
A 1 14  ASP 14  14  14  ASP ASP A . n 
A 1 15  ALA 15  15  15  ALA ALA A . n 
A 1 16  ALA 16  16  16  ALA ALA A . n 
A 1 17  SER 17  17  17  SER SER A . n 
A 1 18  ASP 18  18  18  ASP ASP A . n 
A 1 19  SER 19  19  19  SER SER A . n 
A 1 20  VAL 20  20  20  VAL VAL A . n 
A 1 21  ARG 21  21  21  ARG ARG A . n 
A 1 22  PRO 22  22  22  PRO PRO A . n 
A 1 23  LEU 23  23  23  LEU LEU A . n 
A 1 24  THR 24  24  24  THR THR A . n 
A 1 25  THR 25  25  25  THR THR A . n 
A 1 26  ASN 26  26  26  ASN ASN A . n 
A 1 27  GLY 27  27  27  GLY GLY A . n 
A 1 28  CYS 28  28  28  CYS CYS A . n 
A 1 29  ASP 29  29  29  ASP ASP A . n 
A 1 30  GLU 30  30  30  GLU GLU A . n 
A 1 31  SER 31  31  31  SER SER A . n 
A 1 32  ARG 32  32  32  ARG ARG A . n 
A 1 33  LEU 33  33  33  LEU LEU A . n 
A 1 34  MET 34  34  34  MET MET A . n 
A 1 35  ALA 35  35  35  ALA ALA A . n 
A 1 36  ASN 36  36  36  ASN ASN A . n 
A 1 37  TRP 37  37  37  TRP TRP A . n 
A 1 38  LEU 38  38  38  LEU LEU A . n 
A 1 39  LYS 39  39  39  LYS LYS A . n 
A 1 40  GLY 40  40  40  GLY GLY A . n 
A 1 41  GLN 41  41  41  GLN GLN A . n 
A 1 42  LYS 42  42  42  LYS LYS A . n 
A 1 43  VAL 43  43  43  VAL VAL A . n 
A 1 44  GLU 44  44  44  GLU GLU A . n 
A 1 45  ILE 45  45  45  ILE ILE A . n 
A 1 46  GLU 46  46  46  GLU GLU A . n 
A 1 47  ARG 47  47  47  ARG ARG A . n 
A 1 48  VAL 48  48  48  VAL VAL A . n 
A 1 49  LEU 49  49  49  LEU LEU A . n 
A 1 50  VAL 50  50  50  VAL VAL A . n 
A 1 51  SER 51  51  51  SER SER A . n 
A 1 52  PRO 52  52  52  PRO PRO A . n 
A 1 53  PHE 53  53  53  PHE PHE A . n 
A 1 54  LEU 54  54  54  LEU LEU A . n 
A 1 55  ARG 55  55  55  ARG ARG A . n 
A 1 56  ALA 56  56  56  ALA ALA A . n 
A 1 57  GLU 57  57  57  GLU GLU A . n 
A 1 58  GLN 58  58  58  GLN GLN A . n 
A 1 59  THR 59  59  59  THR THR A . n 
A 1 60  LEU 60  60  60  LEU LEU A . n 
A 1 61  GLU 61  61  61  GLU GLU A . n 
A 1 62  GLU 62  62  62  GLU GLU A . n 
A 1 63  VAL 63  63  63  VAL VAL A . n 
A 1 64  GLY 64  64  64  GLY GLY A . n 
A 1 65  ASP 65  65  65  ASP ASP A . n 
A 1 66  CYS 66  66  66  CYS CYS A . n 
A 1 67  LEU 67  67  67  LEU LEU A . n 
A 1 68  ASN 68  68  68  ASN ASN A . n 
A 1 69  LEU 69  69  69  LEU LEU A . n 
A 1 70  PRO 70  70  70  PRO PRO A . n 
A 1 71  SER 71  71  71  SER SER A . n 
A 1 72  SER 72  72  72  SER SER A . n 
A 1 73  ALA 73  73  73  ALA ALA A . n 
A 1 74  GLU 74  74  74  GLU GLU A . n 
A 1 75  VAL 75  75  75  VAL VAL A . n 
A 1 76  LEU 76  76  76  LEU LEU A . n 
A 1 77  PRO 77  77  77  PRO PRO A . n 
A 1 78  GLU 78  78  78  GLU GLU A . n 
A 1 79  LEU 79  79  79  LEU LEU A . n 
A 1 80  THR 80  80  80  THR THR A . n 
A 1 81  PRO 81  81  81  PRO PRO A . n 
A 1 82  CYS 82  82  82  CYS CYS A . n 
A 1 83  GLY 83  83  83  GLY GLY A . n 
A 1 84  ASP 84  84  84  ASP ASP A . n 
A 1 85  VAL 85  85  85  VAL VAL A . n 
A 1 86  GLY 86  86  86  GLY GLY A . n 
A 1 87  LEU 87  87  87  LEU LEU A . n 
A 1 88  VAL 88  88  88  VAL VAL A . n 
A 1 89  SER 89  89  89  SER SER A . n 
A 1 90  ALA 90  90  90  ALA ALA A . n 
A 1 91  TYR 91  91  91  TYR TYR A . n 
A 1 92  LEU 92  92  92  LEU LEU A . n 
A 1 93  GLN 93  93  93  GLN GLN A . n 
A 1 94  ALA 94  94  94  ALA ALA A . n 
A 1 95  LEU 95  95  95  LEU LEU A . n 
A 1 96  THR 96  96  96  THR THR A . n 
A 1 97  ASN 97  97  97  ASN ASN A . n 
A 1 98  GLU 98  98  98  GLU GLU A . n 
A 1 99  GLY 99  99  99  GLY GLY A . n 
A 1 100 VAL 100 100 100 VAL VAL A . n 
A 1 101 ALA 101 101 101 ALA ALA A . n 
A 1 102 SER 102 102 102 SER SER A . n 
A 1 103 VAL 103 103 103 VAL VAL A . n 
A 1 104 LEU 104 104 104 LEU LEU A . n 
A 1 105 VAL 105 105 105 VAL VAL A . n 
A 1 106 ILE 106 106 106 ILE ILE A . n 
A 1 107 SER 107 107 107 SER SER A . n 
A 1 108 HIS 108 108 108 HIS HIS A . n 
A 1 109 LEU 109 109 109 LEU LEU A . n 
A 1 110 PRO 110 110 110 PRO PRO A . n 
A 1 111 LEU 111 111 111 LEU LEU A . n 
A 1 112 VAL 112 112 112 VAL VAL A . n 
A 1 113 GLY 113 113 113 GLY GLY A . n 
A 1 114 TYR 114 114 114 TYR TYR A . n 
A 1 115 LEU 115 115 115 LEU LEU A . n 
A 1 116 VAL 116 116 116 VAL VAL A . n 
A 1 117 ALA 117 117 117 ALA ALA A . n 
A 1 118 GLU 118 118 118 GLU GLU A . n 
A 1 119 LEU 119 119 119 LEU LEU A . n 
A 1 120 CYS 120 120 120 CYS CYS A . n 
A 1 121 PRO 121 121 121 PRO PRO A . n 
A 1 122 GLY 122 122 122 GLY GLY A . n 
A 1 123 GLU 123 123 123 GLU GLU A . n 
A 1 124 THR 124 124 124 THR THR A . n 
A 1 125 PRO 125 125 125 PRO PRO A . n 
A 1 126 PRO 126 126 126 PRO PRO A . n 
A 1 127 MET 127 127 127 MET MET A . n 
A 1 128 PHE 128 128 128 PHE PHE A . n 
A 1 129 THR 129 129 129 THR THR A . n 
A 1 130 THR 130 130 130 THR THR A . n 
A 1 131 SER 131 131 131 SER SER A . n 
A 1 132 ALA 132 132 132 ALA ALA A . n 
A 1 133 ILE 133 133 133 ILE ILE A . n 
A 1 134 ALA 134 134 134 ALA ALA A . n 
A 1 135 SER 135 135 135 SER SER A . n 
A 1 136 VAL 136 136 136 VAL VAL A . n 
A 1 137 THR 137 137 137 THR THR A . n 
A 1 138 LEU 138 138 138 LEU LEU A . n 
A 1 139 ASP 139 139 139 ASP ASP A . n 
A 1 140 GLU 140 140 140 GLU GLU A . n 
A 1 141 SER 141 141 141 SER SER A . n 
A 1 142 GLY 142 142 142 GLY GLY A . n 
A 1 143 ASN 143 143 143 ASN ASN A . n 
A 1 144 GLY 144 144 144 GLY GLY A . n 
A 1 145 THR 145 145 145 THR THR A . n 
A 1 146 PHE 146 146 146 PHE PHE A . n 
A 1 147 ASN 147 147 147 ASN ASN A . n 
A 1 148 TRP 148 148 148 TRP TRP A . n 
A 1 149 GLN 149 149 149 GLN GLN A . n 
A 1 150 MET 150 150 150 MET MET A . n 
A 1 151 SER 151 151 151 SER SER A . n 
A 1 152 PRO 152 152 152 PRO PRO A . n 
A 1 153 CYS 153 153 153 CYS CYS A . n 
A 1 154 ASN 154 154 154 ASN ASN A . n 
A 1 155 LEU 155 155 155 LEU LEU A . n 
A 1 156 LYS 156 156 156 LYS LYS A . n 
A 1 157 MET 157 157 ?   ?   ?   A . n 
A 1 158 ALA 158 158 ?   ?   ?   A . n 
A 1 159 LYS 159 159 ?   ?   ?   A . n 
A 1 160 ALA 160 160 ?   ?   ?   A . n 
A 1 161 ILE 161 161 ?   ?   ?   A . n 
# 
loop_
_pdbx_nonpoly_scheme.asym_id 
_pdbx_nonpoly_scheme.entity_id 
_pdbx_nonpoly_scheme.mon_id 
_pdbx_nonpoly_scheme.ndb_seq_num 
_pdbx_nonpoly_scheme.pdb_seq_num 
_pdbx_nonpoly_scheme.auth_seq_num 
_pdbx_nonpoly_scheme.pdb_mon_id 
_pdbx_nonpoly_scheme.auth_mon_id 
_pdbx_nonpoly_scheme.pdb_strand_id 
_pdbx_nonpoly_scheme.pdb_ins_code 
B 2 CA  1   162 157 CA  CA  A . 
C 3 WO4 1   163 158 WO4 WO4 A . 
D 4 HOH 1   201 201 HOH TIP A . 
D 4 HOH 2   202 202 HOH TIP A . 
D 4 HOH 3   203 203 HOH TIP A . 
D 4 HOH 4   204 204 HOH TIP A . 
D 4 HOH 5   205 205 HOH TIP A . 
D 4 HOH 6   206 206 HOH TIP A . 
D 4 HOH 7   207 207 HOH TIP A . 
D 4 HOH 8   208 208 HOH TIP A . 
D 4 HOH 9   209 209 HOH TIP A . 
D 4 HOH 10  210 210 HOH TIP A . 
D 4 HOH 11  211 211 HOH TIP A . 
D 4 HOH 12  212 212 HOH TIP A . 
D 4 HOH 13  213 213 HOH TIP A . 
D 4 HOH 14  214 214 HOH TIP A . 
D 4 HOH 15  215 215 HOH TIP A . 
D 4 HOH 16  216 216 HOH TIP A . 
D 4 HOH 17  217 217 HOH TIP A . 
D 4 HOH 18  218 218 HOH TIP A . 
D 4 HOH 19  219 219 HOH TIP A . 
D 4 HOH 20  220 220 HOH TIP A . 
D 4 HOH 21  221 221 HOH TIP A . 
D 4 HOH 22  222 222 HOH TIP A . 
D 4 HOH 23  223 223 HOH TIP A . 
D 4 HOH 24  224 224 HOH TIP A . 
D 4 HOH 25  225 225 HOH TIP A . 
D 4 HOH 26  226 226 HOH TIP A . 
D 4 HOH 27  227 227 HOH TIP A . 
D 4 HOH 28  228 228 HOH TIP A . 
D 4 HOH 29  229 229 HOH TIP A . 
D 4 HOH 30  230 230 HOH TIP A . 
D 4 HOH 31  231 231 HOH TIP A . 
D 4 HOH 32  232 232 HOH TIP A . 
D 4 HOH 33  233 233 HOH TIP A . 
D 4 HOH 34  234 234 HOH TIP A . 
D 4 HOH 35  235 235 HOH TIP A . 
D 4 HOH 36  236 236 HOH TIP A . 
D 4 HOH 37  237 237 HOH TIP A . 
D 4 HOH 38  238 238 HOH TIP A . 
D 4 HOH 39  239 239 HOH TIP A . 
D 4 HOH 40  240 240 HOH TIP A . 
D 4 HOH 41  241 241 HOH TIP A . 
D 4 HOH 42  242 242 HOH TIP A . 
D 4 HOH 43  243 243 HOH TIP A . 
D 4 HOH 44  244 244 HOH TIP A . 
D 4 HOH 45  245 245 HOH TIP A . 
D 4 HOH 46  246 246 HOH TIP A . 
D 4 HOH 47  247 247 HOH TIP A . 
D 4 HOH 48  248 248 HOH TIP A . 
D 4 HOH 49  249 249 HOH TIP A . 
D 4 HOH 50  250 250 HOH TIP A . 
D 4 HOH 51  251 251 HOH TIP A . 
D 4 HOH 52  252 252 HOH TIP A . 
D 4 HOH 53  253 253 HOH TIP A . 
D 4 HOH 54  254 254 HOH TIP A . 
D 4 HOH 55  255 255 HOH TIP A . 
D 4 HOH 56  256 256 HOH TIP A . 
D 4 HOH 57  257 257 HOH TIP A . 
D 4 HOH 58  258 258 HOH TIP A . 
D 4 HOH 59  259 259 HOH TIP A . 
D 4 HOH 60  260 260 HOH TIP A . 
D 4 HOH 61  261 261 HOH TIP A . 
D 4 HOH 62  262 262 HOH TIP A . 
D 4 HOH 63  263 263 HOH TIP A . 
D 4 HOH 64  264 264 HOH TIP A . 
D 4 HOH 65  265 265 HOH TIP A . 
D 4 HOH 66  266 266 HOH TIP A . 
D 4 HOH 67  267 267 HOH TIP A . 
D 4 HOH 68  268 268 HOH TIP A . 
D 4 HOH 69  269 269 HOH TIP A . 
D 4 HOH 70  270 270 HOH TIP A . 
D 4 HOH 71  271 271 HOH TIP A . 
D 4 HOH 72  272 272 HOH TIP A . 
D 4 HOH 73  273 273 HOH TIP A . 
D 4 HOH 74  274 274 HOH TIP A . 
D 4 HOH 75  275 275 HOH TIP A . 
D 4 HOH 76  276 276 HOH TIP A . 
D 4 HOH 77  277 277 HOH TIP A . 
D 4 HOH 78  278 278 HOH TIP A . 
D 4 HOH 79  279 279 HOH TIP A . 
D 4 HOH 80  280 280 HOH TIP A . 
D 4 HOH 81  281 281 HOH TIP A . 
D 4 HOH 82  282 282 HOH TIP A . 
D 4 HOH 83  283 283 HOH TIP A . 
D 4 HOH 84  284 284 HOH TIP A . 
D 4 HOH 85  285 285 HOH TIP A . 
D 4 HOH 86  286 286 HOH TIP A . 
D 4 HOH 87  287 287 HOH TIP A . 
D 4 HOH 88  288 288 HOH TIP A . 
D 4 HOH 89  289 289 HOH TIP A . 
D 4 HOH 90  290 290 HOH TIP A . 
D 4 HOH 91  291 291 HOH TIP A . 
D 4 HOH 92  292 292 HOH TIP A . 
D 4 HOH 93  293 293 HOH TIP A . 
D 4 HOH 94  294 294 HOH TIP A . 
D 4 HOH 95  295 295 HOH TIP A . 
D 4 HOH 96  296 296 HOH TIP A . 
D 4 HOH 97  297 297 HOH TIP A . 
D 4 HOH 98  298 298 HOH TIP A . 
D 4 HOH 99  299 299 HOH TIP A . 
D 4 HOH 100 300 300 HOH TIP A . 
D 4 HOH 101 301 301 HOH TIP A . 
D 4 HOH 102 302 302 HOH TIP A . 
D 4 HOH 103 303 303 HOH TIP A . 
D 4 HOH 104 304 304 HOH TIP A . 
D 4 HOH 105 305 305 HOH TIP A . 
D 4 HOH 106 306 306 HOH TIP A . 
D 4 HOH 107 307 307 HOH TIP A . 
D 4 HOH 108 308 308 HOH TIP A . 
D 4 HOH 109 309 309 HOH TIP A . 
D 4 HOH 110 310 310 HOH TIP A . 
D 4 HOH 111 311 311 HOH TIP A . 
D 4 HOH 112 312 312 HOH TIP A . 
D 4 HOH 113 313 313 HOH TIP A . 
D 4 HOH 114 314 314 HOH TIP A . 
D 4 HOH 115 315 315 HOH TIP A . 
D 4 HOH 116 316 316 HOH TIP A . 
D 4 HOH 117 317 317 HOH TIP A . 
D 4 HOH 118 318 318 HOH TIP A . 
D 4 HOH 119 319 319 HOH TIP A . 
D 4 HOH 120 320 320 HOH TIP A . 
D 4 HOH 121 321 321 HOH TIP A . 
D 4 HOH 122 322 322 HOH TIP A . 
D 4 HOH 123 323 323 HOH TIP A . 
D 4 HOH 124 324 324 HOH TIP A . 
D 4 HOH 125 325 325 HOH TIP A . 
D 4 HOH 126 326 326 HOH TIP A . 
D 4 HOH 127 327 327 HOH TIP A . 
D 4 HOH 128 328 328 HOH TIP A . 
D 4 HOH 129 329 329 HOH TIP A . 
D 4 HOH 130 330 330 HOH TIP A . 
D 4 HOH 131 331 331 HOH TIP A . 
D 4 HOH 132 332 332 HOH TIP A . 
D 4 HOH 133 333 333 HOH TIP A . 
D 4 HOH 134 334 334 HOH TIP A . 
D 4 HOH 135 335 335 HOH TIP A . 
D 4 HOH 136 336 336 HOH TIP A . 
D 4 HOH 137 337 337 HOH TIP A . 
D 4 HOH 138 338 338 HOH TIP A . 
D 4 HOH 139 339 339 HOH TIP A . 
D 4 HOH 140 340 340 HOH TIP A . 
D 4 HOH 141 341 341 HOH TIP A . 
D 4 HOH 142 342 342 HOH TIP A . 
D 4 HOH 143 343 343 HOH TIP A . 
D 4 HOH 144 344 344 HOH TIP A . 
D 4 HOH 145 345 345 HOH TIP A . 
D 4 HOH 146 346 346 HOH TIP A . 
D 4 HOH 147 347 347 HOH TIP A . 
D 4 HOH 148 348 348 HOH TIP A . 
D 4 HOH 149 349 349 HOH TIP A . 
D 4 HOH 150 350 350 HOH TIP A . 
D 4 HOH 151 351 351 HOH TIP A . 
D 4 HOH 152 352 352 HOH TIP A . 
D 4 HOH 153 353 353 HOH TIP A . 
D 4 HOH 154 354 354 HOH TIP A . 
D 4 HOH 155 355 355 HOH TIP A . 
D 4 HOH 156 356 356 HOH TIP A . 
D 4 HOH 157 357 357 HOH TIP A . 
D 4 HOH 158 358 358 HOH TIP A . 
D 4 HOH 159 359 359 HOH TIP A . 
D 4 HOH 160 360 360 HOH TIP A . 
D 4 HOH 161 361 361 HOH TIP A . 
D 4 HOH 162 362 362 HOH TIP A . 
D 4 HOH 163 363 363 HOH TIP A . 
D 4 HOH 164 364 364 HOH TIP A . 
D 4 HOH 165 365 365 HOH TIP A . 
D 4 HOH 166 366 366 HOH TIP A . 
D 4 HOH 167 367 367 HOH TIP A . 
D 4 HOH 168 368 368 HOH TIP A . 
D 4 HOH 169 369 369 HOH TIP A . 
D 4 HOH 170 370 370 HOH TIP A . 
D 4 HOH 171 371 371 HOH TIP A . 
D 4 HOH 172 372 372 HOH TIP A . 
D 4 HOH 173 373 373 HOH TIP A . 
D 4 HOH 174 374 374 HOH TIP A . 
D 4 HOH 175 375 375 HOH TIP A . 
D 4 HOH 176 376 376 HOH TIP A . 
D 4 HOH 177 377 377 HOH TIP A . 
D 4 HOH 178 378 378 HOH TIP A . 
D 4 HOH 179 379 379 HOH TIP A . 
D 4 HOH 180 380 380 HOH TIP A . 
D 4 HOH 181 381 381 HOH TIP A . 
D 4 HOH 182 382 382 HOH TIP A . 
D 4 HOH 183 383 383 HOH TIP A . 
D 4 HOH 184 384 384 HOH TIP A . 
D 4 HOH 185 385 385 HOH TIP A . 
D 4 HOH 186 386 386 HOH TIP A . 
D 4 HOH 187 387 387 HOH TIP A . 
D 4 HOH 188 388 388 HOH TIP A . 
D 4 HOH 189 389 389 HOH TIP A . 
D 4 HOH 190 390 390 HOH TIP A . 
D 4 HOH 191 391 391 HOH TIP A . 
D 4 HOH 192 392 392 HOH TIP A . 
D 4 HOH 193 393 393 HOH TIP A . 
D 4 HOH 194 394 394 HOH TIP A . 
D 4 HOH 195 395 395 HOH TIP A . 
D 4 HOH 196 396 396 HOH TIP A . 
D 4 HOH 197 397 397 HOH TIP A . 
D 4 HOH 198 398 398 HOH TIP A . 
D 4 HOH 199 399 399 HOH TIP A . 
D 4 HOH 200 400 400 HOH TIP A . 
D 4 HOH 201 401 401 HOH TIP A . 
D 4 HOH 202 402 402 HOH TIP A . 
D 4 HOH 203 403 403 HOH TIP A . 
D 4 HOH 204 404 404 HOH TIP A . 
D 4 HOH 205 405 405 HOH TIP A . 
D 4 HOH 206 406 406 HOH TIP A . 
D 4 HOH 207 407 407 HOH TIP A . 
D 4 HOH 208 408 408 HOH TIP A . 
D 4 HOH 209 409 409 HOH TIP A . 
D 4 HOH 210 410 410 HOH TIP A . 
D 4 HOH 211 411 411 HOH TIP A . 
D 4 HOH 212 412 412 HOH TIP A . 
D 4 HOH 213 413 413 HOH TIP A . 
D 4 HOH 214 414 414 HOH TIP A . 
D 4 HOH 215 415 415 HOH TIP A . 
D 4 HOH 216 416 416 HOH TIP A . 
D 4 HOH 217 417 417 HOH TIP A . 
D 4 HOH 218 418 418 HOH TIP A . 
D 4 HOH 219 419 419 HOH TIP A . 
D 4 HOH 220 420 420 HOH TIP A . 
D 4 HOH 221 421 421 HOH TIP A . 
D 4 HOH 222 422 422 HOH TIP A . 
D 4 HOH 223 423 423 HOH TIP A . 
D 4 HOH 224 424 424 HOH TIP A . 
D 4 HOH 225 425 425 HOH TIP A . 
D 4 HOH 226 426 426 HOH TIP A . 
D 4 HOH 227 427 427 HOH TIP A . 
D 4 HOH 228 428 428 HOH TIP A . 
D 4 HOH 229 429 429 HOH TIP A . 
D 4 HOH 230 430 430 HOH TIP A . 
D 4 HOH 231 431 431 HOH TIP A . 
D 4 HOH 232 432 432 HOH TIP A . 
D 4 HOH 233 433 433 HOH TIP A . 
D 4 HOH 234 434 434 HOH TIP A . 
# 
loop_
_software.name 
_software.classification 
_software.version 
_software.citation_id 
_software.pdbx_ordinal 
CNS       refinement       1.1 ? 1 
DENZO     'data reduction' .   ? 2 
SCALEPACK 'data scaling'   .   ? 3 
AMoRE     phasing          .   ? 4 
# 
_cell.entry_id           1UJC 
_cell.length_a           39.126 
_cell.length_b           47.737 
_cell.length_c           81.963 
_cell.angle_alpha        90.00 
_cell.angle_beta         90.00 
_cell.angle_gamma        90.00 
_cell.Z_PDB              4 
_cell.pdbx_unique_axis   ? 
# 
_symmetry.entry_id                         1UJC 
_symmetry.space_group_name_H-M             'P 21 21 21' 
_symmetry.pdbx_full_space_group_name_H-M   ? 
_symmetry.cell_setting                     ? 
_symmetry.Int_Tables_number                19 
_symmetry.space_group_name_Hall            ? 
# 
_exptl.entry_id          1UJC 
_exptl.method            'X-RAY DIFFRACTION' 
_exptl.crystals_number   1 
# 
_exptl_crystal.id                    1 
_exptl_crystal.density_meas          ? 
_exptl_crystal.density_Matthews      1.95 
_exptl_crystal.density_percent_sol   36.29 
_exptl_crystal.description           ? 
_exptl_crystal.F_000                 ? 
_exptl_crystal.preparation           ? 
# 
_exptl_crystal_grow.crystal_id      1 
_exptl_crystal_grow.method          'VAPOR DIFFUSION, HANGING DROP' 
_exptl_crystal_grow.temp            283 
_exptl_crystal_grow.temp_details    ? 
_exptl_crystal_grow.pH              6.6 
_exptl_crystal_grow.pdbx_details    'PEG6000, CaCl2, MES, WO4Na2, pH 6.6, VAPOR DIFFUSION, HANGING DROP, temperature 283K' 
_exptl_crystal_grow.pdbx_pH_range   . 
# 
_diffrn.id                     1 
_diffrn.ambient_temp           100 
_diffrn.ambient_temp_details   ? 
_diffrn.crystal_id             1 
# 
_diffrn_detector.diffrn_id              1 
_diffrn_detector.detector               'IMAGE PLATE' 
_diffrn_detector.type                   'RIGAKU RAXIS IV' 
_diffrn_detector.pdbx_collection_date   ? 
_diffrn_detector.details                ? 
# 
_diffrn_radiation.diffrn_id                        1 
_diffrn_radiation.wavelength_id                    1 
_diffrn_radiation.pdbx_monochromatic_or_laue_m_l   M 
_diffrn_radiation.monochromator                    ? 
_diffrn_radiation.pdbx_diffrn_protocol             'SINGLE WAVELENGTH' 
_diffrn_radiation.pdbx_scattering_type             x-ray 
# 
_diffrn_radiation_wavelength.id           1 
_diffrn_radiation_wavelength.wavelength   1.5418 
_diffrn_radiation_wavelength.wt           1.0 
# 
_diffrn_source.diffrn_id                   1 
_diffrn_source.source                      'ROTATING ANODE' 
_diffrn_source.type                        'RIGAKU RU300' 
_diffrn_source.pdbx_synchrotron_site       ? 
_diffrn_source.pdbx_synchrotron_beamline   ? 
_diffrn_source.pdbx_wavelength             ? 
_diffrn_source.pdbx_wavelength_list        1.5418 
# 
_reflns.entry_id                     1UJC 
_reflns.observed_criterion_sigma_I   ? 
_reflns.observed_criterion_sigma_F   ? 
_reflns.d_resolution_low             50 
_reflns.d_resolution_high            1.9 
_reflns.number_obs                   12302 
_reflns.number_all                   ? 
_reflns.percent_possible_obs         97.0 
_reflns.pdbx_Rmerge_I_obs            ? 
_reflns.pdbx_Rsym_value              ? 
_reflns.pdbx_netI_over_sigmaI        ? 
_reflns.B_iso_Wilson_estimate        13.0 
_reflns.pdbx_redundancy              ? 
_reflns.R_free_details               ? 
_reflns.limit_h_max                  ? 
_reflns.limit_h_min                  ? 
_reflns.limit_k_max                  ? 
_reflns.limit_k_min                  ? 
_reflns.limit_l_max                  ? 
_reflns.limit_l_min                  ? 
_reflns.observed_criterion_F_max     ? 
_reflns.observed_criterion_F_min     ? 
_reflns.pdbx_chi_squared             ? 
_reflns.pdbx_scaling_rejects         ? 
_reflns.pdbx_diffrn_id               1 
_reflns.pdbx_ordinal                 1 
# 
_reflns_shell.d_res_high             1.9 
_reflns_shell.d_res_low              1.97 
_reflns_shell.percent_possible_all   77.4 
_reflns_shell.Rmerge_I_obs           ? 
_reflns_shell.pdbx_Rsym_value        ? 
_reflns_shell.meanI_over_sigI_obs    ? 
_reflns_shell.pdbx_redundancy        ? 
_reflns_shell.percent_possible_obs   ? 
_reflns_shell.number_unique_all      ? 
_reflns_shell.number_measured_all    ? 
_reflns_shell.number_measured_obs    ? 
_reflns_shell.number_unique_obs      ? 
_reflns_shell.pdbx_chi_squared       ? 
_reflns_shell.pdbx_diffrn_id         ? 
_reflns_shell.pdbx_ordinal           1 
# 
_refine.entry_id                                 1UJC 
_refine.ls_number_reflns_obs                     11829 
_refine.ls_number_reflns_all                     ? 
_refine.pdbx_ls_sigma_I                          ? 
_refine.pdbx_ls_sigma_F                          0.0 
_refine.pdbx_data_cutoff_high_absF               1087869.03 
_refine.pdbx_data_cutoff_low_absF                0.000000 
_refine.pdbx_data_cutoff_high_rms_absF           ? 
_refine.ls_d_res_low                             41.25 
_refine.ls_d_res_high                            1.90 
_refine.ls_percent_reflns_obs                    93.5 
_refine.ls_R_factor_obs                          0.199 
_refine.ls_R_factor_all                          ? 
_refine.ls_R_factor_R_work                       0.199 
_refine.ls_R_factor_R_free                       0.256 
_refine.ls_R_factor_R_free_error                 0.007 
_refine.ls_R_factor_R_free_error_details         ? 
_refine.ls_percent_reflns_R_free                 10.3 
_refine.ls_number_reflns_R_free                  1218 
_refine.ls_number_parameters                     ? 
_refine.ls_number_restraints                     ? 
_refine.occupancy_min                            ? 
_refine.occupancy_max                            ? 
_refine.correlation_coeff_Fo_to_Fc               ? 
_refine.correlation_coeff_Fo_to_Fc_free          ? 
_refine.B_iso_mean                               17.6 
_refine.aniso_B[1][1]                            -0.41 
_refine.aniso_B[2][2]                            -2.09 
_refine.aniso_B[3][3]                            2.50 
_refine.aniso_B[1][2]                            0.00 
_refine.aniso_B[1][3]                            0.00 
_refine.aniso_B[2][3]                            0.00 
_refine.solvent_model_details                    'FLAT MODEL' 
_refine.solvent_model_param_ksol                 0.300434 
_refine.solvent_model_param_bsol                 36.5416 
_refine.pdbx_solvent_vdw_probe_radii             ? 
_refine.pdbx_solvent_ion_probe_radii             ? 
_refine.pdbx_solvent_shrinkage_radii             ? 
_refine.pdbx_ls_cross_valid_method               THROUGHOUT 
_refine.details                                  ? 
_refine.pdbx_starting_model                      ? 
_refine.pdbx_method_to_determine_struct          MIR 
_refine.pdbx_isotropic_thermal_model             RESTRAINED 
_refine.pdbx_stereochemistry_target_values       ? 
_refine.pdbx_stereochem_target_val_spec_case     ? 
_refine.pdbx_R_Free_selection_details            RANDOM 
_refine.pdbx_overall_ESU_R                       ? 
_refine.pdbx_overall_ESU_R_Free                  ? 
_refine.overall_SU_ML                            ? 
_refine.overall_SU_B                             ? 
_refine.ls_redundancy_reflns_obs                 ? 
_refine.B_iso_min                                ? 
_refine.B_iso_max                                ? 
_refine.overall_SU_R_Cruickshank_DPI             ? 
_refine.overall_SU_R_free                        ? 
_refine.ls_wR_factor_R_free                      ? 
_refine.ls_wR_factor_R_work                      ? 
_refine.overall_FOM_free_R_set                   ? 
_refine.overall_FOM_work_R_set                   ? 
_refine.pdbx_refine_id                           'X-RAY DIFFRACTION' 
_refine.pdbx_diffrn_id                           1 
_refine.pdbx_TLS_residual_ADP_flag               ? 
_refine.pdbx_overall_phase_error                 ? 
_refine.pdbx_overall_SU_R_free_Cruickshank_DPI   ? 
_refine.pdbx_overall_SU_R_Blow_DPI               ? 
_refine.pdbx_overall_SU_R_free_Blow_DPI          ? 
# 
_refine_analyze.entry_id                        1UJC 
_refine_analyze.Luzzati_coordinate_error_obs    0.21 
_refine_analyze.Luzzati_sigma_a_obs             0.12 
_refine_analyze.Luzzati_d_res_low_obs           5.00 
_refine_analyze.Luzzati_coordinate_error_free   0.29 
_refine_analyze.Luzzati_sigma_a_free            0.16 
_refine_analyze.Luzzati_d_res_low_free          ? 
_refine_analyze.number_disordered_residues      ? 
_refine_analyze.occupancy_sum_hydrogen          ? 
_refine_analyze.occupancy_sum_non_hydrogen      ? 
_refine_analyze.pdbx_Luzzati_d_res_high_obs     ? 
_refine_analyze.pdbx_refine_id                  'X-RAY DIFFRACTION' 
# 
_refine_hist.pdbx_refine_id                   'X-RAY DIFFRACTION' 
_refine_hist.cycle_id                         LAST 
_refine_hist.pdbx_number_atoms_protein        1165 
_refine_hist.pdbx_number_atoms_nucleic_acid   0 
_refine_hist.pdbx_number_atoms_ligand         6 
_refine_hist.number_atoms_solvent             234 
_refine_hist.number_atoms_total               1405 
_refine_hist.d_res_high                       1.90 
_refine_hist.d_res_low                        41.25 
# 
loop_
_refine_ls_restr.type 
_refine_ls_restr.dev_ideal 
_refine_ls_restr.dev_ideal_target 
_refine_ls_restr.weight 
_refine_ls_restr.number 
_refine_ls_restr.pdbx_refine_id 
_refine_ls_restr.pdbx_restraint_function 
c_bond_d                0.005 ?    ? ? 'X-RAY DIFFRACTION' ? 
c_bond_d_na             ?     ?    ? ? 'X-RAY DIFFRACTION' ? 
c_bond_d_prot           ?     ?    ? ? 'X-RAY DIFFRACTION' ? 
c_angle_d               ?     ?    ? ? 'X-RAY DIFFRACTION' ? 
c_angle_d_na            ?     ?    ? ? 'X-RAY DIFFRACTION' ? 
c_angle_d_prot          ?     ?    ? ? 'X-RAY DIFFRACTION' ? 
c_angle_deg             1.4   ?    ? ? 'X-RAY DIFFRACTION' ? 
c_angle_deg_na          ?     ?    ? ? 'X-RAY DIFFRACTION' ? 
c_angle_deg_prot        ?     ?    ? ? 'X-RAY DIFFRACTION' ? 
c_dihedral_angle_d      23.9  ?    ? ? 'X-RAY DIFFRACTION' ? 
c_dihedral_angle_d_na   ?     ?    ? ? 'X-RAY DIFFRACTION' ? 
c_dihedral_angle_d_prot ?     ?    ? ? 'X-RAY DIFFRACTION' ? 
c_improper_angle_d      0.85  ?    ? ? 'X-RAY DIFFRACTION' ? 
c_improper_angle_d_na   ?     ?    ? ? 'X-RAY DIFFRACTION' ? 
c_improper_angle_d_prot ?     ?    ? ? 'X-RAY DIFFRACTION' ? 
c_mcbond_it             1.07  1.50 ? ? 'X-RAY DIFFRACTION' ? 
c_mcangle_it            1.51  2.00 ? ? 'X-RAY DIFFRACTION' ? 
c_scbond_it             14.35 2.00 ? ? 'X-RAY DIFFRACTION' ? 
c_scangle_it            12.59 2.50 ? ? 'X-RAY DIFFRACTION' ? 
# 
_refine_ls_shell.pdbx_total_number_of_bins_used   6 
_refine_ls_shell.d_res_high                       1.90 
_refine_ls_shell.d_res_low                        2.02 
_refine_ls_shell.number_reflns_R_work             1394 
_refine_ls_shell.R_factor_R_work                  0.234 
_refine_ls_shell.percent_reflns_obs               74.9 
_refine_ls_shell.R_factor_R_free                  0.305 
_refine_ls_shell.R_factor_R_free_error            0.025 
_refine_ls_shell.percent_reflns_R_free            9.6 
_refine_ls_shell.number_reflns_R_free             148 
_refine_ls_shell.number_reflns_obs                ? 
_refine_ls_shell.redundancy_reflns_obs            ? 
_refine_ls_shell.number_reflns_all                ? 
_refine_ls_shell.pdbx_refine_id                   'X-RAY DIFFRACTION' 
_refine_ls_shell.R_factor_all                     ? 
# 
loop_
_pdbx_xplor_file.serial_no 
_pdbx_xplor_file.param_file 
_pdbx_xplor_file.topol_file 
_pdbx_xplor_file.pdbx_refine_id 
1 PROTEIN_REP.PARAM PROTEIN.TOP 'X-RAY DIFFRACTION' 
2 WATER_REP.PARAM   WATER.TOP   'X-RAY DIFFRACTION' 
3 ION.PARAM         ION.TOP     'X-RAY DIFFRACTION' 
# 
_struct.entry_id                  1UJC 
_struct.title                     'Structure of the protein histidine phosphatase SixA complexed with tungstate' 
_struct.pdbx_model_details        ? 
_struct.pdbx_CASP_flag            ? 
_struct.pdbx_model_type_details   ? 
# 
_struct_keywords.entry_id        1UJC 
_struct_keywords.pdbx_keywords   HYDROLASE 
_struct_keywords.text            'alpha-beta fold, HYDROLASE' 
# 
loop_
_struct_asym.id 
_struct_asym.pdbx_blank_PDB_chainid_flag 
_struct_asym.pdbx_modified 
_struct_asym.entity_id 
_struct_asym.details 
A N N 1 ? 
B N N 2 ? 
C N N 3 ? 
D N N 4 ? 
# 
_struct_ref.id                         1 
_struct_ref.db_name                    UNP 
_struct_ref.db_code                    SIXA_ECOLI 
_struct_ref.entity_id                  1 
_struct_ref.pdbx_seq_one_letter_code   
;MQVFIMRHGDAALDAASDSVRPLTTNGCDESRLMANWLKGQKVEIERVLVSPFLRAEQTLEEVGDCLNLPSSAEVLPELT
PCGDVGLVSAYLQALTNEGVASVLVISHLPLVGYLVAELCPGETPPMFTTSAIASVTLDESGNGTFNWQMSPCNLKMAKA
I
;
_struct_ref.pdbx_align_begin           1 
_struct_ref.pdbx_db_accession          P76502 
_struct_ref.pdbx_db_isoform            ? 
# 
_struct_ref_seq.align_id                      1 
_struct_ref_seq.ref_id                        1 
_struct_ref_seq.pdbx_PDB_id_code              1UJC 
_struct_ref_seq.pdbx_strand_id                A 
_struct_ref_seq.seq_align_beg                 1 
_struct_ref_seq.pdbx_seq_align_beg_ins_code   ? 
_struct_ref_seq.seq_align_end                 161 
_struct_ref_seq.pdbx_seq_align_end_ins_code   ? 
_struct_ref_seq.pdbx_db_accession             P76502 
_struct_ref_seq.db_align_beg                  1 
_struct_ref_seq.pdbx_db_align_beg_ins_code    ? 
_struct_ref_seq.db_align_end                  161 
_struct_ref_seq.pdbx_db_align_end_ins_code    ? 
_struct_ref_seq.pdbx_auth_seq_align_beg       1 
_struct_ref_seq.pdbx_auth_seq_align_end       161 
# 
_pdbx_struct_assembly.id                   1 
_pdbx_struct_assembly.details              author_defined_assembly 
_pdbx_struct_assembly.method_details       ? 
_pdbx_struct_assembly.oligomeric_details   monomeric 
_pdbx_struct_assembly.oligomeric_count     1 
# 
_pdbx_struct_assembly_gen.assembly_id       1 
_pdbx_struct_assembly_gen.oper_expression   1 
_pdbx_struct_assembly_gen.asym_id_list      A,B,C,D 
# 
_pdbx_struct_oper_list.id                   1 
_pdbx_struct_oper_list.type                 'identity operation' 
_pdbx_struct_oper_list.name                 1_555 
_pdbx_struct_oper_list.symmetry_operation   x,y,z 
_pdbx_struct_oper_list.matrix[1][1]         1.0000000000 
_pdbx_struct_oper_list.matrix[1][2]         0.0000000000 
_pdbx_struct_oper_list.matrix[1][3]         0.0000000000 
_pdbx_struct_oper_list.vector[1]            0.0000000000 
_pdbx_struct_oper_list.matrix[2][1]         0.0000000000 
_pdbx_struct_oper_list.matrix[2][2]         1.0000000000 
_pdbx_struct_oper_list.matrix[2][3]         0.0000000000 
_pdbx_struct_oper_list.vector[2]            0.0000000000 
_pdbx_struct_oper_list.matrix[3][1]         0.0000000000 
_pdbx_struct_oper_list.matrix[3][2]         0.0000000000 
_pdbx_struct_oper_list.matrix[3][3]         1.0000000000 
_pdbx_struct_oper_list.vector[3]            0.0000000000 
# 
_struct_biol.id                    1 
_struct_biol.pdbx_parent_biol_id   ? 
_struct_biol.details               ? 
# 
loop_
_struct_conf.conf_type_id 
_struct_conf.id 
_struct_conf.pdbx_PDB_helix_id 
_struct_conf.beg_label_comp_id 
_struct_conf.beg_label_asym_id 
_struct_conf.beg_label_seq_id 
_struct_conf.pdbx_beg_PDB_ins_code 
_struct_conf.end_label_comp_id 
_struct_conf.end_label_asym_id 
_struct_conf.end_label_seq_id 
_struct_conf.pdbx_end_PDB_ins_code 
_struct_conf.beg_auth_comp_id 
_struct_conf.beg_auth_asym_id 
_struct_conf.beg_auth_seq_id 
_struct_conf.end_auth_comp_id 
_struct_conf.end_auth_asym_id 
_struct_conf.end_auth_seq_id 
_struct_conf.pdbx_PDB_helix_class 
_struct_conf.details 
_struct_conf.pdbx_PDB_helix_length 
HELX_P HELX_P1 1 SER A 17  ? ARG A 21  ? SER A 17  ARG A 21  5 ? 5  
HELX_P HELX_P2 2 THR A 24  ? GLN A 41  ? THR A 24  GLN A 41  1 ? 18 
HELX_P HELX_P3 3 PHE A 53  ? LEU A 67  ? PHE A 53  LEU A 67  1 ? 15 
HELX_P HELX_P4 4 PRO A 77  ? THR A 80  ? PRO A 77  THR A 80  5 ? 4  
HELX_P HELX_P5 5 ASP A 84  ? GLY A 99  ? ASP A 84  GLY A 99  1 ? 16 
HELX_P HELX_P6 6 PRO A 110 ? CYS A 120 ? PRO A 110 CYS A 120 1 ? 11 
HELX_P HELX_P7 7 SER A 151 ? LEU A 155 ? SER A 151 LEU A 155 5 ? 5  
# 
_struct_conf_type.id          HELX_P 
_struct_conf_type.criteria    ? 
_struct_conf_type.reference   ? 
# 
loop_
_struct_conn.id 
_struct_conn.conn_type_id 
_struct_conn.pdbx_leaving_atom_flag 
_struct_conn.pdbx_PDB_id 
_struct_conn.ptnr1_label_asym_id 
_struct_conn.ptnr1_label_comp_id 
_struct_conn.ptnr1_label_seq_id 
_struct_conn.ptnr1_label_atom_id 
_struct_conn.pdbx_ptnr1_label_alt_id 
_struct_conn.pdbx_ptnr1_PDB_ins_code 
_struct_conn.pdbx_ptnr1_standard_comp_id 
_struct_conn.ptnr1_symmetry 
_struct_conn.ptnr2_label_asym_id 
_struct_conn.ptnr2_label_comp_id 
_struct_conn.ptnr2_label_seq_id 
_struct_conn.ptnr2_label_atom_id 
_struct_conn.pdbx_ptnr2_label_alt_id 
_struct_conn.pdbx_ptnr2_PDB_ins_code 
_struct_conn.ptnr1_auth_asym_id 
_struct_conn.ptnr1_auth_comp_id 
_struct_conn.ptnr1_auth_seq_id 
_struct_conn.ptnr2_auth_asym_id 
_struct_conn.ptnr2_auth_comp_id 
_struct_conn.ptnr2_auth_seq_id 
_struct_conn.ptnr2_symmetry 
_struct_conn.pdbx_ptnr3_label_atom_id 
_struct_conn.pdbx_ptnr3_label_seq_id 
_struct_conn.pdbx_ptnr3_label_comp_id 
_struct_conn.pdbx_ptnr3_label_asym_id 
_struct_conn.pdbx_ptnr3_label_alt_id 
_struct_conn.pdbx_ptnr3_PDB_ins_code 
_struct_conn.details 
_struct_conn.pdbx_dist_value 
_struct_conn.pdbx_value_order 
_struct_conn.pdbx_role 
metalc1 metalc ? ? A HIS 8  NE2 ? ? ? 1_555 C WO4 . W  ? ? A HIS 8   A WO4 163 1_555 ? ? ? ? ? ? ? 2.482 ? ? 
metalc2 metalc ? ? A ASP 65 O   ? ? ? 1_555 B CA  . CA ? ? A ASP 65  A CA  162 1_555 ? ? ? ? ? ? ? 2.609 ? ? 
metalc3 metalc ? ? A GLY 99 O   ? ? ? 3_545 B CA  . CA ? ? A GLY 99  A CA  162 1_555 ? ? ? ? ? ? ? 2.672 ? ? 
metalc4 metalc ? ? B CA  .  CA  ? ? ? 1_555 D HOH . O  ? ? A CA  162 A HOH 297 1_555 ? ? ? ? ? ? ? 2.766 ? ? 
metalc5 metalc ? ? B CA  .  CA  ? ? ? 1_555 D HOH . O  ? ? A CA  162 A HOH 401 1_555 ? ? ? ? ? ? ? 2.842 ? ? 
metalc6 metalc ? ? B CA  .  CA  ? ? ? 1_555 D HOH . O  ? ? A CA  162 A HOH 402 1_555 ? ? ? ? ? ? ? 2.818 ? ? 
metalc7 metalc ? ? B CA  .  CA  ? ? ? 1_555 D HOH . O  ? ? A CA  162 A HOH 403 1_555 ? ? ? ? ? ? ? 2.795 ? ? 
metalc8 metalc ? ? B CA  .  CA  ? ? ? 1_555 D HOH . O  ? ? A CA  162 A HOH 404 1_555 ? ? ? ? ? ? ? 2.801 ? ? 
# 
_struct_conn_type.id          metalc 
_struct_conn_type.criteria    ? 
_struct_conn_type.reference   ? 
# 
loop_
_pdbx_struct_conn_angle.id 
_pdbx_struct_conn_angle.ptnr1_label_atom_id 
_pdbx_struct_conn_angle.ptnr1_label_alt_id 
_pdbx_struct_conn_angle.ptnr1_label_asym_id 
_pdbx_struct_conn_angle.ptnr1_label_comp_id 
_pdbx_struct_conn_angle.ptnr1_label_seq_id 
_pdbx_struct_conn_angle.ptnr1_auth_atom_id 
_pdbx_struct_conn_angle.ptnr1_auth_asym_id 
_pdbx_struct_conn_angle.ptnr1_auth_comp_id 
_pdbx_struct_conn_angle.ptnr1_auth_seq_id 
_pdbx_struct_conn_angle.ptnr1_PDB_ins_code 
_pdbx_struct_conn_angle.ptnr1_symmetry 
_pdbx_struct_conn_angle.ptnr2_label_atom_id 
_pdbx_struct_conn_angle.ptnr2_label_alt_id 
_pdbx_struct_conn_angle.ptnr2_label_asym_id 
_pdbx_struct_conn_angle.ptnr2_label_comp_id 
_pdbx_struct_conn_angle.ptnr2_label_seq_id 
_pdbx_struct_conn_angle.ptnr2_auth_atom_id 
_pdbx_struct_conn_angle.ptnr2_auth_asym_id 
_pdbx_struct_conn_angle.ptnr2_auth_comp_id 
_pdbx_struct_conn_angle.ptnr2_auth_seq_id 
_pdbx_struct_conn_angle.ptnr2_PDB_ins_code 
_pdbx_struct_conn_angle.ptnr2_symmetry 
_pdbx_struct_conn_angle.ptnr3_label_atom_id 
_pdbx_struct_conn_angle.ptnr3_label_alt_id 
_pdbx_struct_conn_angle.ptnr3_label_asym_id 
_pdbx_struct_conn_angle.ptnr3_label_comp_id 
_pdbx_struct_conn_angle.ptnr3_label_seq_id 
_pdbx_struct_conn_angle.ptnr3_auth_atom_id 
_pdbx_struct_conn_angle.ptnr3_auth_asym_id 
_pdbx_struct_conn_angle.ptnr3_auth_comp_id 
_pdbx_struct_conn_angle.ptnr3_auth_seq_id 
_pdbx_struct_conn_angle.ptnr3_PDB_ins_code 
_pdbx_struct_conn_angle.ptnr3_symmetry 
_pdbx_struct_conn_angle.value 
_pdbx_struct_conn_angle.value_esd 
1  NE2 ? A HIS 8  ? A HIS 8   ? 1_555 W  ? C WO4 . ? A WO4 163 ? 1_555 O1 ? C WO4 .  ? A WO4 163 ? 1_555 80.6  ? 
2  NE2 ? A HIS 8  ? A HIS 8   ? 1_555 W  ? C WO4 . ? A WO4 163 ? 1_555 O2 ? C WO4 .  ? A WO4 163 ? 1_555 69.5  ? 
3  O1  ? C WO4 .  ? A WO4 163 ? 1_555 W  ? C WO4 . ? A WO4 163 ? 1_555 O2 ? C WO4 .  ? A WO4 163 ? 1_555 109.9 ? 
4  NE2 ? A HIS 8  ? A HIS 8   ? 1_555 W  ? C WO4 . ? A WO4 163 ? 1_555 O3 ? C WO4 .  ? A WO4 163 ? 1_555 68.8  ? 
5  O1  ? C WO4 .  ? A WO4 163 ? 1_555 W  ? C WO4 . ? A WO4 163 ? 1_555 O3 ? C WO4 .  ? A WO4 163 ? 1_555 111.3 ? 
6  O2  ? C WO4 .  ? A WO4 163 ? 1_555 W  ? C WO4 . ? A WO4 163 ? 1_555 O3 ? C WO4 .  ? A WO4 163 ? 1_555 113.7 ? 
7  NE2 ? A HIS 8  ? A HIS 8   ? 1_555 W  ? C WO4 . ? A WO4 163 ? 1_555 O4 ? C WO4 .  ? A WO4 163 ? 1_555 170.9 ? 
8  O1  ? C WO4 .  ? A WO4 163 ? 1_555 W  ? C WO4 . ? A WO4 163 ? 1_555 O4 ? C WO4 .  ? A WO4 163 ? 1_555 108.5 ? 
9  O2  ? C WO4 .  ? A WO4 163 ? 1_555 W  ? C WO4 . ? A WO4 163 ? 1_555 O4 ? C WO4 .  ? A WO4 163 ? 1_555 106.6 ? 
10 O3  ? C WO4 .  ? A WO4 163 ? 1_555 W  ? C WO4 . ? A WO4 163 ? 1_555 O4 ? C WO4 .  ? A WO4 163 ? 1_555 106.7 ? 
11 O   ? A ASP 65 ? A ASP 65  ? 1_555 CA ? B CA  . ? A CA  162 ? 1_555 O  ? A GLY 99 ? A GLY 99  ? 3_545 137.3 ? 
12 O   ? A ASP 65 ? A ASP 65  ? 1_555 CA ? B CA  . ? A CA  162 ? 1_555 O  ? D HOH .  ? A HOH 297 ? 1_555 75.2  ? 
13 O   ? A GLY 99 ? A GLY 99  ? 3_545 CA ? B CA  . ? A CA  162 ? 1_555 O  ? D HOH .  ? A HOH 297 ? 1_555 147.3 ? 
14 O   ? A ASP 65 ? A ASP 65  ? 1_555 CA ? B CA  . ? A CA  162 ? 1_555 O  ? D HOH .  ? A HOH 401 ? 1_555 73.8  ? 
15 O   ? A GLY 99 ? A GLY 99  ? 3_545 CA ? B CA  . ? A CA  162 ? 1_555 O  ? D HOH .  ? A HOH 401 ? 1_555 63.7  ? 
16 O   ? D HOH .  ? A HOH 297 ? 1_555 CA ? B CA  . ? A CA  162 ? 1_555 O  ? D HOH .  ? A HOH 401 ? 1_555 147.3 ? 
17 O   ? A ASP 65 ? A ASP 65  ? 1_555 CA ? B CA  . ? A CA  162 ? 1_555 O  ? D HOH .  ? A HOH 402 ? 1_555 77.2  ? 
18 O   ? A GLY 99 ? A GLY 99  ? 3_545 CA ? B CA  . ? A CA  162 ? 1_555 O  ? D HOH .  ? A HOH 402 ? 1_555 91.6  ? 
19 O   ? D HOH .  ? A HOH 297 ? 1_555 CA ? B CA  . ? A CA  162 ? 1_555 O  ? D HOH .  ? A HOH 402 ? 1_555 101.5 ? 
20 O   ? D HOH .  ? A HOH 401 ? 1_555 CA ? B CA  . ? A CA  162 ? 1_555 O  ? D HOH .  ? A HOH 402 ? 1_555 81.7  ? 
21 O   ? A ASP 65 ? A ASP 65  ? 1_555 CA ? B CA  . ? A CA  162 ? 1_555 O  ? D HOH .  ? A HOH 403 ? 1_555 82.8  ? 
22 O   ? A GLY 99 ? A GLY 99  ? 3_545 CA ? B CA  . ? A CA  162 ? 1_555 O  ? D HOH .  ? A HOH 403 ? 1_555 100.4 ? 
23 O   ? D HOH .  ? A HOH 297 ? 1_555 CA ? B CA  . ? A CA  162 ? 1_555 O  ? D HOH .  ? A HOH 403 ? 1_555 77.0  ? 
24 O   ? D HOH .  ? A HOH 401 ? 1_555 CA ? B CA  . ? A CA  162 ? 1_555 O  ? D HOH .  ? A HOH 403 ? 1_555 88.8  ? 
25 O   ? D HOH .  ? A HOH 402 ? 1_555 CA ? B CA  . ? A CA  162 ? 1_555 O  ? D HOH .  ? A HOH 403 ? 1_555 159.6 ? 
26 O   ? A ASP 65 ? A ASP 65  ? 1_555 CA ? B CA  . ? A CA  162 ? 1_555 O  ? D HOH .  ? A HOH 404 ? 1_555 129.7 ? 
27 O   ? A GLY 99 ? A GLY 99  ? 3_545 CA ? B CA  . ? A CA  162 ? 1_555 O  ? D HOH .  ? A HOH 404 ? 1_555 89.2  ? 
28 O   ? D HOH .  ? A HOH 297 ? 1_555 CA ? B CA  . ? A CA  162 ? 1_555 O  ? D HOH .  ? A HOH 404 ? 1_555 59.4  ? 
29 O   ? D HOH .  ? A HOH 401 ? 1_555 CA ? B CA  . ? A CA  162 ? 1_555 O  ? D HOH .  ? A HOH 404 ? 1_555 140.7 ? 
30 O   ? D HOH .  ? A HOH 402 ? 1_555 CA ? B CA  . ? A CA  162 ? 1_555 O  ? D HOH .  ? A HOH 404 ? 1_555 129.5 ? 
31 O   ? D HOH .  ? A HOH 403 ? 1_555 CA ? B CA  . ? A CA  162 ? 1_555 O  ? D HOH .  ? A HOH 404 ? 1_555 67.6  ? 
# 
_struct_mon_prot_cis.pdbx_id                1 
_struct_mon_prot_cis.label_comp_id          LEU 
_struct_mon_prot_cis.label_seq_id           109 
_struct_mon_prot_cis.label_asym_id          A 
_struct_mon_prot_cis.label_alt_id           . 
_struct_mon_prot_cis.pdbx_PDB_ins_code      ? 
_struct_mon_prot_cis.auth_comp_id           LEU 
_struct_mon_prot_cis.auth_seq_id            109 
_struct_mon_prot_cis.auth_asym_id           A 
_struct_mon_prot_cis.pdbx_label_comp_id_2   PRO 
_struct_mon_prot_cis.pdbx_label_seq_id_2    110 
_struct_mon_prot_cis.pdbx_label_asym_id_2   A 
_struct_mon_prot_cis.pdbx_PDB_ins_code_2    ? 
_struct_mon_prot_cis.pdbx_auth_comp_id_2    PRO 
_struct_mon_prot_cis.pdbx_auth_seq_id_2     110 
_struct_mon_prot_cis.pdbx_auth_asym_id_2    A 
_struct_mon_prot_cis.pdbx_PDB_model_num     1 
_struct_mon_prot_cis.pdbx_omega_angle       -0.03 
# 
_struct_sheet.id               A 
_struct_sheet.type             ? 
_struct_sheet.number_strands   6 
_struct_sheet.details          ? 
# 
loop_
_struct_sheet_order.sheet_id 
_struct_sheet_order.range_id_1 
_struct_sheet_order.range_id_2 
_struct_sheet_order.offset 
_struct_sheet_order.sense 
A 1 2 ? parallel      
A 2 3 ? parallel      
A 3 4 ? parallel      
A 4 5 ? anti-parallel 
A 5 6 ? anti-parallel 
# 
loop_
_struct_sheet_range.sheet_id 
_struct_sheet_range.id 
_struct_sheet_range.beg_label_comp_id 
_struct_sheet_range.beg_label_asym_id 
_struct_sheet_range.beg_label_seq_id 
_struct_sheet_range.pdbx_beg_PDB_ins_code 
_struct_sheet_range.end_label_comp_id 
_struct_sheet_range.end_label_asym_id 
_struct_sheet_range.end_label_seq_id 
_struct_sheet_range.pdbx_end_PDB_ins_code 
_struct_sheet_range.beg_auth_comp_id 
_struct_sheet_range.beg_auth_asym_id 
_struct_sheet_range.beg_auth_seq_id 
_struct_sheet_range.end_auth_comp_id 
_struct_sheet_range.end_auth_asym_id 
_struct_sheet_range.end_auth_seq_id 
A 1 GLU A 74  ? VAL A 75  ? GLU A 74  VAL A 75  
A 2 ARG A 47  ? VAL A 50  ? ARG A 47  VAL A 50  
A 3 SER A 102 ? SER A 107 ? SER A 102 SER A 107 
A 4 GLN A 2   ? ARG A 7   ? GLN A 2   ARG A 7   
A 5 ILE A 133 ? LEU A 138 ? ILE A 133 LEU A 138 
A 6 GLY A 144 ? MET A 150 ? GLY A 144 MET A 150 
# 
loop_
_pdbx_struct_sheet_hbond.sheet_id 
_pdbx_struct_sheet_hbond.range_id_1 
_pdbx_struct_sheet_hbond.range_id_2 
_pdbx_struct_sheet_hbond.range_1_label_atom_id 
_pdbx_struct_sheet_hbond.range_1_label_comp_id 
_pdbx_struct_sheet_hbond.range_1_label_asym_id 
_pdbx_struct_sheet_hbond.range_1_label_seq_id 
_pdbx_struct_sheet_hbond.range_1_PDB_ins_code 
_pdbx_struct_sheet_hbond.range_1_auth_atom_id 
_pdbx_struct_sheet_hbond.range_1_auth_comp_id 
_pdbx_struct_sheet_hbond.range_1_auth_asym_id 
_pdbx_struct_sheet_hbond.range_1_auth_seq_id 
_pdbx_struct_sheet_hbond.range_2_label_atom_id 
_pdbx_struct_sheet_hbond.range_2_label_comp_id 
_pdbx_struct_sheet_hbond.range_2_label_asym_id 
_pdbx_struct_sheet_hbond.range_2_label_seq_id 
_pdbx_struct_sheet_hbond.range_2_PDB_ins_code 
_pdbx_struct_sheet_hbond.range_2_auth_atom_id 
_pdbx_struct_sheet_hbond.range_2_auth_comp_id 
_pdbx_struct_sheet_hbond.range_2_auth_asym_id 
_pdbx_struct_sheet_hbond.range_2_auth_seq_id 
A 1 2 O GLU A 74  ? O GLU A 74  N VAL A 50  ? N VAL A 50  
A 2 3 N LEU A 49  ? N LEU A 49  O LEU A 104 ? O LEU A 104 
A 3 4 O VAL A 105 ? O VAL A 105 N MET A 6   ? N MET A 6   
A 4 5 N VAL A 3   ? N VAL A 3   O VAL A 136 ? O VAL A 136 
A 5 6 N ILE A 133 ? N ILE A 133 O MET A 150 ? O MET A 150 
# 
loop_
_struct_site.id 
_struct_site.pdbx_evidence_code 
_struct_site.pdbx_auth_asym_id 
_struct_site.pdbx_auth_comp_id 
_struct_site.pdbx_auth_seq_id 
_struct_site.pdbx_auth_ins_code 
_struct_site.pdbx_num_residues 
_struct_site.details 
AC1 Software A CA  162 ? 7 'BINDING SITE FOR RESIDUE CA A 162'  
AC2 Software A WO4 163 ? 7 'BINDING SITE FOR RESIDUE WO4 A 163' 
# 
loop_
_struct_site_gen.id 
_struct_site_gen.site_id 
_struct_site_gen.pdbx_num_res 
_struct_site_gen.label_comp_id 
_struct_site_gen.label_asym_id 
_struct_site_gen.label_seq_id 
_struct_site_gen.pdbx_auth_ins_code 
_struct_site_gen.auth_comp_id 
_struct_site_gen.auth_asym_id 
_struct_site_gen.auth_seq_id 
_struct_site_gen.label_atom_id 
_struct_site_gen.label_alt_id 
_struct_site_gen.symmetry 
_struct_site_gen.details 
1  AC1 7 ASP A 65  ? ASP A 65  . ? 1_555 ? 
2  AC1 7 GLY A 99  ? GLY A 99  . ? 3_545 ? 
3  AC1 7 HOH D .   ? HOH A 297 . ? 1_555 ? 
4  AC1 7 HOH D .   ? HOH A 401 . ? 1_555 ? 
5  AC1 7 HOH D .   ? HOH A 402 . ? 1_555 ? 
6  AC1 7 HOH D .   ? HOH A 403 . ? 1_555 ? 
7  AC1 7 HOH D .   ? HOH A 404 . ? 1_555 ? 
8  AC2 7 ARG A 7   ? ARG A 7   . ? 1_555 ? 
9  AC2 7 HIS A 8   ? HIS A 8   . ? 1_555 ? 
10 AC2 7 ARG A 55  ? ARG A 55  . ? 1_555 ? 
11 AC2 7 HIS A 108 ? HIS A 108 . ? 1_555 ? 
12 AC2 7 LEU A 109 ? LEU A 109 . ? 1_555 ? 
13 AC2 7 HOH D .   ? HOH A 273 . ? 1_555 ? 
14 AC2 7 HOH D .   ? HOH A 288 . ? 1_555 ? 
# 
loop_
_pdbx_validate_torsion.id 
_pdbx_validate_torsion.PDB_model_num 
_pdbx_validate_torsion.auth_comp_id 
_pdbx_validate_torsion.auth_asym_id 
_pdbx_validate_torsion.auth_seq_id 
_pdbx_validate_torsion.PDB_ins_code 
_pdbx_validate_torsion.label_alt_id 
_pdbx_validate_torsion.phi 
_pdbx_validate_torsion.psi 
1 1 SER A 107 ? ? -144.76 -147.45 
2 1 SER A 131 ? ? 71.68   -2.93   
# 
loop_
_pdbx_unobs_or_zero_occ_residues.id 
_pdbx_unobs_or_zero_occ_residues.PDB_model_num 
_pdbx_unobs_or_zero_occ_residues.polymer_flag 
_pdbx_unobs_or_zero_occ_residues.occupancy_flag 
_pdbx_unobs_or_zero_occ_residues.auth_asym_id 
_pdbx_unobs_or_zero_occ_residues.auth_comp_id 
_pdbx_unobs_or_zero_occ_residues.auth_seq_id 
_pdbx_unobs_or_zero_occ_residues.PDB_ins_code 
_pdbx_unobs_or_zero_occ_residues.label_asym_id 
_pdbx_unobs_or_zero_occ_residues.label_comp_id 
_pdbx_unobs_or_zero_occ_residues.label_seq_id 
1 1 Y 1 A MET 157 ? A MET 157 
2 1 Y 1 A ALA 158 ? A ALA 158 
3 1 Y 1 A LYS 159 ? A LYS 159 
4 1 Y 1 A ALA 160 ? A ALA 160 
5 1 Y 1 A ILE 161 ? A ILE 161 
# 
loop_
_chem_comp_atom.comp_id 
_chem_comp_atom.atom_id 
_chem_comp_atom.type_symbol 
_chem_comp_atom.pdbx_aromatic_flag 
_chem_comp_atom.pdbx_stereo_config 
_chem_comp_atom.pdbx_ordinal 
ALA N    N  N N 1   
ALA CA   C  N S 2   
ALA C    C  N N 3   
ALA O    O  N N 4   
ALA CB   C  N N 5   
ALA OXT  O  N N 6   
ALA H    H  N N 7   
ALA H2   H  N N 8   
ALA HA   H  N N 9   
ALA HB1  H  N N 10  
ALA HB2  H  N N 11  
ALA HB3  H  N N 12  
ALA HXT  H  N N 13  
ARG N    N  N N 14  
ARG CA   C  N S 15  
ARG C    C  N N 16  
ARG O    O  N N 17  
ARG CB   C  N N 18  
ARG CG   C  N N 19  
ARG CD   C  N N 20  
ARG NE   N  N N 21  
ARG CZ   C  N N 22  
ARG NH1  N  N N 23  
ARG NH2  N  N N 24  
ARG OXT  O  N N 25  
ARG H    H  N N 26  
ARG H2   H  N N 27  
ARG HA   H  N N 28  
ARG HB2  H  N N 29  
ARG HB3  H  N N 30  
ARG HG2  H  N N 31  
ARG HG3  H  N N 32  
ARG HD2  H  N N 33  
ARG HD3  H  N N 34  
ARG HE   H  N N 35  
ARG HH11 H  N N 36  
ARG HH12 H  N N 37  
ARG HH21 H  N N 38  
ARG HH22 H  N N 39  
ARG HXT  H  N N 40  
ASN N    N  N N 41  
ASN CA   C  N S 42  
ASN C    C  N N 43  
ASN O    O  N N 44  
ASN CB   C  N N 45  
ASN CG   C  N N 46  
ASN OD1  O  N N 47  
ASN ND2  N  N N 48  
ASN OXT  O  N N 49  
ASN H    H  N N 50  
ASN H2   H  N N 51  
ASN HA   H  N N 52  
ASN HB2  H  N N 53  
ASN HB3  H  N N 54  
ASN HD21 H  N N 55  
ASN HD22 H  N N 56  
ASN HXT  H  N N 57  
ASP N    N  N N 58  
ASP CA   C  N S 59  
ASP C    C  N N 60  
ASP O    O  N N 61  
ASP CB   C  N N 62  
ASP CG   C  N N 63  
ASP OD1  O  N N 64  
ASP OD2  O  N N 65  
ASP OXT  O  N N 66  
ASP H    H  N N 67  
ASP H2   H  N N 68  
ASP HA   H  N N 69  
ASP HB2  H  N N 70  
ASP HB3  H  N N 71  
ASP HD2  H  N N 72  
ASP HXT  H  N N 73  
CA  CA   CA N N 74  
CYS N    N  N N 75  
CYS CA   C  N R 76  
CYS C    C  N N 77  
CYS O    O  N N 78  
CYS CB   C  N N 79  
CYS SG   S  N N 80  
CYS OXT  O  N N 81  
CYS H    H  N N 82  
CYS H2   H  N N 83  
CYS HA   H  N N 84  
CYS HB2  H  N N 85  
CYS HB3  H  N N 86  
CYS HG   H  N N 87  
CYS HXT  H  N N 88  
GLN N    N  N N 89  
GLN CA   C  N S 90  
GLN C    C  N N 91  
GLN O    O  N N 92  
GLN CB   C  N N 93  
GLN CG   C  N N 94  
GLN CD   C  N N 95  
GLN OE1  O  N N 96  
GLN NE2  N  N N 97  
GLN OXT  O  N N 98  
GLN H    H  N N 99  
GLN H2   H  N N 100 
GLN HA   H  N N 101 
GLN HB2  H  N N 102 
GLN HB3  H  N N 103 
GLN HG2  H  N N 104 
GLN HG3  H  N N 105 
GLN HE21 H  N N 106 
GLN HE22 H  N N 107 
GLN HXT  H  N N 108 
GLU N    N  N N 109 
GLU CA   C  N S 110 
GLU C    C  N N 111 
GLU O    O  N N 112 
GLU CB   C  N N 113 
GLU CG   C  N N 114 
GLU CD   C  N N 115 
GLU OE1  O  N N 116 
GLU OE2  O  N N 117 
GLU OXT  O  N N 118 
GLU H    H  N N 119 
GLU H2   H  N N 120 
GLU HA   H  N N 121 
GLU HB2  H  N N 122 
GLU HB3  H  N N 123 
GLU HG2  H  N N 124 
GLU HG3  H  N N 125 
GLU HE2  H  N N 126 
GLU HXT  H  N N 127 
GLY N    N  N N 128 
GLY CA   C  N N 129 
GLY C    C  N N 130 
GLY O    O  N N 131 
GLY OXT  O  N N 132 
GLY H    H  N N 133 
GLY H2   H  N N 134 
GLY HA2  H  N N 135 
GLY HA3  H  N N 136 
GLY HXT  H  N N 137 
HIS N    N  N N 138 
HIS CA   C  N S 139 
HIS C    C  N N 140 
HIS O    O  N N 141 
HIS CB   C  N N 142 
HIS CG   C  Y N 143 
HIS ND1  N  Y N 144 
HIS CD2  C  Y N 145 
HIS CE1  C  Y N 146 
HIS NE2  N  Y N 147 
HIS OXT  O  N N 148 
HIS H    H  N N 149 
HIS H2   H  N N 150 
HIS HA   H  N N 151 
HIS HB2  H  N N 152 
HIS HB3  H  N N 153 
HIS HD1  H  N N 154 
HIS HD2  H  N N 155 
HIS HE1  H  N N 156 
HIS HE2  H  N N 157 
HIS HXT  H  N N 158 
HOH O    O  N N 159 
HOH H1   H  N N 160 
HOH H2   H  N N 161 
ILE N    N  N N 162 
ILE CA   C  N S 163 
ILE C    C  N N 164 
ILE O    O  N N 165 
ILE CB   C  N S 166 
ILE CG1  C  N N 167 
ILE CG2  C  N N 168 
ILE CD1  C  N N 169 
ILE OXT  O  N N 170 
ILE H    H  N N 171 
ILE H2   H  N N 172 
ILE HA   H  N N 173 
ILE HB   H  N N 174 
ILE HG12 H  N N 175 
ILE HG13 H  N N 176 
ILE HG21 H  N N 177 
ILE HG22 H  N N 178 
ILE HG23 H  N N 179 
ILE HD11 H  N N 180 
ILE HD12 H  N N 181 
ILE HD13 H  N N 182 
ILE HXT  H  N N 183 
LEU N    N  N N 184 
LEU CA   C  N S 185 
LEU C    C  N N 186 
LEU O    O  N N 187 
LEU CB   C  N N 188 
LEU CG   C  N N 189 
LEU CD1  C  N N 190 
LEU CD2  C  N N 191 
LEU OXT  O  N N 192 
LEU H    H  N N 193 
LEU H2   H  N N 194 
LEU HA   H  N N 195 
LEU HB2  H  N N 196 
LEU HB3  H  N N 197 
LEU HG   H  N N 198 
LEU HD11 H  N N 199 
LEU HD12 H  N N 200 
LEU HD13 H  N N 201 
LEU HD21 H  N N 202 
LEU HD22 H  N N 203 
LEU HD23 H  N N 204 
LEU HXT  H  N N 205 
LYS N    N  N N 206 
LYS CA   C  N S 207 
LYS C    C  N N 208 
LYS O    O  N N 209 
LYS CB   C  N N 210 
LYS CG   C  N N 211 
LYS CD   C  N N 212 
LYS CE   C  N N 213 
LYS NZ   N  N N 214 
LYS OXT  O  N N 215 
LYS H    H  N N 216 
LYS H2   H  N N 217 
LYS HA   H  N N 218 
LYS HB2  H  N N 219 
LYS HB3  H  N N 220 
LYS HG2  H  N N 221 
LYS HG3  H  N N 222 
LYS HD2  H  N N 223 
LYS HD3  H  N N 224 
LYS HE2  H  N N 225 
LYS HE3  H  N N 226 
LYS HZ1  H  N N 227 
LYS HZ2  H  N N 228 
LYS HZ3  H  N N 229 
LYS HXT  H  N N 230 
MET N    N  N N 231 
MET CA   C  N S 232 
MET C    C  N N 233 
MET O    O  N N 234 
MET CB   C  N N 235 
MET CG   C  N N 236 
MET SD   S  N N 237 
MET CE   C  N N 238 
MET OXT  O  N N 239 
MET H    H  N N 240 
MET H2   H  N N 241 
MET HA   H  N N 242 
MET HB2  H  N N 243 
MET HB3  H  N N 244 
MET HG2  H  N N 245 
MET HG3  H  N N 246 
MET HE1  H  N N 247 
MET HE2  H  N N 248 
MET HE3  H  N N 249 
MET HXT  H  N N 250 
PHE N    N  N N 251 
PHE CA   C  N S 252 
PHE C    C  N N 253 
PHE O    O  N N 254 
PHE CB   C  N N 255 
PHE CG   C  Y N 256 
PHE CD1  C  Y N 257 
PHE CD2  C  Y N 258 
PHE CE1  C  Y N 259 
PHE CE2  C  Y N 260 
PHE CZ   C  Y N 261 
PHE OXT  O  N N 262 
PHE H    H  N N 263 
PHE H2   H  N N 264 
PHE HA   H  N N 265 
PHE HB2  H  N N 266 
PHE HB3  H  N N 267 
PHE HD1  H  N N 268 
PHE HD2  H  N N 269 
PHE HE1  H  N N 270 
PHE HE2  H  N N 271 
PHE HZ   H  N N 272 
PHE HXT  H  N N 273 
PRO N    N  N N 274 
PRO CA   C  N S 275 
PRO C    C  N N 276 
PRO O    O  N N 277 
PRO CB   C  N N 278 
PRO CG   C  N N 279 
PRO CD   C  N N 280 
PRO OXT  O  N N 281 
PRO H    H  N N 282 
PRO HA   H  N N 283 
PRO HB2  H  N N 284 
PRO HB3  H  N N 285 
PRO HG2  H  N N 286 
PRO HG3  H  N N 287 
PRO HD2  H  N N 288 
PRO HD3  H  N N 289 
PRO HXT  H  N N 290 
SER N    N  N N 291 
SER CA   C  N S 292 
SER C    C  N N 293 
SER O    O  N N 294 
SER CB   C  N N 295 
SER OG   O  N N 296 
SER OXT  O  N N 297 
SER H    H  N N 298 
SER H2   H  N N 299 
SER HA   H  N N 300 
SER HB2  H  N N 301 
SER HB3  H  N N 302 
SER HG   H  N N 303 
SER HXT  H  N N 304 
THR N    N  N N 305 
THR CA   C  N S 306 
THR C    C  N N 307 
THR O    O  N N 308 
THR CB   C  N R 309 
THR OG1  O  N N 310 
THR CG2  C  N N 311 
THR OXT  O  N N 312 
THR H    H  N N 313 
THR H2   H  N N 314 
THR HA   H  N N 315 
THR HB   H  N N 316 
THR HG1  H  N N 317 
THR HG21 H  N N 318 
THR HG22 H  N N 319 
THR HG23 H  N N 320 
THR HXT  H  N N 321 
TRP N    N  N N 322 
TRP CA   C  N S 323 
TRP C    C  N N 324 
TRP O    O  N N 325 
TRP CB   C  N N 326 
TRP CG   C  Y N 327 
TRP CD1  C  Y N 328 
TRP CD2  C  Y N 329 
TRP NE1  N  Y N 330 
TRP CE2  C  Y N 331 
TRP CE3  C  Y N 332 
TRP CZ2  C  Y N 333 
TRP CZ3  C  Y N 334 
TRP CH2  C  Y N 335 
TRP OXT  O  N N 336 
TRP H    H  N N 337 
TRP H2   H  N N 338 
TRP HA   H  N N 339 
TRP HB2  H  N N 340 
TRP HB3  H  N N 341 
TRP HD1  H  N N 342 
TRP HE1  H  N N 343 
TRP HE3  H  N N 344 
TRP HZ2  H  N N 345 
TRP HZ3  H  N N 346 
TRP HH2  H  N N 347 
TRP HXT  H  N N 348 
TYR N    N  N N 349 
TYR CA   C  N S 350 
TYR C    C  N N 351 
TYR O    O  N N 352 
TYR CB   C  N N 353 
TYR CG   C  Y N 354 
TYR CD1  C  Y N 355 
TYR CD2  C  Y N 356 
TYR CE1  C  Y N 357 
TYR CE2  C  Y N 358 
TYR CZ   C  Y N 359 
TYR OH   O  N N 360 
TYR OXT  O  N N 361 
TYR H    H  N N 362 
TYR H2   H  N N 363 
TYR HA   H  N N 364 
TYR HB2  H  N N 365 
TYR HB3  H  N N 366 
TYR HD1  H  N N 367 
TYR HD2  H  N N 368 
TYR HE1  H  N N 369 
TYR HE2  H  N N 370 
TYR HH   H  N N 371 
TYR HXT  H  N N 372 
VAL N    N  N N 373 
VAL CA   C  N S 374 
VAL C    C  N N 375 
VAL O    O  N N 376 
VAL CB   C  N N 377 
VAL CG1  C  N N 378 
VAL CG2  C  N N 379 
VAL OXT  O  N N 380 
VAL H    H  N N 381 
VAL H2   H  N N 382 
VAL HA   H  N N 383 
VAL HB   H  N N 384 
VAL HG11 H  N N 385 
VAL HG12 H  N N 386 
VAL HG13 H  N N 387 
VAL HG21 H  N N 388 
VAL HG22 H  N N 389 
VAL HG23 H  N N 390 
VAL HXT  H  N N 391 
WO4 W    W  N N 392 
WO4 O1   O  N N 393 
WO4 O2   O  N N 394 
WO4 O3   O  N N 395 
WO4 O4   O  N N 396 
# 
loop_
_chem_comp_bond.comp_id 
_chem_comp_bond.atom_id_1 
_chem_comp_bond.atom_id_2 
_chem_comp_bond.value_order 
_chem_comp_bond.pdbx_aromatic_flag 
_chem_comp_bond.pdbx_stereo_config 
_chem_comp_bond.pdbx_ordinal 
ALA N   CA   sing N N 1   
ALA N   H    sing N N 2   
ALA N   H2   sing N N 3   
ALA CA  C    sing N N 4   
ALA CA  CB   sing N N 5   
ALA CA  HA   sing N N 6   
ALA C   O    doub N N 7   
ALA C   OXT  sing N N 8   
ALA CB  HB1  sing N N 9   
ALA CB  HB2  sing N N 10  
ALA CB  HB3  sing N N 11  
ALA OXT HXT  sing N N 12  
ARG N   CA   sing N N 13  
ARG N   H    sing N N 14  
ARG N   H2   sing N N 15  
ARG CA  C    sing N N 16  
ARG CA  CB   sing N N 17  
ARG CA  HA   sing N N 18  
ARG C   O    doub N N 19  
ARG C   OXT  sing N N 20  
ARG CB  CG   sing N N 21  
ARG CB  HB2  sing N N 22  
ARG CB  HB3  sing N N 23  
ARG CG  CD   sing N N 24  
ARG CG  HG2  sing N N 25  
ARG CG  HG3  sing N N 26  
ARG CD  NE   sing N N 27  
ARG CD  HD2  sing N N 28  
ARG CD  HD3  sing N N 29  
ARG NE  CZ   sing N N 30  
ARG NE  HE   sing N N 31  
ARG CZ  NH1  sing N N 32  
ARG CZ  NH2  doub N N 33  
ARG NH1 HH11 sing N N 34  
ARG NH1 HH12 sing N N 35  
ARG NH2 HH21 sing N N 36  
ARG NH2 HH22 sing N N 37  
ARG OXT HXT  sing N N 38  
ASN N   CA   sing N N 39  
ASN N   H    sing N N 40  
ASN N   H2   sing N N 41  
ASN CA  C    sing N N 42  
ASN CA  CB   sing N N 43  
ASN CA  HA   sing N N 44  
ASN C   O    doub N N 45  
ASN C   OXT  sing N N 46  
ASN CB  CG   sing N N 47  
ASN CB  HB2  sing N N 48  
ASN CB  HB3  sing N N 49  
ASN CG  OD1  doub N N 50  
ASN CG  ND2  sing N N 51  
ASN ND2 HD21 sing N N 52  
ASN ND2 HD22 sing N N 53  
ASN OXT HXT  sing N N 54  
ASP N   CA   sing N N 55  
ASP N   H    sing N N 56  
ASP N   H2   sing N N 57  
ASP CA  C    sing N N 58  
ASP CA  CB   sing N N 59  
ASP CA  HA   sing N N 60  
ASP C   O    doub N N 61  
ASP C   OXT  sing N N 62  
ASP CB  CG   sing N N 63  
ASP CB  HB2  sing N N 64  
ASP CB  HB3  sing N N 65  
ASP CG  OD1  doub N N 66  
ASP CG  OD2  sing N N 67  
ASP OD2 HD2  sing N N 68  
ASP OXT HXT  sing N N 69  
CYS N   CA   sing N N 70  
CYS N   H    sing N N 71  
CYS N   H2   sing N N 72  
CYS CA  C    sing N N 73  
CYS CA  CB   sing N N 74  
CYS CA  HA   sing N N 75  
CYS C   O    doub N N 76  
CYS C   OXT  sing N N 77  
CYS CB  SG   sing N N 78  
CYS CB  HB2  sing N N 79  
CYS CB  HB3  sing N N 80  
CYS SG  HG   sing N N 81  
CYS OXT HXT  sing N N 82  
GLN N   CA   sing N N 83  
GLN N   H    sing N N 84  
GLN N   H2   sing N N 85  
GLN CA  C    sing N N 86  
GLN CA  CB   sing N N 87  
GLN CA  HA   sing N N 88  
GLN C   O    doub N N 89  
GLN C   OXT  sing N N 90  
GLN CB  CG   sing N N 91  
GLN CB  HB2  sing N N 92  
GLN CB  HB3  sing N N 93  
GLN CG  CD   sing N N 94  
GLN CG  HG2  sing N N 95  
GLN CG  HG3  sing N N 96  
GLN CD  OE1  doub N N 97  
GLN CD  NE2  sing N N 98  
GLN NE2 HE21 sing N N 99  
GLN NE2 HE22 sing N N 100 
GLN OXT HXT  sing N N 101 
GLU N   CA   sing N N 102 
GLU N   H    sing N N 103 
GLU N   H2   sing N N 104 
GLU CA  C    sing N N 105 
GLU CA  CB   sing N N 106 
GLU CA  HA   sing N N 107 
GLU C   O    doub N N 108 
GLU C   OXT  sing N N 109 
GLU CB  CG   sing N N 110 
GLU CB  HB2  sing N N 111 
GLU CB  HB3  sing N N 112 
GLU CG  CD   sing N N 113 
GLU CG  HG2  sing N N 114 
GLU CG  HG3  sing N N 115 
GLU CD  OE1  doub N N 116 
GLU CD  OE2  sing N N 117 
GLU OE2 HE2  sing N N 118 
GLU OXT HXT  sing N N 119 
GLY N   CA   sing N N 120 
GLY N   H    sing N N 121 
GLY N   H2   sing N N 122 
GLY CA  C    sing N N 123 
GLY CA  HA2  sing N N 124 
GLY CA  HA3  sing N N 125 
GLY C   O    doub N N 126 
GLY C   OXT  sing N N 127 
GLY OXT HXT  sing N N 128 
HIS N   CA   sing N N 129 
HIS N   H    sing N N 130 
HIS N   H2   sing N N 131 
HIS CA  C    sing N N 132 
HIS CA  CB   sing N N 133 
HIS CA  HA   sing N N 134 
HIS C   O    doub N N 135 
HIS C   OXT  sing N N 136 
HIS CB  CG   sing N N 137 
HIS CB  HB2  sing N N 138 
HIS CB  HB3  sing N N 139 
HIS CG  ND1  sing Y N 140 
HIS CG  CD2  doub Y N 141 
HIS ND1 CE1  doub Y N 142 
HIS ND1 HD1  sing N N 143 
HIS CD2 NE2  sing Y N 144 
HIS CD2 HD2  sing N N 145 
HIS CE1 NE2  sing Y N 146 
HIS CE1 HE1  sing N N 147 
HIS NE2 HE2  sing N N 148 
HIS OXT HXT  sing N N 149 
HOH O   H1   sing N N 150 
HOH O   H2   sing N N 151 
ILE N   CA   sing N N 152 
ILE N   H    sing N N 153 
ILE N   H2   sing N N 154 
ILE CA  C    sing N N 155 
ILE CA  CB   sing N N 156 
ILE CA  HA   sing N N 157 
ILE C   O    doub N N 158 
ILE C   OXT  sing N N 159 
ILE CB  CG1  sing N N 160 
ILE CB  CG2  sing N N 161 
ILE CB  HB   sing N N 162 
ILE CG1 CD1  sing N N 163 
ILE CG1 HG12 sing N N 164 
ILE CG1 HG13 sing N N 165 
ILE CG2 HG21 sing N N 166 
ILE CG2 HG22 sing N N 167 
ILE CG2 HG23 sing N N 168 
ILE CD1 HD11 sing N N 169 
ILE CD1 HD12 sing N N 170 
ILE CD1 HD13 sing N N 171 
ILE OXT HXT  sing N N 172 
LEU N   CA   sing N N 173 
LEU N   H    sing N N 174 
LEU N   H2   sing N N 175 
LEU CA  C    sing N N 176 
LEU CA  CB   sing N N 177 
LEU CA  HA   sing N N 178 
LEU C   O    doub N N 179 
LEU C   OXT  sing N N 180 
LEU CB  CG   sing N N 181 
LEU CB  HB2  sing N N 182 
LEU CB  HB3  sing N N 183 
LEU CG  CD1  sing N N 184 
LEU CG  CD2  sing N N 185 
LEU CG  HG   sing N N 186 
LEU CD1 HD11 sing N N 187 
LEU CD1 HD12 sing N N 188 
LEU CD1 HD13 sing N N 189 
LEU CD2 HD21 sing N N 190 
LEU CD2 HD22 sing N N 191 
LEU CD2 HD23 sing N N 192 
LEU OXT HXT  sing N N 193 
LYS N   CA   sing N N 194 
LYS N   H    sing N N 195 
LYS N   H2   sing N N 196 
LYS CA  C    sing N N 197 
LYS CA  CB   sing N N 198 
LYS CA  HA   sing N N 199 
LYS C   O    doub N N 200 
LYS C   OXT  sing N N 201 
LYS CB  CG   sing N N 202 
LYS CB  HB2  sing N N 203 
LYS CB  HB3  sing N N 204 
LYS CG  CD   sing N N 205 
LYS CG  HG2  sing N N 206 
LYS CG  HG3  sing N N 207 
LYS CD  CE   sing N N 208 
LYS CD  HD2  sing N N 209 
LYS CD  HD3  sing N N 210 
LYS CE  NZ   sing N N 211 
LYS CE  HE2  sing N N 212 
LYS CE  HE3  sing N N 213 
LYS NZ  HZ1  sing N N 214 
LYS NZ  HZ2  sing N N 215 
LYS NZ  HZ3  sing N N 216 
LYS OXT HXT  sing N N 217 
MET N   CA   sing N N 218 
MET N   H    sing N N 219 
MET N   H2   sing N N 220 
MET CA  C    sing N N 221 
MET CA  CB   sing N N 222 
MET CA  HA   sing N N 223 
MET C   O    doub N N 224 
MET C   OXT  sing N N 225 
MET CB  CG   sing N N 226 
MET CB  HB2  sing N N 227 
MET CB  HB3  sing N N 228 
MET CG  SD   sing N N 229 
MET CG  HG2  sing N N 230 
MET CG  HG3  sing N N 231 
MET SD  CE   sing N N 232 
MET CE  HE1  sing N N 233 
MET CE  HE2  sing N N 234 
MET CE  HE3  sing N N 235 
MET OXT HXT  sing N N 236 
PHE N   CA   sing N N 237 
PHE N   H    sing N N 238 
PHE N   H2   sing N N 239 
PHE CA  C    sing N N 240 
PHE CA  CB   sing N N 241 
PHE CA  HA   sing N N 242 
PHE C   O    doub N N 243 
PHE C   OXT  sing N N 244 
PHE CB  CG   sing N N 245 
PHE CB  HB2  sing N N 246 
PHE CB  HB3  sing N N 247 
PHE CG  CD1  doub Y N 248 
PHE CG  CD2  sing Y N 249 
PHE CD1 CE1  sing Y N 250 
PHE CD1 HD1  sing N N 251 
PHE CD2 CE2  doub Y N 252 
PHE CD2 HD2  sing N N 253 
PHE CE1 CZ   doub Y N 254 
PHE CE1 HE1  sing N N 255 
PHE CE2 CZ   sing Y N 256 
PHE CE2 HE2  sing N N 257 
PHE CZ  HZ   sing N N 258 
PHE OXT HXT  sing N N 259 
PRO N   CA   sing N N 260 
PRO N   CD   sing N N 261 
PRO N   H    sing N N 262 
PRO CA  C    sing N N 263 
PRO CA  CB   sing N N 264 
PRO CA  HA   sing N N 265 
PRO C   O    doub N N 266 
PRO C   OXT  sing N N 267 
PRO CB  CG   sing N N 268 
PRO CB  HB2  sing N N 269 
PRO CB  HB3  sing N N 270 
PRO CG  CD   sing N N 271 
PRO CG  HG2  sing N N 272 
PRO CG  HG3  sing N N 273 
PRO CD  HD2  sing N N 274 
PRO CD  HD3  sing N N 275 
PRO OXT HXT  sing N N 276 
SER N   CA   sing N N 277 
SER N   H    sing N N 278 
SER N   H2   sing N N 279 
SER CA  C    sing N N 280 
SER CA  CB   sing N N 281 
SER CA  HA   sing N N 282 
SER C   O    doub N N 283 
SER C   OXT  sing N N 284 
SER CB  OG   sing N N 285 
SER CB  HB2  sing N N 286 
SER CB  HB3  sing N N 287 
SER OG  HG   sing N N 288 
SER OXT HXT  sing N N 289 
THR N   CA   sing N N 290 
THR N   H    sing N N 291 
THR N   H2   sing N N 292 
THR CA  C    sing N N 293 
THR CA  CB   sing N N 294 
THR CA  HA   sing N N 295 
THR C   O    doub N N 296 
THR C   OXT  sing N N 297 
THR CB  OG1  sing N N 298 
THR CB  CG2  sing N N 299 
THR CB  HB   sing N N 300 
THR OG1 HG1  sing N N 301 
THR CG2 HG21 sing N N 302 
THR CG2 HG22 sing N N 303 
THR CG2 HG23 sing N N 304 
THR OXT HXT  sing N N 305 
TRP N   CA   sing N N 306 
TRP N   H    sing N N 307 
TRP N   H2   sing N N 308 
TRP CA  C    sing N N 309 
TRP CA  CB   sing N N 310 
TRP CA  HA   sing N N 311 
TRP C   O    doub N N 312 
TRP C   OXT  sing N N 313 
TRP CB  CG   sing N N 314 
TRP CB  HB2  sing N N 315 
TRP CB  HB3  sing N N 316 
TRP CG  CD1  doub Y N 317 
TRP CG  CD2  sing Y N 318 
TRP CD1 NE1  sing Y N 319 
TRP CD1 HD1  sing N N 320 
TRP CD2 CE2  doub Y N 321 
TRP CD2 CE3  sing Y N 322 
TRP NE1 CE2  sing Y N 323 
TRP NE1 HE1  sing N N 324 
TRP CE2 CZ2  sing Y N 325 
TRP CE3 CZ3  doub Y N 326 
TRP CE3 HE3  sing N N 327 
TRP CZ2 CH2  doub Y N 328 
TRP CZ2 HZ2  sing N N 329 
TRP CZ3 CH2  sing Y N 330 
TRP CZ3 HZ3  sing N N 331 
TRP CH2 HH2  sing N N 332 
TRP OXT HXT  sing N N 333 
TYR N   CA   sing N N 334 
TYR N   H    sing N N 335 
TYR N   H2   sing N N 336 
TYR CA  C    sing N N 337 
TYR CA  CB   sing N N 338 
TYR CA  HA   sing N N 339 
TYR C   O    doub N N 340 
TYR C   OXT  sing N N 341 
TYR CB  CG   sing N N 342 
TYR CB  HB2  sing N N 343 
TYR CB  HB3  sing N N 344 
TYR CG  CD1  doub Y N 345 
TYR CG  CD2  sing Y N 346 
TYR CD1 CE1  sing Y N 347 
TYR CD1 HD1  sing N N 348 
TYR CD2 CE2  doub Y N 349 
TYR CD2 HD2  sing N N 350 
TYR CE1 CZ   doub Y N 351 
TYR CE1 HE1  sing N N 352 
TYR CE2 CZ   sing Y N 353 
TYR CE2 HE2  sing N N 354 
TYR CZ  OH   sing N N 355 
TYR OH  HH   sing N N 356 
TYR OXT HXT  sing N N 357 
VAL N   CA   sing N N 358 
VAL N   H    sing N N 359 
VAL N   H2   sing N N 360 
VAL CA  C    sing N N 361 
VAL CA  CB   sing N N 362 
VAL CA  HA   sing N N 363 
VAL C   O    doub N N 364 
VAL C   OXT  sing N N 365 
VAL CB  CG1  sing N N 366 
VAL CB  CG2  sing N N 367 
VAL CB  HB   sing N N 368 
VAL CG1 HG11 sing N N 369 
VAL CG1 HG12 sing N N 370 
VAL CG1 HG13 sing N N 371 
VAL CG2 HG21 sing N N 372 
VAL CG2 HG22 sing N N 373 
VAL CG2 HG23 sing N N 374 
VAL OXT HXT  sing N N 375 
WO4 W   O1   doub N N 376 
WO4 W   O2   doub N N 377 
WO4 W   O3   sing N N 378 
WO4 W   O4   sing N N 379 
# 
_atom_sites.entry_id                    1UJC 
_atom_sites.fract_transf_matrix[1][1]   -0.00727743 
_atom_sites.fract_transf_matrix[1][2]   -0.01564697 
_atom_sites.fract_transf_matrix[1][3]   0.01885266 
_atom_sites.fract_transf_matrix[2][1]   -0.01496950 
_atom_sites.fract_transf_matrix[2][2]   -0.00790460 
_atom_sites.fract_transf_matrix[2][3]   -0.01233897 
_atom_sites.fract_transf_matrix[3][1]   0.00779590 
_atom_sites.fract_transf_matrix[3][2]   -0.00847777 
_atom_sites.fract_transf_matrix[3][3]   -0.00402687 
_atom_sites.fract_transf_vector[1]      0.303255 
_atom_sites.fract_transf_vector[2]      0.071319 
_atom_sites.fract_transf_vector[3]      0.363247 
# 
loop_
_atom_type.symbol 
C  
CA 
N  
O  
S  
W  
# 
loop_
_atom_site.group_PDB 
_atom_site.id 
_atom_site.type_symbol 
_atom_site.label_atom_id 
_atom_site.label_alt_id 
_atom_site.label_comp_id 
_atom_site.label_asym_id 
_atom_site.label_entity_id 
_atom_site.label_seq_id 
_atom_site.pdbx_PDB_ins_code 
_atom_site.Cartn_x 
_atom_site.Cartn_y 
_atom_site.Cartn_z 
_atom_site.occupancy 
_atom_site.B_iso_or_equiv 
_atom_site.pdbx_formal_charge 
_atom_site.auth_seq_id 
_atom_site.auth_comp_id 
_atom_site.auth_asym_id 
_atom_site.auth_atom_id 
_atom_site.pdbx_PDB_model_num 
ATOM   1    N  N   . MET A 1 1   ? -11.679 0.328   -10.490 1.00 9.19  ? 1   MET A N   1 
ATOM   2    C  CA  . MET A 1 1   ? -10.880 1.188   -9.573  1.00 11.80 ? 1   MET A CA  1 
ATOM   3    C  C   . MET A 1 1   ? -9.461  0.668   -9.432  1.00 11.93 ? 1   MET A C   1 
ATOM   4    O  O   . MET A 1 1   ? -9.246  -0.520  -9.201  1.00 14.81 ? 1   MET A O   1 
ATOM   5    C  CB  . MET A 1 1   ? -11.541 1.251   -8.192  1.00 11.49 ? 1   MET A CB  1 
ATOM   6    C  CG  . MET A 1 1   ? -10.781 2.093   -7.171  1.00 11.23 ? 1   MET A CG  1 
ATOM   7    S  SD  . MET A 1 1   ? -11.638 2.259   -5.574  1.00 11.51 ? 1   MET A SD  1 
ATOM   8    C  CE  . MET A 1 1   ? -11.153 0.705   -4.744  1.00 8.79  ? 1   MET A CE  1 
ATOM   9    N  N   . GLN A 1 2   ? -8.492  1.564   -9.577  1.00 12.87 ? 2   GLN A N   1 
ATOM   10   C  CA  . GLN A 1 2   ? -7.088  1.198   -9.461  1.00 13.71 ? 2   GLN A CA  1 
ATOM   11   C  C   . GLN A 1 2   ? -6.677  1.157   -7.997  1.00 13.68 ? 2   GLN A C   1 
ATOM   12   O  O   . GLN A 1 2   ? -6.854  2.125   -7.267  1.00 13.06 ? 2   GLN A O   1 
ATOM   13   C  CB  . GLN A 1 2   ? -6.203  2.206   -10.196 1.00 15.76 ? 2   GLN A CB  1 
ATOM   14   C  CG  . GLN A 1 2   ? -6.298  2.165   -11.715 1.00 19.51 ? 2   GLN A CG  1 
ATOM   15   C  CD  . GLN A 1 2   ? -6.051  0.779   -12.282 1.00 21.22 ? 2   GLN A CD  1 
ATOM   16   O  OE1 . GLN A 1 2   ? -6.974  -0.022  -12.414 1.00 18.45 ? 2   GLN A OE1 1 
ATOM   17   N  NE2 . GLN A 1 2   ? -4.795  0.484   -12.605 1.00 21.70 ? 2   GLN A NE2 1 
ATOM   18   N  N   . VAL A 1 3   ? -6.139  0.026   -7.567  1.00 12.59 ? 3   VAL A N   1 
ATOM   19   C  CA  . VAL A 1 3   ? -5.698  -0.106  -6.191  1.00 12.56 ? 3   VAL A CA  1 
ATOM   20   C  C   . VAL A 1 3   ? -4.201  -0.341  -6.186  1.00 12.52 ? 3   VAL A C   1 
ATOM   21   O  O   . VAL A 1 3   ? -3.710  -1.237  -6.865  1.00 14.47 ? 3   VAL A O   1 
ATOM   22   C  CB  . VAL A 1 3   ? -6.396  -1.286  -5.483  1.00 11.50 ? 3   VAL A CB  1 
ATOM   23   C  CG1 . VAL A 1 3   ? -5.929  -1.372  -4.040  1.00 11.21 ? 3   VAL A CG1 1 
ATOM   24   C  CG2 . VAL A 1 3   ? -7.906  -1.103  -5.544  1.00 11.78 ? 3   VAL A CG2 1 
ATOM   25   N  N   . PHE A 1 4   ? -3.475  0.484   -5.443  1.00 11.19 ? 4   PHE A N   1 
ATOM   26   C  CA  . PHE A 1 4   ? -2.031  0.333   -5.350  1.00 12.39 ? 4   PHE A CA  1 
ATOM   27   C  C   . PHE A 1 4   ? -1.676  -0.093  -3.938  1.00 11.49 ? 4   PHE A C   1 
ATOM   28   O  O   . PHE A 1 4   ? -1.776  0.693   -2.997  1.00 12.47 ? 4   PHE A O   1 
ATOM   29   C  CB  . PHE A 1 4   ? -1.324  1.643   -5.696  1.00 14.05 ? 4   PHE A CB  1 
ATOM   30   C  CG  . PHE A 1 4   ? -1.609  2.131   -7.087  1.00 15.39 ? 4   PHE A CG  1 
ATOM   31   C  CD1 . PHE A 1 4   ? -2.645  3.023   -7.327  1.00 14.63 ? 4   PHE A CD1 1 
ATOM   32   C  CD2 . PHE A 1 4   ? -0.848  1.681   -8.161  1.00 17.14 ? 4   PHE A CD2 1 
ATOM   33   C  CE1 . PHE A 1 4   ? -2.920  3.463   -8.618  1.00 16.19 ? 4   PHE A CE1 1 
ATOM   34   C  CE2 . PHE A 1 4   ? -1.116  2.117   -9.459  1.00 16.35 ? 4   PHE A CE2 1 
ATOM   35   C  CZ  . PHE A 1 4   ? -2.153  3.008   -9.686  1.00 17.43 ? 4   PHE A CZ  1 
ATOM   36   N  N   . ILE A 1 5   ? -1.262  -1.346  -3.802  1.00 10.47 ? 5   ILE A N   1 
ATOM   37   C  CA  . ILE A 1 5   ? -0.907  -1.912  -2.510  1.00 11.30 ? 5   ILE A CA  1 
ATOM   38   C  C   . ILE A 1 5   ? 0.588   -1.791  -2.276  1.00 11.96 ? 5   ILE A C   1 
ATOM   39   O  O   . ILE A 1 5   ? 1.395   -2.291  -3.063  1.00 12.53 ? 5   ILE A O   1 
ATOM   40   C  CB  . ILE A 1 5   ? -1.329  -3.389  -2.448  1.00 11.35 ? 5   ILE A CB  1 
ATOM   41   C  CG1 . ILE A 1 5   ? -2.828  -3.497  -2.758  1.00 11.50 ? 5   ILE A CG1 1 
ATOM   42   C  CG2 . ILE A 1 5   ? -1.007  -3.969  -1.078  1.00 13.00 ? 5   ILE A CG2 1 
ATOM   43   C  CD1 . ILE A 1 5   ? -3.350  -4.902  -2.875  1.00 8.08  ? 5   ILE A CD1 1 
ATOM   44   N  N   . MET A 1 6   ? 0.958   -1.131  -1.185  1.00 11.23 ? 6   MET A N   1 
ATOM   45   C  CA  . MET A 1 6   ? 2.362   -0.924  -0.879  1.00 11.68 ? 6   MET A CA  1 
ATOM   46   C  C   . MET A 1 6   ? 2.797   -1.410  0.497   1.00 11.81 ? 6   MET A C   1 
ATOM   47   O  O   . MET A 1 6   ? 2.086   -1.249  1.487   1.00 11.59 ? 6   MET A O   1 
ATOM   48   C  CB  . MET A 1 6   ? 2.690   0.566   -1.032  1.00 13.20 ? 6   MET A CB  1 
ATOM   49   C  CG  . MET A 1 6   ? 4.115   0.964   -0.695  1.00 12.45 ? 6   MET A CG  1 
ATOM   50   S  SD  . MET A 1 6   ? 4.375   2.721   -1.035  1.00 14.22 ? 6   MET A SD  1 
ATOM   51   C  CE  . MET A 1 6   ? 6.175   2.765   -1.317  1.00 14.58 ? 6   MET A CE  1 
ATOM   52   N  N   . ARG A 1 7   ? 3.972   -2.025  0.545   1.00 12.41 ? 7   ARG A N   1 
ATOM   53   C  CA  . ARG A 1 7   ? 4.530   -2.497  1.806   1.00 13.42 ? 7   ARG A CA  1 
ATOM   54   C  C   . ARG A 1 7   ? 5.366   -1.342  2.347   1.00 13.38 ? 7   ARG A C   1 
ATOM   55   O  O   . ARG A 1 7   ? 6.105   -0.701  1.602   1.00 12.46 ? 7   ARG A O   1 
ATOM   56   C  CB  . ARG A 1 7   ? 5.431   -3.716  1.584   1.00 14.05 ? 7   ARG A CB  1 
ATOM   57   C  CG  . ARG A 1 7   ? 6.092   -4.214  2.854   1.00 13.48 ? 7   ARG A CG  1 
ATOM   58   C  CD  . ARG A 1 7   ? 7.014   -5.384  2.569   1.00 13.95 ? 7   ARG A CD  1 
ATOM   59   N  NE  . ARG A 1 7   ? 7.631   -5.889  3.788   1.00 18.04 ? 7   ARG A NE  1 
ATOM   60   C  CZ  . ARG A 1 7   ? 8.665   -6.723  3.814   1.00 17.85 ? 7   ARG A CZ  1 
ATOM   61   N  NH1 . ARG A 1 7   ? 9.205   -7.152  2.681   1.00 14.76 ? 7   ARG A NH1 1 
ATOM   62   N  NH2 . ARG A 1 7   ? 9.163   -7.124  4.976   1.00 16.73 ? 7   ARG A NH2 1 
ATOM   63   N  N   . HIS A 1 8   ? 5.233   -1.068  3.638   1.00 12.25 ? 8   HIS A N   1 
ATOM   64   C  CA  . HIS A 1 8   ? 5.980   0.010   4.263   1.00 11.31 ? 8   HIS A CA  1 
ATOM   65   C  C   . HIS A 1 8   ? 7.467   -0.156  3.936   1.00 12.13 ? 8   HIS A C   1 
ATOM   66   O  O   . HIS A 1 8   ? 7.915   -1.250  3.593   1.00 11.05 ? 8   HIS A O   1 
ATOM   67   C  CB  . HIS A 1 8   ? 5.770   -0.035  5.774   1.00 11.78 ? 8   HIS A CB  1 
ATOM   68   C  CG  . HIS A 1 8   ? 6.415   -1.214  6.427   1.00 12.08 ? 8   HIS A CG  1 
ATOM   69   N  ND1 . HIS A 1 8   ? 7.777   -1.311  6.596   1.00 11.34 ? 8   HIS A ND1 1 
ATOM   70   C  CD2 . HIS A 1 8   ? 5.892   -2.368  6.905   1.00 11.33 ? 8   HIS A CD2 1 
ATOM   71   C  CE1 . HIS A 1 8   ? 8.069   -2.474  7.149   1.00 12.42 ? 8   HIS A CE1 1 
ATOM   72   N  NE2 . HIS A 1 8   ? 6.941   -3.134  7.347   1.00 10.95 ? 8   HIS A NE2 1 
ATOM   73   N  N   . GLY A 1 9   ? 8.222   0.934   4.046   1.00 10.78 ? 9   GLY A N   1 
ATOM   74   C  CA  . GLY A 1 9   ? 9.643   0.889   3.748   1.00 13.91 ? 9   GLY A CA  1 
ATOM   75   C  C   . GLY A 1 9   ? 10.484  0.263   4.846   1.00 13.99 ? 9   GLY A C   1 
ATOM   76   O  O   . GLY A 1 9   ? 9.994   -0.002  5.942   1.00 13.61 ? 9   GLY A O   1 
ATOM   77   N  N   . ASP A 1 10  ? 11.755  0.020   4.536   1.00 14.52 ? 10  ASP A N   1 
ATOM   78   C  CA  . ASP A 1 10  ? 12.707  -0.569  5.468   1.00 15.81 ? 10  ASP A CA  1 
ATOM   79   C  C   . ASP A 1 10  ? 12.615  0.149   6.819   1.00 16.65 ? 10  ASP A C   1 
ATOM   80   O  O   . ASP A 1 10  ? 12.638  1.380   6.882   1.00 16.22 ? 10  ASP A O   1 
ATOM   81   C  CB  . ASP A 1 10  ? 14.120  -0.449  4.892   1.00 17.17 ? 10  ASP A CB  1 
ATOM   82   C  CG  . ASP A 1 10  ? 15.154  -1.184  5.718   1.00 17.01 ? 10  ASP A CG  1 
ATOM   83   O  OD1 . ASP A 1 10  ? 15.102  -2.429  5.796   1.00 21.33 ? 10  ASP A OD1 1 
ATOM   84   O  OD2 . ASP A 1 10  ? 16.024  -0.511  6.292   1.00 19.57 ? 10  ASP A OD2 1 
ATOM   85   N  N   . ALA A 1 11  ? 12.518  -0.621  7.898   1.00 16.55 ? 11  ALA A N   1 
ATOM   86   C  CA  . ALA A 1 11  ? 12.379  -0.035  9.225   1.00 16.39 ? 11  ALA A CA  1 
ATOM   87   C  C   . ALA A 1 11  ? 13.383  -0.540  10.254  1.00 17.52 ? 11  ALA A C   1 
ATOM   88   O  O   . ALA A 1 11  ? 13.838  -1.680  10.187  1.00 16.23 ? 11  ALA A O   1 
ATOM   89   C  CB  . ALA A 1 11  ? 10.964  -0.275  9.735   1.00 16.37 ? 11  ALA A CB  1 
ATOM   90   N  N   . ALA A 1 12  ? 13.709  0.319   11.215  1.00 17.67 ? 12  ALA A N   1 
ATOM   91   C  CA  . ALA A 1 12  ? 14.643  -0.035  12.272  1.00 18.42 ? 12  ALA A CA  1 
ATOM   92   C  C   . ALA A 1 12  ? 14.148  -1.294  12.971  1.00 19.85 ? 12  ALA A C   1 
ATOM   93   O  O   . ALA A 1 12  ? 12.948  -1.453  13.215  1.00 19.51 ? 12  ALA A O   1 
ATOM   94   C  CB  . ALA A 1 12  ? 14.759  1.106   13.267  1.00 19.89 ? 12  ALA A CB  1 
ATOM   95   N  N   . LEU A 1 13  ? 15.074  -2.191  13.289  1.00 20.22 ? 13  LEU A N   1 
ATOM   96   C  CA  . LEU A 1 13  ? 14.722  -3.439  13.951  1.00 22.18 ? 13  LEU A CA  1 
ATOM   97   C  C   . LEU A 1 13  ? 14.333  -3.262  15.411  1.00 22.25 ? 13  LEU A C   1 
ATOM   98   O  O   . LEU A 1 13  ? 13.466  -3.979  15.924  1.00 21.43 ? 13  LEU A O   1 
ATOM   99   C  CB  . LEU A 1 13  ? 15.884  -4.430  13.856  1.00 24.93 ? 13  LEU A CB  1 
ATOM   100  C  CG  . LEU A 1 13  ? 15.981  -5.196  12.536  1.00 26.26 ? 13  LEU A CG  1 
ATOM   101  C  CD1 . LEU A 1 13  ? 17.247  -6.030  12.510  1.00 28.28 ? 13  LEU A CD1 1 
ATOM   102  C  CD2 . LEU A 1 13  ? 14.745  -6.079  12.379  1.00 27.90 ? 13  LEU A CD2 1 
ATOM   103  N  N   . ASP A 1 14  ? 14.962  -2.304  16.082  1.00 24.03 ? 14  ASP A N   1 
ATOM   104  C  CA  . ASP A 1 14  ? 14.672  -2.086  17.490  1.00 23.89 ? 14  ASP A CA  1 
ATOM   105  C  C   . ASP A 1 14  ? 13.958  -0.771  17.786  1.00 22.52 ? 14  ASP A C   1 
ATOM   106  O  O   . ASP A 1 14  ? 14.266  0.270   17.206  1.00 24.05 ? 14  ASP A O   1 
ATOM   107  C  CB  . ASP A 1 14  ? 15.962  -2.148  18.304  1.00 27.13 ? 14  ASP A CB  1 
ATOM   108  C  CG  . ASP A 1 14  ? 15.720  -2.569  19.744  1.00 29.60 ? 14  ASP A CG  1 
ATOM   109  O  OD1 . ASP A 1 14  ? 16.481  -2.132  20.632  1.00 33.08 ? 14  ASP A OD1 1 
ATOM   110  O  OD2 . ASP A 1 14  ? 14.773  -3.352  19.987  1.00 31.94 ? 14  ASP A OD2 1 
ATOM   111  N  N   . ALA A 1 15  ? 13.002  -0.847  18.704  1.00 21.92 ? 15  ALA A N   1 
ATOM   112  C  CA  . ALA A 1 15  ? 12.221  0.295   19.154  1.00 20.45 ? 15  ALA A CA  1 
ATOM   113  C  C   . ALA A 1 15  ? 11.564  -0.123  20.467  1.00 20.03 ? 15  ALA A C   1 
ATOM   114  O  O   . ALA A 1 15  ? 11.623  -1.293  20.847  1.00 18.29 ? 15  ALA A O   1 
ATOM   115  C  CB  . ALA A 1 15  ? 11.158  0.657   18.118  1.00 21.08 ? 15  ALA A CB  1 
ATOM   116  N  N   . ALA A 1 16  ? 10.948  0.827   21.162  1.00 19.43 ? 16  ALA A N   1 
ATOM   117  C  CA  . ALA A 1 16  ? 10.281  0.522   22.421  1.00 18.86 ? 16  ALA A CA  1 
ATOM   118  C  C   . ALA A 1 16  ? 9.346   -0.675  22.239  1.00 18.08 ? 16  ALA A C   1 
ATOM   119  O  O   . ALA A 1 16  ? 9.183   -1.489  23.148  1.00 17.41 ? 16  ALA A O   1 
ATOM   120  C  CB  . ALA A 1 16  ? 9.499   1.739   22.901  1.00 18.72 ? 16  ALA A CB  1 
ATOM   121  N  N   . SER A 1 17  ? 8.739   -0.774  21.056  1.00 16.44 ? 17  SER A N   1 
ATOM   122  C  CA  . SER A 1 17  ? 7.828   -1.874  20.717  1.00 14.43 ? 17  SER A CA  1 
ATOM   123  C  C   . SER A 1 17  ? 7.654   -1.891  19.195  1.00 13.62 ? 17  SER A C   1 
ATOM   124  O  O   . SER A 1 17  ? 8.036   -0.940  18.519  1.00 11.74 ? 17  SER A O   1 
ATOM   125  C  CB  . SER A 1 17  ? 6.465   -1.689  21.398  1.00 14.04 ? 17  SER A CB  1 
ATOM   126  O  OG  . SER A 1 17  ? 5.752   -0.601  20.843  1.00 13.29 ? 17  SER A OG  1 
ATOM   127  N  N   . ASP A 1 18  ? 7.071   -2.957  18.657  1.00 13.19 ? 18  ASP A N   1 
ATOM   128  C  CA  . ASP A 1 18  ? 6.904   -3.065  17.205  1.00 13.27 ? 18  ASP A CA  1 
ATOM   129  C  C   . ASP A 1 18  ? 6.116   -1.949  16.516  1.00 12.80 ? 18  ASP A C   1 
ATOM   130  O  O   . ASP A 1 18  ? 6.599   -1.347  15.562  1.00 12.50 ? 18  ASP A O   1 
ATOM   131  C  CB  . ASP A 1 18  ? 6.261   -4.404  16.826  1.00 12.49 ? 18  ASP A CB  1 
ATOM   132  C  CG  . ASP A 1 18  ? 6.181   -4.598  15.314  1.00 13.75 ? 18  ASP A CG  1 
ATOM   133  O  OD1 . ASP A 1 18  ? 7.224   -4.903  14.694  1.00 11.29 ? 18  ASP A OD1 1 
ATOM   134  O  OD2 . ASP A 1 18  ? 5.082   -4.428  14.744  1.00 11.12 ? 18  ASP A OD2 1 
ATOM   135  N  N   . SER A 1 19  ? 4.906   -1.678  16.992  1.00 14.07 ? 19  SER A N   1 
ATOM   136  C  CA  . SER A 1 19  ? 4.064   -0.661  16.369  1.00 13.05 ? 19  SER A CA  1 
ATOM   137  C  C   . SER A 1 19  ? 4.741   0.696   16.203  1.00 12.89 ? 19  SER A C   1 
ATOM   138  O  O   . SER A 1 19  ? 4.368   1.474   15.323  1.00 14.30 ? 19  SER A O   1 
ATOM   139  C  CB  . SER A 1 19  ? 2.766   -0.475  17.163  1.00 13.39 ? 19  SER A CB  1 
ATOM   140  O  OG  . SER A 1 19  ? 2.984   0.282   18.341  1.00 12.75 ? 19  SER A OG  1 
ATOM   141  N  N   . VAL A 1 20  ? 5.737   0.981   17.033  1.00 12.14 ? 20  VAL A N   1 
ATOM   142  C  CA  . VAL A 1 20  ? 6.408   2.274   16.964  1.00 12.60 ? 20  VAL A CA  1 
ATOM   143  C  C   . VAL A 1 20  ? 7.780   2.309   16.288  1.00 12.74 ? 20  VAL A C   1 
ATOM   144  O  O   . VAL A 1 20  ? 8.472   3.325   16.346  1.00 13.23 ? 20  VAL A O   1 
ATOM   145  C  CB  . VAL A 1 20  ? 6.516   2.896   18.373  1.00 12.30 ? 20  VAL A CB  1 
ATOM   146  C  CG1 . VAL A 1 20  ? 5.128   3.236   18.887  1.00 11.27 ? 20  VAL A CG1 1 
ATOM   147  C  CG2 . VAL A 1 20  ? 7.192   1.924   19.323  1.00 12.46 ? 20  VAL A CG2 1 
ATOM   148  N  N   . ARG A 1 21  ? 8.165   1.214   15.636  1.00 13.94 ? 21  ARG A N   1 
ATOM   149  C  CA  . ARG A 1 21  ? 9.456   1.159   14.945  1.00 14.35 ? 21  ARG A CA  1 
ATOM   150  C  C   . ARG A 1 21  ? 9.436   2.179   13.815  1.00 14.36 ? 21  ARG A C   1 
ATOM   151  O  O   . ARG A 1 21  ? 8.552   2.151   12.963  1.00 13.71 ? 21  ARG A O   1 
ATOM   152  C  CB  . ARG A 1 21  ? 9.693   -0.230  14.347  1.00 14.37 ? 21  ARG A CB  1 
ATOM   153  C  CG  . ARG A 1 21  ? 9.845   -1.353  15.357  1.00 16.12 ? 21  ARG A CG  1 
ATOM   154  C  CD  . ARG A 1 21  ? 9.606   -2.699  14.684  1.00 17.54 ? 21  ARG A CD  1 
ATOM   155  N  NE  . ARG A 1 21  ? 10.406  -2.857  13.472  1.00 20.72 ? 21  ARG A NE  1 
ATOM   156  C  CZ  . ARG A 1 21  ? 10.067  -3.640  12.455  1.00 20.59 ? 21  ARG A CZ  1 
ATOM   157  N  NH1 . ARG A 1 21  ? 8.939   -4.337  12.506  1.00 19.24 ? 21  ARG A NH1 1 
ATOM   158  N  NH2 . ARG A 1 21  ? 10.852  -3.725  11.387  1.00 23.66 ? 21  ARG A NH2 1 
ATOM   159  N  N   . PRO A 1 22  ? 10.410  3.100   13.794  1.00 16.49 ? 22  PRO A N   1 
ATOM   160  C  CA  . PRO A 1 22  ? 10.455  4.113   12.736  1.00 15.30 ? 22  PRO A CA  1 
ATOM   161  C  C   . PRO A 1 22  ? 11.079  3.583   11.444  1.00 15.68 ? 22  PRO A C   1 
ATOM   162  O  O   . PRO A 1 22  ? 11.635  2.483   11.407  1.00 11.55 ? 22  PRO A O   1 
ATOM   163  C  CB  . PRO A 1 22  ? 11.296  5.216   13.362  1.00 17.17 ? 22  PRO A CB  1 
ATOM   164  C  CG  . PRO A 1 22  ? 12.309  4.422   14.138  1.00 17.24 ? 22  PRO A CG  1 
ATOM   165  C  CD  . PRO A 1 22  ? 11.456  3.350   14.804  1.00 16.34 ? 22  PRO A CD  1 
ATOM   166  N  N   . LEU A 1 23  ? 10.988  4.380   10.387  1.00 15.38 ? 23  LEU A N   1 
ATOM   167  C  CA  . LEU A 1 23  ? 11.551  4.004   9.100   1.00 16.15 ? 23  LEU A CA  1 
ATOM   168  C  C   . LEU A 1 23  ? 13.049  4.302   9.134   1.00 17.10 ? 23  LEU A C   1 
ATOM   169  O  O   . LEU A 1 23  ? 13.493  5.173   9.874   1.00 16.58 ? 23  LEU A O   1 
ATOM   170  C  CB  . LEU A 1 23  ? 10.874  4.824   7.998   1.00 17.50 ? 23  LEU A CB  1 
ATOM   171  C  CG  . LEU A 1 23  ? 10.315  4.131   6.749   1.00 20.47 ? 23  LEU A CG  1 
ATOM   172  C  CD1 . LEU A 1 23  ? 9.647   2.804   7.115   1.00 17.96 ? 23  LEU A CD1 1 
ATOM   173  C  CD2 . LEU A 1 23  ? 9.324   5.071   6.072   1.00 18.89 ? 23  LEU A CD2 1 
ATOM   174  N  N   . THR A 1 24  ? 13.836  3.561   8.364   1.00 18.20 ? 24  THR A N   1 
ATOM   175  C  CA  . THR A 1 24  ? 15.273  3.819   8.309   1.00 18.92 ? 24  THR A CA  1 
ATOM   176  C  C   . THR A 1 24  ? 15.498  4.832   7.187   1.00 18.89 ? 24  THR A C   1 
ATOM   177  O  O   . THR A 1 24  ? 14.600  5.097   6.385   1.00 18.64 ? 24  THR A O   1 
ATOM   178  C  CB  . THR A 1 24  ? 16.076  2.562   7.942   1.00 19.05 ? 24  THR A CB  1 
ATOM   179  O  OG1 . THR A 1 24  ? 15.793  2.211   6.581   1.00 17.21 ? 24  THR A OG1 1 
ATOM   180  C  CG2 . THR A 1 24  ? 15.713  1.394   8.857   1.00 19.68 ? 24  THR A CG2 1 
ATOM   181  N  N   . THR A 1 25  ? 16.703  5.386   7.131   1.00 19.17 ? 25  THR A N   1 
ATOM   182  C  CA  . THR A 1 25  ? 17.057  6.345   6.098   1.00 20.02 ? 25  THR A CA  1 
ATOM   183  C  C   . THR A 1 25  ? 16.833  5.722   4.724   1.00 18.13 ? 25  THR A C   1 
ATOM   184  O  O   . THR A 1 25  ? 16.251  6.349   3.839   1.00 18.68 ? 25  THR A O   1 
ATOM   185  C  CB  . THR A 1 25  ? 18.530  6.761   6.242   1.00 20.84 ? 25  THR A CB  1 
ATOM   186  O  OG1 . THR A 1 25  ? 18.690  7.482   7.470   1.00 25.43 ? 25  THR A OG1 1 
ATOM   187  C  CG2 . THR A 1 25  ? 18.964  7.630   5.083   1.00 20.76 ? 25  THR A CG2 1 
ATOM   188  N  N   . ASN A 1 26  ? 17.293  4.487   4.556   1.00 17.98 ? 26  ASN A N   1 
ATOM   189  C  CA  . ASN A 1 26  ? 17.136  3.763   3.295   1.00 17.12 ? 26  ASN A CA  1 
ATOM   190  C  C   . ASN A 1 26  ? 15.651  3.552   3.028   1.00 16.34 ? 26  ASN A C   1 
ATOM   191  O  O   . ASN A 1 26  ? 15.187  3.723   1.901   1.00 16.52 ? 26  ASN A O   1 
ATOM   192  C  CB  . ASN A 1 26  ? 17.863  2.412   3.368   1.00 18.44 ? 26  ASN A CB  1 
ATOM   193  C  CG  . ASN A 1 26  ? 17.551  1.508   2.185   1.00 19.97 ? 26  ASN A CG  1 
ATOM   194  O  OD1 . ASN A 1 26  ? 17.942  1.785   1.044   1.00 19.16 ? 26  ASN A OD1 1 
ATOM   195  N  ND2 . ASN A 1 26  ? 16.835  0.419   2.453   1.00 19.90 ? 26  ASN A ND2 1 
ATOM   196  N  N   . GLY A 1 27  ? 14.910  3.185   4.071   1.00 15.75 ? 27  GLY A N   1 
ATOM   197  C  CA  . GLY A 1 27  ? 13.481  2.973   3.929   1.00 14.10 ? 27  GLY A CA  1 
ATOM   198  C  C   . GLY A 1 27  ? 12.809  4.231   3.416   1.00 14.47 ? 27  GLY A C   1 
ATOM   199  O  O   . GLY A 1 27  ? 11.857  4.163   2.636   1.00 15.49 ? 27  GLY A O   1 
ATOM   200  N  N   . CYS A 1 28  ? 13.295  5.383   3.869   1.00 14.07 ? 28  CYS A N   1 
ATOM   201  C  CA  . CYS A 1 28  ? 12.762  6.663   3.427   1.00 14.95 ? 28  CYS A CA  1 
ATOM   202  C  C   . CYS A 1 28  ? 13.177  6.875   1.976   1.00 15.59 ? 28  CYS A C   1 
ATOM   203  O  O   . CYS A 1 28  ? 12.347  7.187   1.121   1.00 16.45 ? 28  CYS A O   1 
ATOM   204  C  CB  . CYS A 1 28  ? 13.314  7.811   4.285   1.00 14.67 ? 28  CYS A CB  1 
ATOM   205  S  SG  . CYS A 1 28  ? 12.617  7.931   5.952   1.00 15.44 ? 28  CYS A SG  1 
ATOM   206  N  N   . ASP A 1 29  ? 14.465  6.690   1.705   1.00 17.01 ? 29  ASP A N   1 
ATOM   207  C  CA  . ASP A 1 29  ? 14.990  6.873   0.358   1.00 17.25 ? 29  ASP A CA  1 
ATOM   208  C  C   . ASP A 1 29  ? 14.235  6.044   -0.673  1.00 16.51 ? 29  ASP A C   1 
ATOM   209  O  O   . ASP A 1 29  ? 13.785  6.570   -1.692  1.00 16.28 ? 29  ASP A O   1 
ATOM   210  C  CB  . ASP A 1 29  ? 16.477  6.513   0.299   1.00 20.07 ? 29  ASP A CB  1 
ATOM   211  C  CG  . ASP A 1 29  ? 17.330  7.366   1.228   1.00 24.28 ? 29  ASP A CG  1 
ATOM   212  O  OD1 . ASP A 1 29  ? 17.105  8.592   1.310   1.00 25.26 ? 29  ASP A OD1 1 
ATOM   213  O  OD2 . ASP A 1 29  ? 18.243  6.802   1.865   1.00 26.34 ? 29  ASP A OD2 1 
ATOM   214  N  N   . GLU A 1 30  ? 14.091  4.748   -0.408  1.00 15.69 ? 30  GLU A N   1 
ATOM   215  C  CA  . GLU A 1 30  ? 13.397  3.869   -1.339  1.00 15.89 ? 30  GLU A CA  1 
ATOM   216  C  C   . GLU A 1 30  ? 11.920  4.190   -1.463  1.00 15.46 ? 30  GLU A C   1 
ATOM   217  O  O   . GLU A 1 30  ? 11.332  4.015   -2.530  1.00 13.72 ? 30  GLU A O   1 
ATOM   218  C  CB  . GLU A 1 30  ? 13.557  2.410   -0.927  1.00 14.58 ? 30  GLU A CB  1 
ATOM   219  C  CG  . GLU A 1 30  ? 14.991  1.954   -0.855  1.00 17.14 ? 30  GLU A CG  1 
ATOM   220  C  CD  . GLU A 1 30  ? 15.099  0.455   -0.760  1.00 18.98 ? 30  GLU A CD  1 
ATOM   221  O  OE1 . GLU A 1 30  ? 14.337  -0.142  0.032   1.00 17.25 ? 30  GLU A OE1 1 
ATOM   222  O  OE2 . GLU A 1 30  ? 15.946  -0.124  -1.475  1.00 21.61 ? 30  GLU A OE2 1 
ATOM   223  N  N   . SER A 1 31  ? 11.311  4.652   -0.378  1.00 14.82 ? 31  SER A N   1 
ATOM   224  C  CA  . SER A 1 31  ? 9.900   4.993   -0.439  1.00 14.82 ? 31  SER A CA  1 
ATOM   225  C  C   . SER A 1 31  ? 9.697   6.198   -1.352  1.00 14.38 ? 31  SER A C   1 
ATOM   226  O  O   . SER A 1 31  ? 8.706   6.270   -2.081  1.00 12.92 ? 31  SER A O   1 
ATOM   227  C  CB  . SER A 1 31  ? 9.350   5.268   0.961   1.00 14.59 ? 31  SER A CB  1 
ATOM   228  O  OG  . SER A 1 31  ? 9.096   4.044   1.634   1.00 16.61 ? 31  SER A OG  1 
ATOM   229  N  N   . ARG A 1 32  ? 10.640  7.140   -1.316  1.00 14.33 ? 32  ARG A N   1 
ATOM   230  C  CA  . ARG A 1 32  ? 10.565  8.323   -2.168  1.00 14.36 ? 32  ARG A CA  1 
ATOM   231  C  C   . ARG A 1 32  ? 10.825  7.899   -3.610  1.00 14.53 ? 32  ARG A C   1 
ATOM   232  O  O   . ARG A 1 32  ? 10.248  8.451   -4.551  1.00 12.89 ? 32  ARG A O   1 
ATOM   233  C  CB  . ARG A 1 32  ? 11.603  9.377   -1.749  1.00 15.04 ? 32  ARG A CB  1 
ATOM   234  C  CG  . ARG A 1 32  ? 11.164  10.294  -0.608  1.00 16.87 ? 32  ARG A CG  1 
ATOM   235  C  CD  . ARG A 1 32  ? 11.991  11.590  -0.592  1.00 22.45 ? 32  ARG A CD  1 
ATOM   236  N  NE  . ARG A 1 32  ? 11.335  12.651  0.176   1.00 27.22 ? 32  ARG A NE  1 
ATOM   237  C  CZ  . ARG A 1 32  ? 11.532  12.879  1.472   1.00 29.07 ? 32  ARG A CZ  1 
ATOM   238  N  NH1 . ARG A 1 32  ? 12.376  12.126  2.157   1.00 30.61 ? 32  ARG A NH1 1 
ATOM   239  N  NH2 . ARG A 1 32  ? 10.875  13.852  2.089   1.00 27.71 ? 32  ARG A NH2 1 
ATOM   240  N  N   . LEU A 1 33  ? 11.696  6.907   -3.769  1.00 15.31 ? 33  LEU A N   1 
ATOM   241  C  CA  . LEU A 1 33  ? 12.048  6.383   -5.084  1.00 15.79 ? 33  LEU A CA  1 
ATOM   242  C  C   . LEU A 1 33  ? 10.800  5.827   -5.773  1.00 15.56 ? 33  LEU A C   1 
ATOM   243  O  O   . LEU A 1 33  ? 10.526  6.138   -6.937  1.00 13.38 ? 33  LEU A O   1 
ATOM   244  C  CB  . LEU A 1 33  ? 13.098  5.278   -4.928  1.00 18.17 ? 33  LEU A CB  1 
ATOM   245  C  CG  . LEU A 1 33  ? 13.822  4.766   -6.175  1.00 22.95 ? 33  LEU A CG  1 
ATOM   246  C  CD1 . LEU A 1 33  ? 14.506  5.928   -6.889  1.00 24.67 ? 33  LEU A CD1 1 
ATOM   247  C  CD2 . LEU A 1 33  ? 14.861  3.723   -5.761  1.00 23.32 ? 33  LEU A CD2 1 
ATOM   248  N  N   . MET A 1 34  ? 10.046  5.004   -5.049  1.00 14.75 ? 34  MET A N   1 
ATOM   249  C  CA  . MET A 1 34  ? 8.823   4.409   -5.582  1.00 14.80 ? 34  MET A CA  1 
ATOM   250  C  C   . MET A 1 34  ? 7.754   5.478   -5.819  1.00 14.66 ? 34  MET A C   1 
ATOM   251  O  O   . MET A 1 34  ? 6.986   5.399   -6.781  1.00 15.29 ? 34  MET A O   1 
ATOM   252  C  CB  . MET A 1 34  ? 8.283   3.356   -4.617  1.00 14.44 ? 34  MET A CB  1 
ATOM   253  C  CG  . MET A 1 34  ? 9.156   2.115   -4.479  1.00 15.80 ? 34  MET A CG  1 
ATOM   254  S  SD  . MET A 1 34  ? 9.281   1.167   -6.014  1.00 17.22 ? 34  MET A SD  1 
ATOM   255  C  CE  . MET A 1 34  ? 7.598   0.666   -6.223  1.00 13.29 ? 34  MET A CE  1 
ATOM   256  N  N   . ALA A 1 35  ? 7.709   6.472   -4.939  1.00 13.89 ? 35  ALA A N   1 
ATOM   257  C  CA  . ALA A 1 35  ? 6.743   7.558   -5.060  1.00 13.56 ? 35  ALA A CA  1 
ATOM   258  C  C   . ALA A 1 35  ? 6.968   8.314   -6.365  1.00 13.26 ? 35  ALA A C   1 
ATOM   259  O  O   . ALA A 1 35  ? 6.026   8.582   -7.111  1.00 12.40 ? 35  ALA A O   1 
ATOM   260  C  CB  . ALA A 1 35  ? 6.872   8.507   -3.878  1.00 13.59 ? 35  ALA A CB  1 
ATOM   261  N  N   . ASN A 1 36  ? 8.224   8.652   -6.641  1.00 13.69 ? 36  ASN A N   1 
ATOM   262  C  CA  . ASN A 1 36  ? 8.553   9.370   -7.862  1.00 13.85 ? 36  ASN A CA  1 
ATOM   263  C  C   . ASN A 1 36  ? 8.264   8.519   -9.091  1.00 12.40 ? 36  ASN A C   1 
ATOM   264  O  O   . ASN A 1 36  ? 7.832   9.032   -10.119 1.00 12.22 ? 36  ASN A O   1 
ATOM   265  C  CB  . ASN A 1 36  ? 10.022  9.811   -7.854  1.00 15.17 ? 36  ASN A CB  1 
ATOM   266  C  CG  . ASN A 1 36  ? 10.280  10.955  -6.879  1.00 19.95 ? 36  ASN A CG  1 
ATOM   267  O  OD1 . ASN A 1 36  ? 9.522   11.932  -6.832  1.00 20.01 ? 36  ASN A OD1 1 
ATOM   268  N  ND2 . ASN A 1 36  ? 11.357  10.846  -6.108  1.00 20.95 ? 36  ASN A ND2 1 
ATOM   269  N  N   . TRP A 1 37  ? 8.495   7.216   -8.984  1.00 12.93 ? 37  TRP A N   1 
ATOM   270  C  CA  . TRP A 1 37  ? 8.230   6.330   -10.108 1.00 13.14 ? 37  TRP A CA  1 
ATOM   271  C  C   . TRP A 1 37  ? 6.738   6.397   -10.441 1.00 14.11 ? 37  TRP A C   1 
ATOM   272  O  O   . TRP A 1 37  ? 6.356   6.523   -11.606 1.00 12.48 ? 37  TRP A O   1 
ATOM   273  C  CB  . TRP A 1 37  ? 8.628   4.891   -9.770  1.00 13.62 ? 37  TRP A CB  1 
ATOM   274  C  CG  . TRP A 1 37  ? 8.347   3.952   -10.886 1.00 13.46 ? 37  TRP A CG  1 
ATOM   275  C  CD1 . TRP A 1 37  ? 9.047   3.829   -12.054 1.00 15.19 ? 37  TRP A CD1 1 
ATOM   276  C  CD2 . TRP A 1 37  ? 7.237   3.055   -10.987 1.00 14.44 ? 37  TRP A CD2 1 
ATOM   277  N  NE1 . TRP A 1 37  ? 8.436   2.912   -12.880 1.00 14.03 ? 37  TRP A NE1 1 
ATOM   278  C  CE2 . TRP A 1 37  ? 7.323   2.422   -12.249 1.00 14.44 ? 37  TRP A CE2 1 
ATOM   279  C  CE3 . TRP A 1 37  ? 6.173   2.727   -10.134 1.00 15.84 ? 37  TRP A CE3 1 
ATOM   280  C  CZ2 . TRP A 1 37  ? 6.387   1.480   -12.679 1.00 11.74 ? 37  TRP A CZ2 1 
ATOM   281  C  CZ3 . TRP A 1 37  ? 5.242   1.792   -10.561 1.00 13.82 ? 37  TRP A CZ3 1 
ATOM   282  C  CH2 . TRP A 1 37  ? 5.356   1.179   -11.824 1.00 14.92 ? 37  TRP A CH2 1 
ATOM   283  N  N   . LEU A 1 38  ? 5.898   6.319   -9.413  1.00 14.24 ? 38  LEU A N   1 
ATOM   284  C  CA  . LEU A 1 38  ? 4.455   6.391   -9.606  1.00 16.06 ? 38  LEU A CA  1 
ATOM   285  C  C   . LEU A 1 38  ? 4.082   7.724   -10.235 1.00 17.05 ? 38  LEU A C   1 
ATOM   286  O  O   . LEU A 1 38  ? 3.224   7.783   -11.108 1.00 19.36 ? 38  LEU A O   1 
ATOM   287  C  CB  . LEU A 1 38  ? 3.722   6.238   -8.276  1.00 17.93 ? 38  LEU A CB  1 
ATOM   288  C  CG  . LEU A 1 38  ? 3.605   4.828   -7.700  1.00 20.39 ? 38  LEU A CG  1 
ATOM   289  C  CD1 . LEU A 1 38  ? 2.854   4.893   -6.380  1.00 20.20 ? 38  LEU A CD1 1 
ATOM   290  C  CD2 . LEU A 1 38  ? 2.870   3.919   -8.686  1.00 18.49 ? 38  LEU A CD2 1 
ATOM   291  N  N   . LYS A 1 39  ? 4.735   8.790   -9.782  1.00 16.75 ? 39  LYS A N   1 
ATOM   292  C  CA  . LYS A 1 39  ? 4.487   10.125  -10.306 1.00 17.77 ? 39  LYS A CA  1 
ATOM   293  C  C   . LYS A 1 39  ? 4.807   10.133  -11.796 1.00 18.76 ? 39  LYS A C   1 
ATOM   294  O  O   . LYS A 1 39  ? 4.092   10.734  -12.596 1.00 17.27 ? 39  LYS A O   1 
ATOM   295  C  CB  . LYS A 1 39  ? 5.361   11.139  -9.566  1.00 19.12 ? 39  LYS A CB  1 
ATOM   296  C  CG  . LYS A 1 39  ? 5.340   12.548  -10.135 1.00 22.84 ? 39  LYS A CG  1 
ATOM   297  C  CD  . LYS A 1 39  ? 6.272   13.448  -9.329  1.00 23.49 ? 39  LYS A CD  1 
ATOM   298  C  CE  . LYS A 1 39  ? 6.327   14.851  -9.891  1.00 26.64 ? 39  LYS A CE  1 
ATOM   299  N  NZ  . LYS A 1 39  ? 7.243   15.711  -9.087  1.00 28.13 ? 39  LYS A NZ  1 
ATOM   300  N  N   . GLY A 1 40  ? 5.886   9.451   -12.162 1.00 19.38 ? 40  GLY A N   1 
ATOM   301  C  CA  . GLY A 1 40  ? 6.271   9.379   -13.558 1.00 21.04 ? 40  GLY A CA  1 
ATOM   302  C  C   . GLY A 1 40  ? 5.301   8.536   -14.364 1.00 22.49 ? 40  GLY A C   1 
ATOM   303  O  O   . GLY A 1 40  ? 5.256   8.631   -15.587 1.00 23.51 ? 40  GLY A O   1 
ATOM   304  N  N   . GLN A 1 41  ? 4.515   7.709   -13.682 1.00 23.31 ? 41  GLN A N   1 
ATOM   305  C  CA  . GLN A 1 41  ? 3.551   6.850   -14.360 1.00 23.62 ? 41  GLN A CA  1 
ATOM   306  C  C   . GLN A 1 41  ? 2.211   7.539   -14.556 1.00 23.50 ? 41  GLN A C   1 
ATOM   307  O  O   . GLN A 1 41  ? 1.244   6.920   -14.996 1.00 22.73 ? 41  GLN A O   1 
ATOM   308  C  CB  . GLN A 1 41  ? 3.360   5.555   -13.573 1.00 24.27 ? 41  GLN A CB  1 
ATOM   309  C  CG  . GLN A 1 41  ? 4.588   4.649   -13.577 1.00 25.86 ? 41  GLN A CG  1 
ATOM   310  C  CD  . GLN A 1 41  ? 4.855   4.033   -14.935 1.00 25.49 ? 41  GLN A CD  1 
ATOM   311  O  OE1 . GLN A 1 41  ? 4.023   3.298   -15.468 1.00 27.18 ? 41  GLN A OE1 1 
ATOM   312  N  NE2 . GLN A 1 41  ? 6.019   4.326   -15.502 1.00 26.95 ? 41  GLN A NE2 1 
ATOM   313  N  N   . LYS A 1 42  ? 2.159   8.829   -14.236 1.00 24.32 ? 42  LYS A N   1 
ATOM   314  C  CA  . LYS A 1 42  ? 0.931   9.599   -14.380 1.00 24.69 ? 42  LYS A CA  1 
ATOM   315  C  C   . LYS A 1 42  ? -0.137  9.024   -13.468 1.00 24.65 ? 42  LYS A C   1 
ATOM   316  O  O   . LYS A 1 42  ? -1.310  8.949   -13.835 1.00 25.77 ? 42  LYS A O   1 
ATOM   317  C  CB  . LYS A 1 42  ? 0.450   9.566   -15.836 1.00 25.32 ? 42  LYS A CB  1 
ATOM   318  C  CG  . LYS A 1 42  ? 1.107   10.585  -16.779 1.00 25.00 ? 42  LYS A CG  1 
ATOM   319  C  CD  . LYS A 1 42  ? 2.622   10.591  -16.696 1.00 27.69 ? 42  LYS A CD  1 
ATOM   320  C  CE  . LYS A 1 42  ? 3.125   11.619  -15.694 1.00 28.02 ? 42  LYS A CE  1 
ATOM   321  N  NZ  . LYS A 1 42  ? 2.635   12.992  -16.028 1.00 28.12 ? 42  LYS A NZ  1 
ATOM   322  N  N   . VAL A 1 43  ? 0.286   8.619   -12.275 1.00 24.59 ? 43  VAL A N   1 
ATOM   323  C  CA  . VAL A 1 43  ? -0.614  8.049   -11.284 1.00 24.58 ? 43  VAL A CA  1 
ATOM   324  C  C   . VAL A 1 43  ? -1.225  9.169   -10.450 1.00 24.10 ? 43  VAL A C   1 
ATOM   325  O  O   . VAL A 1 43  ? -0.511  10.035  -9.935  1.00 25.73 ? 43  VAL A O   1 
ATOM   326  C  CB  . VAL A 1 43  ? 0.137   7.077   -10.349 1.00 24.57 ? 43  VAL A CB  1 
ATOM   327  C  CG1 . VAL A 1 43  ? -0.818  6.501   -9.323  1.00 24.98 ? 43  VAL A CG1 1 
ATOM   328  C  CG2 . VAL A 1 43  ? 0.781   5.966   -11.162 1.00 25.97 ? 43  VAL A CG2 1 
ATOM   329  N  N   . GLU A 1 44  ? -2.547  9.159   -10.335 1.00 21.90 ? 44  GLU A N   1 
ATOM   330  C  CA  . GLU A 1 44  ? -3.265  10.168  -9.570  1.00 21.38 ? 44  GLU A CA  1 
ATOM   331  C  C   . GLU A 1 44  ? -4.008  9.440   -8.458  1.00 19.67 ? 44  GLU A C   1 
ATOM   332  O  O   . GLU A 1 44  ? -4.989  8.741   -8.721  1.00 20.24 ? 44  GLU A O   1 
ATOM   333  C  CB  . GLU A 1 44  ? -4.269  10.892  -10.466 1.00 23.16 ? 44  GLU A CB  1 
ATOM   334  C  CG  . GLU A 1 44  ? -3.727  11.270  -11.836 1.00 28.00 ? 44  GLU A CG  1 
ATOM   335  C  CD  . GLU A 1 44  ? -4.773  11.930  -12.721 1.00 30.71 ? 44  GLU A CD  1 
ATOM   336  O  OE1 . GLU A 1 44  ? -5.875  11.358  -12.875 1.00 32.97 ? 44  GLU A OE1 1 
ATOM   337  O  OE2 . GLU A 1 44  ? -4.493  13.019  -13.270 1.00 32.33 ? 44  GLU A OE2 1 
ATOM   338  N  N   . ILE A 1 45  ? -3.540  9.597   -7.225  1.00 16.65 ? 45  ILE A N   1 
ATOM   339  C  CA  . ILE A 1 45  ? -4.162  8.924   -6.088  1.00 14.47 ? 45  ILE A CA  1 
ATOM   340  C  C   . ILE A 1 45  ? -5.297  9.748   -5.508  1.00 13.75 ? 45  ILE A C   1 
ATOM   341  O  O   . ILE A 1 45  ? -5.089  10.867  -5.048  1.00 14.40 ? 45  ILE A O   1 
ATOM   342  C  CB  . ILE A 1 45  ? -3.132  8.646   -4.975  1.00 12.26 ? 45  ILE A CB  1 
ATOM   343  C  CG1 . ILE A 1 45  ? -1.948  7.853   -5.544  1.00 12.20 ? 45  ILE A CG1 1 
ATOM   344  C  CG2 . ILE A 1 45  ? -3.784  7.881   -3.839  1.00 12.18 ? 45  ILE A CG2 1 
ATOM   345  C  CD1 . ILE A 1 45  ? -2.318  6.498   -6.097  1.00 11.01 ? 45  ILE A CD1 1 
ATOM   346  N  N   . GLU A 1 46  ? -6.498  9.177   -5.526  1.00 14.77 ? 46  GLU A N   1 
ATOM   347  C  CA  . GLU A 1 46  ? -7.687  9.855   -5.017  1.00 13.10 ? 46  GLU A CA  1 
ATOM   348  C  C   . GLU A 1 46  ? -7.902  9.628   -3.526  1.00 12.31 ? 46  GLU A C   1 
ATOM   349  O  O   . GLU A 1 46  ? -8.349  10.526  -2.810  1.00 10.89 ? 46  GLU A O   1 
ATOM   350  C  CB  . GLU A 1 46  ? -8.934  9.385   -5.776  1.00 13.36 ? 46  GLU A CB  1 
ATOM   351  C  CG  . GLU A 1 46  ? -10.208 10.162  -5.423  1.00 12.84 ? 46  GLU A CG  1 
ATOM   352  C  CD  . GLU A 1 46  ? -11.449 9.640   -6.135  1.00 11.87 ? 46  GLU A CD  1 
ATOM   353  O  OE1 . GLU A 1 46  ? -11.380 9.385   -7.353  1.00 9.34  ? 46  GLU A OE1 1 
ATOM   354  O  OE2 . GLU A 1 46  ? -12.499 9.497   -5.473  1.00 12.56 ? 46  GLU A OE2 1 
ATOM   355  N  N   . ARG A 1 47  ? -7.590  8.424   -3.061  1.00 11.87 ? 47  ARG A N   1 
ATOM   356  C  CA  . ARG A 1 47  ? -7.768  8.087   -1.654  1.00 11.94 ? 47  ARG A CA  1 
ATOM   357  C  C   . ARG A 1 47  ? -6.572  7.318   -1.103  1.00 12.31 ? 47  ARG A C   1 
ATOM   358  O  O   . ARG A 1 47  ? -5.886  6.603   -1.840  1.00 11.20 ? 47  ARG A O   1 
ATOM   359  C  CB  . ARG A 1 47  ? -9.042  7.254   -1.479  1.00 12.73 ? 47  ARG A CB  1 
ATOM   360  C  CG  . ARG A 1 47  ? -10.327 8.014   -1.793  1.00 12.84 ? 47  ARG A CG  1 
ATOM   361  C  CD  . ARG A 1 47  ? -10.672 8.983   -0.668  1.00 11.56 ? 47  ARG A CD  1 
ATOM   362  N  NE  . ARG A 1 47  ? -11.295 8.302   0.464   1.00 12.57 ? 47  ARG A NE  1 
ATOM   363  C  CZ  . ARG A 1 47  ? -12.546 7.846   0.468   1.00 12.18 ? 47  ARG A CZ  1 
ATOM   364  N  NH1 . ARG A 1 47  ? -13.314 7.998   -0.606  1.00 10.69 ? 47  ARG A NH1 1 
ATOM   365  N  NH2 . ARG A 1 47  ? -13.034 7.246   1.549   1.00 12.35 ? 47  ARG A NH2 1 
ATOM   366  N  N   . VAL A 1 48  ? -6.337  7.460   0.197   1.00 10.99 ? 48  VAL A N   1 
ATOM   367  C  CA  . VAL A 1 48  ? -5.229  6.782   0.849   1.00 10.77 ? 48  VAL A CA  1 
ATOM   368  C  C   . VAL A 1 48  ? -5.661  6.068   2.126   1.00 10.95 ? 48  VAL A C   1 
ATOM   369  O  O   . VAL A 1 48  ? -6.307  6.656   2.994   1.00 11.16 ? 48  VAL A O   1 
ATOM   370  C  CB  . VAL A 1 48  ? -4.110  7.780   1.187   1.00 12.32 ? 48  VAL A CB  1 
ATOM   371  C  CG1 . VAL A 1 48  ? -2.983  7.077   1.921   1.00 13.42 ? 48  VAL A CG1 1 
ATOM   372  C  CG2 . VAL A 1 48  ? -3.604  8.426   -0.088  1.00 13.19 ? 48  VAL A CG2 1 
ATOM   373  N  N   . LEU A 1 49  ? -5.295  4.792   2.224   1.00 9.64  ? 49  LEU A N   1 
ATOM   374  C  CA  . LEU A 1 49  ? -5.612  3.966   3.383   1.00 10.40 ? 49  LEU A CA  1 
ATOM   375  C  C   . LEU A 1 49  ? -4.270  3.523   3.951   1.00 11.71 ? 49  LEU A C   1 
ATOM   376  O  O   . LEU A 1 49  ? -3.428  3.000   3.221   1.00 14.02 ? 49  LEU A O   1 
ATOM   377  C  CB  . LEU A 1 49  ? -6.433  2.746   2.955   1.00 9.78  ? 49  LEU A CB  1 
ATOM   378  C  CG  . LEU A 1 49  ? -7.663  3.038   2.088   1.00 10.82 ? 49  LEU A CG  1 
ATOM   379  C  CD1 . LEU A 1 49  ? -8.348  1.730   1.703   1.00 11.18 ? 49  LEU A CD1 1 
ATOM   380  C  CD2 . LEU A 1 49  ? -8.625  3.937   2.849   1.00 12.26 ? 49  LEU A CD2 1 
ATOM   381  N  N   . VAL A 1 50  ? -4.062  3.732   5.245   1.00 11.89 ? 50  VAL A N   1 
ATOM   382  C  CA  . VAL A 1 50  ? -2.788  3.374   5.857   1.00 12.01 ? 50  VAL A CA  1 
ATOM   383  C  C   . VAL A 1 50  ? -2.913  2.671   7.206   1.00 12.18 ? 50  VAL A C   1 
ATOM   384  O  O   . VAL A 1 50  ? -3.868  2.886   7.948   1.00 11.59 ? 50  VAL A O   1 
ATOM   385  C  CB  . VAL A 1 50  ? -1.911  4.641   6.039   1.00 13.70 ? 50  VAL A CB  1 
ATOM   386  C  CG1 . VAL A 1 50  ? -2.600  5.616   6.988   1.00 12.16 ? 50  VAL A CG1 1 
ATOM   387  C  CG2 . VAL A 1 50  ? -0.526  4.261   6.554   1.00 14.73 ? 50  VAL A CG2 1 
ATOM   388  N  N   . SER A 1 51  ? -1.935  1.820   7.504   1.00 11.89 ? 51  SER A N   1 
ATOM   389  C  CA  . SER A 1 51  ? -1.885  1.102   8.767   1.00 11.41 ? 51  SER A CA  1 
ATOM   390  C  C   . SER A 1 51  ? -1.583  2.104   9.876   1.00 11.30 ? 51  SER A C   1 
ATOM   391  O  O   . SER A 1 51  ? -0.917  3.109   9.646   1.00 10.33 ? 51  SER A O   1 
ATOM   392  C  CB  . SER A 1 51  ? -0.780  0.048   8.728   1.00 11.91 ? 51  SER A CB  1 
ATOM   393  O  OG  . SER A 1 51  ? -0.432  -0.359  10.037  1.00 14.54 ? 51  SER A OG  1 
ATOM   394  N  N   . PRO A 1 52  ? -2.076  1.840   11.096  1.00 10.89 ? 52  PRO A N   1 
ATOM   395  C  CA  . PRO A 1 52  ? -1.869  2.706   12.264  1.00 11.97 ? 52  PRO A CA  1 
ATOM   396  C  C   . PRO A 1 52  ? -0.425  2.679   12.773  1.00 11.52 ? 52  PRO A C   1 
ATOM   397  O  O   . PRO A 1 52  ? -0.027  3.528   13.565  1.00 11.18 ? 52  PRO A O   1 
ATOM   398  C  CB  . PRO A 1 52  ? -2.832  2.128   13.302  1.00 10.63 ? 52  PRO A CB  1 
ATOM   399  C  CG  . PRO A 1 52  ? -3.887  1.466   12.473  1.00 15.97 ? 52  PRO A CG  1 
ATOM   400  C  CD  . PRO A 1 52  ? -3.069  0.799   11.398  1.00 12.83 ? 52  PRO A CD  1 
ATOM   401  N  N   . PHE A 1 53  ? 0.350   1.695   12.323  1.00 11.02 ? 53  PHE A N   1 
ATOM   402  C  CA  . PHE A 1 53  ? 1.739   1.568   12.759  1.00 11.43 ? 53  PHE A CA  1 
ATOM   403  C  C   . PHE A 1 53  ? 2.652   2.632   12.162  1.00 12.41 ? 53  PHE A C   1 
ATOM   404  O  O   . PHE A 1 53  ? 2.584   2.936   10.966  1.00 13.49 ? 53  PHE A O   1 
ATOM   405  C  CB  . PHE A 1 53  ? 2.275   0.172   12.432  1.00 10.90 ? 53  PHE A CB  1 
ATOM   406  C  CG  . PHE A 1 53  ? 1.684   -0.926  13.284  1.00 12.04 ? 53  PHE A CG  1 
ATOM   407  C  CD1 . PHE A 1 53  ? 0.722   -0.641  14.253  1.00 12.02 ? 53  PHE A CD1 1 
ATOM   408  C  CD2 . PHE A 1 53  ? 2.082   -2.245  13.109  1.00 11.88 ? 53  PHE A CD2 1 
ATOM   409  C  CE1 . PHE A 1 53  ? 0.166   -1.657  15.032  1.00 13.46 ? 53  PHE A CE1 1 
ATOM   410  C  CE2 . PHE A 1 53  ? 1.533   -3.265  13.884  1.00 13.37 ? 53  PHE A CE2 1 
ATOM   411  C  CZ  . PHE A 1 53  ? 0.575   -2.973  14.844  1.00 10.74 ? 53  PHE A CZ  1 
ATOM   412  N  N   . LEU A 1 54  ? 3.517   3.179   13.010  1.00 12.51 ? 54  LEU A N   1 
ATOM   413  C  CA  . LEU A 1 54  ? 4.437   4.239   12.618  1.00 12.67 ? 54  LEU A CA  1 
ATOM   414  C  C   . LEU A 1 54  ? 5.184   4.033   11.306  1.00 12.23 ? 54  LEU A C   1 
ATOM   415  O  O   . LEU A 1 54  ? 5.318   4.975   10.524  1.00 10.40 ? 54  LEU A O   1 
ATOM   416  C  CB  . LEU A 1 54  ? 5.441   4.513   13.748  1.00 14.12 ? 54  LEU A CB  1 
ATOM   417  C  CG  . LEU A 1 54  ? 4.868   5.200   14.997  1.00 15.20 ? 54  LEU A CG  1 
ATOM   418  C  CD1 . LEU A 1 54  ? 5.987   5.596   15.942  1.00 16.08 ? 54  LEU A CD1 1 
ATOM   419  C  CD2 . LEU A 1 54  ? 4.094   6.432   14.583  1.00 17.79 ? 54  LEU A CD2 1 
ATOM   420  N  N   . ARG A 1 55  ? 5.665   2.821   11.047  1.00 11.45 ? 55  ARG A N   1 
ATOM   421  C  CA  . ARG A 1 55  ? 6.394   2.588   9.805   1.00 12.20 ? 55  ARG A CA  1 
ATOM   422  C  C   . ARG A 1 55  ? 5.519   2.773   8.567   1.00 11.31 ? 55  ARG A C   1 
ATOM   423  O  O   . ARG A 1 55  ? 6.006   3.188   7.514   1.00 13.67 ? 55  ARG A O   1 
ATOM   424  C  CB  . ARG A 1 55  ? 7.053   1.201   9.811   1.00 10.50 ? 55  ARG A CB  1 
ATOM   425  C  CG  . ARG A 1 55  ? 6.157   0.022   10.143  1.00 11.85 ? 55  ARG A CG  1 
ATOM   426  C  CD  . ARG A 1 55  ? 7.033   -1.205  10.356  1.00 13.30 ? 55  ARG A CD  1 
ATOM   427  N  NE  . ARG A 1 55  ? 6.305   -2.450  10.608  1.00 13.76 ? 55  ARG A NE  1 
ATOM   428  C  CZ  . ARG A 1 55  ? 5.767   -2.806  11.774  1.00 15.44 ? 55  ARG A CZ  1 
ATOM   429  N  NH1 . ARG A 1 55  ? 5.851   -2.011  12.834  1.00 11.97 ? 55  ARG A NH1 1 
ATOM   430  N  NH2 . ARG A 1 55  ? 5.167   -3.984  11.887  1.00 14.41 ? 55  ARG A NH2 1 
ATOM   431  N  N   . ALA A 1 56  ? 4.228   2.488   8.691   1.00 10.40 ? 56  ALA A N   1 
ATOM   432  C  CA  . ALA A 1 56  ? 3.318   2.654   7.563   1.00 7.99  ? 56  ALA A CA  1 
ATOM   433  C  C   . ALA A 1 56  ? 3.052   4.146   7.342   1.00 10.28 ? 56  ALA A C   1 
ATOM   434  O  O   . ALA A 1 56  ? 3.191   4.660   6.232   1.00 8.76  ? 56  ALA A O   1 
ATOM   435  C  CB  . ALA A 1 56  ? 2.009   1.913   7.827   1.00 7.38  ? 56  ALA A CB  1 
ATOM   436  N  N   . GLU A 1 57  ? 2.688   4.839   8.416   1.00 10.03 ? 57  GLU A N   1 
ATOM   437  C  CA  . GLU A 1 57  ? 2.405   6.264   8.343   1.00 12.53 ? 57  GLU A CA  1 
ATOM   438  C  C   . GLU A 1 57  ? 3.613   7.064   7.842   1.00 11.91 ? 57  GLU A C   1 
ATOM   439  O  O   . GLU A 1 57  ? 3.459   8.000   7.063   1.00 13.71 ? 57  GLU A O   1 
ATOM   440  C  CB  . GLU A 1 57  ? 1.956   6.771   9.723   1.00 13.13 ? 57  GLU A CB  1 
ATOM   441  C  CG  . GLU A 1 57  ? 0.748   6.022   10.276  1.00 15.28 ? 57  GLU A CG  1 
ATOM   442  C  CD  . GLU A 1 57  ? 0.353   6.460   11.679  1.00 16.89 ? 57  GLU A CD  1 
ATOM   443  O  OE1 . GLU A 1 57  ? 1.257   6.769   12.487  1.00 15.35 ? 57  GLU A OE1 1 
ATOM   444  O  OE2 . GLU A 1 57  ? -0.860  6.472   11.980  1.00 16.26 ? 57  GLU A OE2 1 
ATOM   445  N  N   . GLN A 1 58  ? 4.813   6.689   8.277   1.00 10.86 ? 58  GLN A N   1 
ATOM   446  C  CA  . GLN A 1 58  ? 6.010   7.400   7.852   1.00 11.40 ? 58  GLN A CA  1 
ATOM   447  C  C   . GLN A 1 58  ? 6.274   7.149   6.370   1.00 11.17 ? 58  GLN A C   1 
ATOM   448  O  O   . GLN A 1 58  ? 6.728   8.036   5.654   1.00 11.28 ? 58  GLN A O   1 
ATOM   449  C  CB  . GLN A 1 58  ? 7.219   6.958   8.671   1.00 13.56 ? 58  GLN A CB  1 
ATOM   450  C  CG  . GLN A 1 58  ? 8.312   8.007   8.705   1.00 13.37 ? 58  GLN A CG  1 
ATOM   451  C  CD  . GLN A 1 58  ? 9.560   7.536   9.414   1.00 14.69 ? 58  GLN A CD  1 
ATOM   452  O  OE1 . GLN A 1 58  ? 9.509   6.654   10.271  1.00 15.55 ? 58  GLN A OE1 1 
ATOM   453  N  NE2 . GLN A 1 58  ? 10.691  8.139   9.074   1.00 15.70 ? 58  GLN A NE2 1 
ATOM   454  N  N   . THR A 1 59  ? 5.997   5.932   5.914   1.00 11.23 ? 59  THR A N   1 
ATOM   455  C  CA  . THR A 1 59  ? 6.178   5.611   4.507   1.00 11.77 ? 59  THR A CA  1 
ATOM   456  C  C   . THR A 1 59  ? 5.248   6.536   3.722   1.00 11.60 ? 59  THR A C   1 
ATOM   457  O  O   . THR A 1 59  ? 5.621   7.077   2.679   1.00 11.16 ? 59  THR A O   1 
ATOM   458  C  CB  . THR A 1 59  ? 5.806   4.147   4.220   1.00 9.91  ? 59  THR A CB  1 
ATOM   459  O  OG1 . THR A 1 59  ? 6.757   3.280   4.853   1.00 12.89 ? 59  THR A OG1 1 
ATOM   460  C  CG2 . THR A 1 59  ? 5.798   3.885   2.724   1.00 13.67 ? 59  THR A CG2 1 
ATOM   461  N  N   . LEU A 1 60  ? 4.045   6.734   4.255   1.00 13.11 ? 60  LEU A N   1 
ATOM   462  C  CA  . LEU A 1 60  ? 3.045   7.602   3.634   1.00 12.60 ? 60  LEU A CA  1 
ATOM   463  C  C   . LEU A 1 60  ? 3.576   9.038   3.560   1.00 13.03 ? 60  LEU A C   1 
ATOM   464  O  O   . LEU A 1 60  ? 3.446   9.697   2.532   1.00 11.85 ? 60  LEU A O   1 
ATOM   465  C  CB  . LEU A 1 60  ? 1.751   7.586   4.456   1.00 14.42 ? 60  LEU A CB  1 
ATOM   466  C  CG  . LEU A 1 60  ? 0.415   7.964   3.799   1.00 16.76 ? 60  LEU A CG  1 
ATOM   467  C  CD1 . LEU A 1 60  ? -0.509  8.509   4.875   1.00 14.95 ? 60  LEU A CD1 1 
ATOM   468  C  CD2 . LEU A 1 60  ? 0.598   8.997   2.703   1.00 15.74 ? 60  LEU A CD2 1 
ATOM   469  N  N   . GLU A 1 61  ? 4.154   9.518   4.659   1.00 14.28 ? 61  GLU A N   1 
ATOM   470  C  CA  . GLU A 1 61  ? 4.704   10.876  4.708   1.00 16.96 ? 61  GLU A CA  1 
ATOM   471  C  C   . GLU A 1 61  ? 5.682   11.060  3.561   1.00 15.57 ? 61  GLU A C   1 
ATOM   472  O  O   . GLU A 1 61  ? 5.561   11.985  2.759   1.00 16.99 ? 61  GLU A O   1 
ATOM   473  C  CB  . GLU A 1 61  ? 5.483   11.129  6.006   1.00 20.07 ? 61  GLU A CB  1 
ATOM   474  C  CG  . GLU A 1 61  ? 4.730   10.974  7.304   1.00 25.01 ? 61  GLU A CG  1 
ATOM   475  C  CD  . GLU A 1 61  ? 5.650   11.133  8.519   1.00 27.69 ? 61  GLU A CD  1 
ATOM   476  O  OE1 . GLU A 1 61  ? 5.190   10.856  9.645   1.00 26.85 ? 61  GLU A OE1 1 
ATOM   477  O  OE2 . GLU A 1 61  ? 6.833   11.533  8.342   1.00 26.32 ? 61  GLU A OE2 1 
ATOM   478  N  N   . GLU A 1 62  ? 6.661   10.163  3.509   1.00 15.97 ? 62  GLU A N   1 
ATOM   479  C  CA  . GLU A 1 62  ? 7.708   10.194  2.496   1.00 14.90 ? 62  GLU A CA  1 
ATOM   480  C  C   . GLU A 1 62  ? 7.146   10.205  1.081   1.00 14.73 ? 62  GLU A C   1 
ATOM   481  O  O   . GLU A 1 62  ? 7.573   10.998  0.236   1.00 13.46 ? 62  GLU A O   1 
ATOM   482  C  CB  . GLU A 1 62  ? 8.641   8.996   2.701   1.00 16.14 ? 62  GLU A CB  1 
ATOM   483  C  CG  . GLU A 1 62  ? 9.438   9.072   4.002   1.00 18.36 ? 62  GLU A CG  1 
ATOM   484  C  CD  . GLU A 1 62  ? 10.495  10.166  3.978   1.00 21.61 ? 62  GLU A CD  1 
ATOM   485  O  OE1 . GLU A 1 62  ? 10.672  10.864  5.002   1.00 20.36 ? 62  GLU A OE1 1 
ATOM   486  O  OE2 . GLU A 1 62  ? 11.156  10.318  2.932   1.00 21.01 ? 62  GLU A OE2 1 
ATOM   487  N  N   . VAL A 1 63  ? 6.181   9.329   0.826   1.00 13.64 ? 63  VAL A N   1 
ATOM   488  C  CA  . VAL A 1 63  ? 5.558   9.250   -0.483  1.00 13.39 ? 63  VAL A CA  1 
ATOM   489  C  C   . VAL A 1 63  ? 4.842   10.555  -0.804  1.00 13.73 ? 63  VAL A C   1 
ATOM   490  O  O   . VAL A 1 63  ? 4.996   11.102  -1.895  1.00 14.80 ? 63  VAL A O   1 
ATOM   491  C  CB  . VAL A 1 63  ? 4.544   8.090   -0.549  1.00 12.30 ? 63  VAL A CB  1 
ATOM   492  C  CG1 . VAL A 1 63  ? 3.716   8.185   -1.822  1.00 11.58 ? 63  VAL A CG1 1 
ATOM   493  C  CG2 . VAL A 1 63  ? 5.281   6.761   -0.507  1.00 14.25 ? 63  VAL A CG2 1 
ATOM   494  N  N   . GLY A 1 64  ? 4.064   11.044  0.156   1.00 13.12 ? 64  GLY A N   1 
ATOM   495  C  CA  . GLY A 1 64  ? 3.324   12.281  -0.029  1.00 14.53 ? 64  GLY A CA  1 
ATOM   496  C  C   . GLY A 1 64  ? 4.220   13.461  -0.339  1.00 17.09 ? 64  GLY A C   1 
ATOM   497  O  O   . GLY A 1 64  ? 3.766   14.476  -0.876  1.00 17.60 ? 64  GLY A O   1 
ATOM   498  N  N   . ASP A 1 65  ? 5.498   13.332  0.000   1.00 17.34 ? 65  ASP A N   1 
ATOM   499  C  CA  . ASP A 1 65  ? 6.462   14.390  -0.255  1.00 17.69 ? 65  ASP A CA  1 
ATOM   500  C  C   . ASP A 1 65  ? 6.875   14.440  -1.718  1.00 17.77 ? 65  ASP A C   1 
ATOM   501  O  O   . ASP A 1 65  ? 7.328   15.469  -2.187  1.00 14.48 ? 65  ASP A O   1 
ATOM   502  C  CB  . ASP A 1 65  ? 7.712   14.203  0.606   1.00 17.63 ? 65  ASP A CB  1 
ATOM   503  C  CG  . ASP A 1 65  ? 7.548   14.751  2.011   1.00 19.04 ? 65  ASP A CG  1 
ATOM   504  O  OD1 . ASP A 1 65  ? 6.464   15.282  2.336   1.00 19.92 ? 65  ASP A OD1 1 
ATOM   505  O  OD2 . ASP A 1 65  ? 8.513   14.651  2.789   1.00 19.07 ? 65  ASP A OD2 1 
ATOM   506  N  N   . CYS A 1 66  ? 6.721   13.334  -2.439  1.00 18.14 ? 66  CYS A N   1 
ATOM   507  C  CA  . CYS A 1 66  ? 7.118   13.300  -3.843  1.00 19.15 ? 66  CYS A CA  1 
ATOM   508  C  C   . CYS A 1 66  ? 5.941   13.169  -4.803  1.00 19.96 ? 66  CYS A C   1 
ATOM   509  O  O   . CYS A 1 66  ? 6.033   13.549  -5.973  1.00 20.61 ? 66  CYS A O   1 
ATOM   510  C  CB  . CYS A 1 66  ? 8.086   12.138  -4.079  1.00 17.83 ? 66  CYS A CB  1 
ATOM   511  S  SG  . CYS A 1 66  ? 9.491   12.064  -2.947  1.00 21.25 ? 66  CYS A SG  1 
ATOM   512  N  N   . LEU A 1 67  ? 4.836   12.635  -4.305  1.00 19.71 ? 67  LEU A N   1 
ATOM   513  C  CA  . LEU A 1 67  ? 3.646   12.422  -5.121  1.00 19.88 ? 67  LEU A CA  1 
ATOM   514  C  C   . LEU A 1 67  ? 2.468   13.203  -4.537  1.00 20.19 ? 67  LEU A C   1 
ATOM   515  O  O   . LEU A 1 67  ? 2.277   13.228  -3.323  1.00 20.70 ? 67  LEU A O   1 
ATOM   516  C  CB  . LEU A 1 67  ? 3.340   10.921  -5.146  1.00 19.30 ? 67  LEU A CB  1 
ATOM   517  C  CG  . LEU A 1 67  ? 2.244   10.306  -6.013  1.00 17.92 ? 67  LEU A CG  1 
ATOM   518  C  CD1 . LEU A 1 67  ? 2.563   10.497  -7.482  1.00 18.30 ? 67  LEU A CD1 1 
ATOM   519  C  CD2 . LEU A 1 67  ? 2.156   8.817   -5.699  1.00 19.20 ? 67  LEU A CD2 1 
ATOM   520  N  N   . ASN A 1 68  ? 1.685   13.851  -5.394  1.00 20.85 ? 68  ASN A N   1 
ATOM   521  C  CA  . ASN A 1 68  ? 0.537   14.619  -4.920  1.00 23.22 ? 68  ASN A CA  1 
ATOM   522  C  C   . ASN A 1 68  ? -0.493  13.663  -4.327  1.00 23.42 ? 68  ASN A C   1 
ATOM   523  O  O   . ASN A 1 68  ? -1.106  12.876  -5.053  1.00 23.94 ? 68  ASN A O   1 
ATOM   524  C  CB  . ASN A 1 68  ? -0.108  15.411  -6.068  1.00 25.76 ? 68  ASN A CB  1 
ATOM   525  C  CG  . ASN A 1 68  ? 0.892   16.267  -6.836  1.00 28.71 ? 68  ASN A CG  1 
ATOM   526  O  OD1 . ASN A 1 68  ? 1.829   16.823  -6.257  1.00 31.98 ? 68  ASN A OD1 1 
ATOM   527  N  ND2 . ASN A 1 68  ? 0.682   16.393  -8.147  1.00 29.75 ? 68  ASN A ND2 1 
ATOM   528  N  N   . LEU A 1 69  ? -0.676  13.725  -3.011  1.00 22.92 ? 69  LEU A N   1 
ATOM   529  C  CA  . LEU A 1 69  ? -1.634  12.860  -2.328  1.00 22.38 ? 69  LEU A CA  1 
ATOM   530  C  C   . LEU A 1 69  ? -2.755  13.663  -1.686  1.00 23.13 ? 69  LEU A C   1 
ATOM   531  O  O   . LEU A 1 69  ? -2.619  14.866  -1.462  1.00 23.36 ? 69  LEU A O   1 
ATOM   532  C  CB  . LEU A 1 69  ? -0.930  12.028  -1.249  1.00 20.64 ? 69  LEU A CB  1 
ATOM   533  C  CG  . LEU A 1 69  ? 0.020   10.928  -1.726  1.00 19.01 ? 69  LEU A CG  1 
ATOM   534  C  CD1 . LEU A 1 69  ? 0.641   10.209  -0.533  1.00 17.93 ? 69  LEU A CD1 1 
ATOM   535  C  CD2 . LEU A 1 69  ? -0.748  9.950   -2.586  1.00 18.92 ? 69  LEU A CD2 1 
ATOM   536  N  N   . PRO A 1 70  ? -3.887  13.003  -1.381  1.00 23.74 ? 70  PRO A N   1 
ATOM   537  C  CA  . PRO A 1 70  ? -5.025  13.684  -0.755  1.00 24.40 ? 70  PRO A CA  1 
ATOM   538  C  C   . PRO A 1 70  ? -4.587  14.332  0.547   1.00 25.54 ? 70  PRO A C   1 
ATOM   539  O  O   . PRO A 1 70  ? -3.663  13.853  1.210   1.00 25.37 ? 70  PRO A O   1 
ATOM   540  C  CB  . PRO A 1 70  ? -6.023  12.552  -0.521  1.00 24.06 ? 70  PRO A CB  1 
ATOM   541  C  CG  . PRO A 1 70  ? -5.712  11.600  -1.615  1.00 24.60 ? 70  PRO A CG  1 
ATOM   542  C  CD  . PRO A 1 70  ? -4.202  11.586  -1.624  1.00 23.56 ? 70  PRO A CD  1 
ATOM   543  N  N   . SER A 1 71  ? -5.251  15.421  0.914   1.00 27.12 ? 71  SER A N   1 
ATOM   544  C  CA  . SER A 1 71  ? -4.917  16.123  2.141   1.00 29.12 ? 71  SER A CA  1 
ATOM   545  C  C   . SER A 1 71  ? -5.097  15.180  3.313   1.00 29.37 ? 71  SER A C   1 
ATOM   546  O  O   . SER A 1 71  ? -4.275  15.138  4.231   1.00 30.26 ? 71  SER A O   1 
ATOM   547  C  CB  . SER A 1 71  ? -5.816  17.346  2.317   1.00 29.54 ? 71  SER A CB  1 
ATOM   548  O  OG  . SER A 1 71  ? -5.491  18.024  3.515   1.00 31.20 ? 71  SER A OG  1 
ATOM   549  N  N   . SER A 1 72  ? -6.176  14.407  3.274   1.00 28.89 ? 72  SER A N   1 
ATOM   550  C  CA  . SER A 1 72  ? -6.446  13.468  4.345   1.00 29.09 ? 72  SER A CA  1 
ATOM   551  C  C   . SER A 1 72  ? -6.046  12.044  3.972   1.00 28.96 ? 72  SER A C   1 
ATOM   552  O  O   . SER A 1 72  ? -5.722  11.744  2.817   1.00 29.25 ? 72  SER A O   1 
ATOM   553  C  CB  . SER A 1 72  ? -7.930  13.507  4.720   1.00 29.20 ? 72  SER A CB  1 
ATOM   554  O  OG  . SER A 1 72  ? -8.304  14.810  5.129   1.00 31.99 ? 72  SER A OG  1 
ATOM   555  N  N   . ALA A 1 73  ? -6.054  11.182  4.977   1.00 27.16 ? 73  ALA A N   1 
ATOM   556  C  CA  . ALA A 1 73  ? -5.723  9.780   4.814   1.00 24.32 ? 73  ALA A CA  1 
ATOM   557  C  C   . ALA A 1 73  ? -6.589  9.062   5.830   1.00 22.50 ? 73  ALA A C   1 
ATOM   558  O  O   . ALA A 1 73  ? -6.942  9.630   6.860   1.00 22.57 ? 73  ALA A O   1 
ATOM   559  C  CB  . ALA A 1 73  ? -4.253  9.546   5.109   1.00 25.31 ? 73  ALA A CB  1 
ATOM   560  N  N   . GLU A 1 74  ? -6.947  7.823   5.533   1.00 20.35 ? 74  GLU A N   1 
ATOM   561  C  CA  . GLU A 1 74  ? -7.779  7.050   6.428   1.00 16.78 ? 74  GLU A CA  1 
ATOM   562  C  C   . GLU A 1 74  ? -6.925  5.983   7.087   1.00 15.07 ? 74  GLU A C   1 
ATOM   563  O  O   . GLU A 1 74  ? -6.399  5.094   6.417   1.00 12.43 ? 74  GLU A O   1 
ATOM   564  C  CB  . GLU A 1 74  ? -8.928  6.424   5.637   1.00 16.98 ? 74  GLU A CB  1 
ATOM   565  C  CG  . GLU A 1 74  ? -9.844  7.472   5.038   1.00 17.24 ? 74  GLU A CG  1 
ATOM   566  C  CD  . GLU A 1 74  ? -10.291 7.145   3.627   1.00 15.02 ? 74  GLU A CD  1 
ATOM   567  O  OE1 . GLU A 1 74  ? -11.066 6.179   3.446   1.00 11.90 ? 74  GLU A OE1 1 
ATOM   568  O  OE2 . GLU A 1 74  ? -9.857  7.862   2.698   1.00 15.87 ? 74  GLU A OE2 1 
ATOM   569  N  N   . VAL A 1 75  ? -6.773  6.101   8.401   1.00 12.39 ? 75  VAL A N   1 
ATOM   570  C  CA  . VAL A 1 75  ? -5.989  5.157   9.178   1.00 12.74 ? 75  VAL A CA  1 
ATOM   571  C  C   . VAL A 1 75  ? -6.911  3.996   9.515   1.00 13.77 ? 75  VAL A C   1 
ATOM   572  O  O   . VAL A 1 75  ? -7.878  4.164   10.261  1.00 13.67 ? 75  VAL A O   1 
ATOM   573  C  CB  . VAL A 1 75  ? -5.470  5.807   10.477  1.00 13.78 ? 75  VAL A CB  1 
ATOM   574  C  CG1 . VAL A 1 75  ? -4.635  4.805   11.265  1.00 12.11 ? 75  VAL A CG1 1 
ATOM   575  C  CG2 . VAL A 1 75  ? -4.632  7.038   10.135  1.00 13.05 ? 75  VAL A CG2 1 
ATOM   576  N  N   . LEU A 1 76  ? -6.609  2.831   8.950   1.00 11.63 ? 76  LEU A N   1 
ATOM   577  C  CA  . LEU A 1 76  ? -7.421  1.634   9.146   1.00 13.66 ? 76  LEU A CA  1 
ATOM   578  C  C   . LEU A 1 76  ? -6.768  0.610   10.060  1.00 12.50 ? 76  LEU A C   1 
ATOM   579  O  O   . LEU A 1 76  ? -5.647  0.172   9.810   1.00 12.36 ? 76  LEU A O   1 
ATOM   580  C  CB  . LEU A 1 76  ? -7.714  0.971   7.789   1.00 13.85 ? 76  LEU A CB  1 
ATOM   581  C  CG  . LEU A 1 76  ? -8.762  1.571   6.845   1.00 16.11 ? 76  LEU A CG  1 
ATOM   582  C  CD1 . LEU A 1 76  ? -8.419  3.008   6.518   1.00 15.68 ? 76  LEU A CD1 1 
ATOM   583  C  CD2 . LEU A 1 76  ? -8.822  0.729   5.563   1.00 13.99 ? 76  LEU A CD2 1 
ATOM   584  N  N   . PRO A 1 77  ? -7.468  0.207   11.134  1.00 12.39 ? 77  PRO A N   1 
ATOM   585  C  CA  . PRO A 1 77  ? -6.917  -0.781  12.066  1.00 12.08 ? 77  PRO A CA  1 
ATOM   586  C  C   . PRO A 1 77  ? -6.714  -2.148  11.414  1.00 12.70 ? 77  PRO A C   1 
ATOM   587  O  O   . PRO A 1 77  ? -5.871  -2.926  11.850  1.00 12.06 ? 77  PRO A O   1 
ATOM   588  C  CB  . PRO A 1 77  ? -7.963  -0.838  13.175  1.00 12.27 ? 77  PRO A CB  1 
ATOM   589  C  CG  . PRO A 1 77  ? -8.558  0.545   13.159  1.00 13.09 ? 77  PRO A CG  1 
ATOM   590  C  CD  . PRO A 1 77  ? -8.707  0.795   11.670  1.00 13.27 ? 77  PRO A CD  1 
ATOM   591  N  N   . GLU A 1 78  ? -7.489  -2.438  10.372  1.00 12.66 ? 78  GLU A N   1 
ATOM   592  C  CA  . GLU A 1 78  ? -7.377  -3.732  9.703   1.00 13.06 ? 78  GLU A CA  1 
ATOM   593  C  C   . GLU A 1 78  ? -6.213  -3.817  8.724   1.00 12.65 ? 78  GLU A C   1 
ATOM   594  O  O   . GLU A 1 78  ? -6.074  -4.811  8.020   1.00 12.40 ? 78  GLU A O   1 
ATOM   595  C  CB  . GLU A 1 78  ? -8.686  -4.077  8.987   1.00 13.90 ? 78  GLU A CB  1 
ATOM   596  C  CG  . GLU A 1 78  ? -9.874  -4.209  9.922   1.00 14.90 ? 78  GLU A CG  1 
ATOM   597  C  CD  . GLU A 1 78  ? -9.676  -5.287  10.980  1.00 17.77 ? 78  GLU A CD  1 
ATOM   598  O  OE1 . GLU A 1 78  ? -10.502 -5.344  11.918  1.00 19.06 ? 78  GLU A OE1 1 
ATOM   599  O  OE2 . GLU A 1 78  ? -8.708  -6.077  10.879  1.00 15.68 ? 78  GLU A OE2 1 
ATOM   600  N  N   . LEU A 1 79  ? -5.383  -2.777  8.687   1.00 12.93 ? 79  LEU A N   1 
ATOM   601  C  CA  . LEU A 1 79  ? -4.218  -2.752  7.803   1.00 13.54 ? 79  LEU A CA  1 
ATOM   602  C  C   . LEU A 1 79  ? -2.944  -3.135  8.549   1.00 13.38 ? 79  LEU A C   1 
ATOM   603  O  O   . LEU A 1 79  ? -1.855  -3.156  7.974   1.00 15.74 ? 79  LEU A O   1 
ATOM   604  C  CB  . LEU A 1 79  ? -4.059  -1.369  7.158   1.00 11.13 ? 79  LEU A CB  1 
ATOM   605  C  CG  . LEU A 1 79  ? -5.071  -1.076  6.048   1.00 12.34 ? 79  LEU A CG  1 
ATOM   606  C  CD1 . LEU A 1 79  ? -4.888  0.333   5.505   1.00 11.57 ? 79  LEU A CD1 1 
ATOM   607  C  CD2 . LEU A 1 79  ? -4.893  -2.102  4.941   1.00 11.45 ? 79  LEU A CD2 1 
ATOM   608  N  N   . THR A 1 80  ? -3.082  -3.431  9.836   1.00 14.29 ? 80  THR A N   1 
ATOM   609  C  CA  . THR A 1 80  ? -1.943  -3.845  10.647  1.00 14.27 ? 80  THR A CA  1 
ATOM   610  C  C   . THR A 1 80  ? -1.545  -5.233  10.145  1.00 14.17 ? 80  THR A C   1 
ATOM   611  O  O   . THR A 1 80  ? -2.300  -5.867  9.412   1.00 14.47 ? 80  THR A O   1 
ATOM   612  C  CB  . THR A 1 80  ? -2.317  -3.935  12.141  1.00 15.27 ? 80  THR A CB  1 
ATOM   613  O  OG1 . THR A 1 80  ? -3.441  -4.808  12.303  1.00 16.84 ? 80  THR A OG1 1 
ATOM   614  C  CG2 . THR A 1 80  ? -2.653  -2.561  12.693  1.00 13.14 ? 80  THR A CG2 1 
ATOM   615  N  N   . PRO A 1 81  ? -0.356  -5.716  10.526  1.00 14.11 ? 81  PRO A N   1 
ATOM   616  C  CA  . PRO A 1 81  ? 0.106   -7.036  10.092  1.00 13.47 ? 81  PRO A CA  1 
ATOM   617  C  C   . PRO A 1 81  ? -0.934  -8.155  10.203  1.00 15.29 ? 81  PRO A C   1 
ATOM   618  O  O   . PRO A 1 81  ? -1.033  -8.999  9.314   1.00 12.92 ? 81  PRO A O   1 
ATOM   619  C  CB  . PRO A 1 81  ? 1.315   -7.279  10.989  1.00 14.37 ? 81  PRO A CB  1 
ATOM   620  C  CG  . PRO A 1 81  ? 1.895   -5.908  11.104  1.00 13.65 ? 81  PRO A CG  1 
ATOM   621  C  CD  . PRO A 1 81  ? 0.669   -5.052  11.353  1.00 14.42 ? 81  PRO A CD  1 
ATOM   622  N  N   . CYS A 1 82  ? -1.709  -8.146  11.287  1.00 15.37 ? 82  CYS A N   1 
ATOM   623  C  CA  . CYS A 1 82  ? -2.727  -9.174  11.536  1.00 19.43 ? 82  CYS A CA  1 
ATOM   624  C  C   . CYS A 1 82  ? -4.129  -8.781  11.075  1.00 17.96 ? 82  CYS A C   1 
ATOM   625  O  O   . CYS A 1 82  ? -5.114  -9.438  11.420  1.00 17.30 ? 82  CYS A O   1 
ATOM   626  C  CB  . CYS A 1 82  ? -2.777  -9.497  13.030  1.00 21.69 ? 82  CYS A CB  1 
ATOM   627  S  SG  . CYS A 1 82  ? -1.192  -9.957  13.739  1.00 29.02 ? 82  CYS A SG  1 
ATOM   628  N  N   . GLY A 1 83  ? -4.207  -7.709  10.298  1.00 16.30 ? 83  GLY A N   1 
ATOM   629  C  CA  . GLY A 1 83  ? -5.483  -7.226  9.808   1.00 15.98 ? 83  GLY A CA  1 
ATOM   630  C  C   . GLY A 1 83  ? -6.327  -8.261  9.095   1.00 16.39 ? 83  GLY A C   1 
ATOM   631  O  O   . GLY A 1 83  ? -5.817  -9.219  8.517   1.00 14.69 ? 83  GLY A O   1 
ATOM   632  N  N   . ASP A 1 84  ? -7.637  -8.050  9.137   1.00 16.75 ? 84  ASP A N   1 
ATOM   633  C  CA  . ASP A 1 84  ? -8.589  -8.950  8.504   1.00 15.96 ? 84  ASP A CA  1 
ATOM   634  C  C   . ASP A 1 84  ? -8.705  -8.595  7.021   1.00 15.60 ? 84  ASP A C   1 
ATOM   635  O  O   . ASP A 1 84  ? -9.344  -7.603  6.660   1.00 14.45 ? 84  ASP A O   1 
ATOM   636  C  CB  . ASP A 1 84  ? -9.944  -8.813  9.192   1.00 16.20 ? 84  ASP A CB  1 
ATOM   637  C  CG  . ASP A 1 84  ? -10.941 -9.835  8.711   1.00 17.47 ? 84  ASP A CG  1 
ATOM   638  O  OD1 . ASP A 1 84  ? -11.480 -10.576 9.557   1.00 22.53 ? 84  ASP A OD1 1 
ATOM   639  O  OD2 . ASP A 1 84  ? -11.184 -9.901  7.492   1.00 18.02 ? 84  ASP A OD2 1 
ATOM   640  N  N   . VAL A 1 85  ? -8.079  -9.400  6.167   1.00 15.04 ? 85  VAL A N   1 
ATOM   641  C  CA  . VAL A 1 85  ? -8.092  -9.145  4.733   1.00 14.89 ? 85  VAL A CA  1 
ATOM   642  C  C   . VAL A 1 85  ? -9.510  -9.065  4.175   1.00 15.21 ? 85  VAL A C   1 
ATOM   643  O  O   . VAL A 1 85  ? -9.751  -8.418  3.155   1.00 15.06 ? 85  VAL A O   1 
ATOM   644  C  CB  . VAL A 1 85  ? -7.298  -10.229 3.960   1.00 17.41 ? 85  VAL A CB  1 
ATOM   645  C  CG1 . VAL A 1 85  ? -8.112  -11.515 3.861   1.00 18.14 ? 85  VAL A CG1 1 
ATOM   646  C  CG2 . VAL A 1 85  ? -6.928  -9.717  2.582   1.00 17.28 ? 85  VAL A CG2 1 
ATOM   647  N  N   . GLY A 1 86  ? -10.447 -9.719  4.849   1.00 14.17 ? 86  GLY A N   1 
ATOM   648  C  CA  . GLY A 1 86  ? -11.825 -9.692  4.394   1.00 13.09 ? 86  GLY A CA  1 
ATOM   649  C  C   . GLY A 1 86  ? -12.424 -8.306  4.517   1.00 13.46 ? 86  GLY A C   1 
ATOM   650  O  O   . GLY A 1 86  ? -13.097 -7.829  3.602   1.00 12.47 ? 86  GLY A O   1 
ATOM   651  N  N   . LEU A 1 87  ? -12.178 -7.662  5.654   1.00 13.01 ? 87  LEU A N   1 
ATOM   652  C  CA  . LEU A 1 87  ? -12.698 -6.325  5.905   1.00 13.59 ? 87  LEU A CA  1 
ATOM   653  C  C   . LEU A 1 87  ? -11.997 -5.299  5.017   1.00 13.51 ? 87  LEU A C   1 
ATOM   654  O  O   . LEU A 1 87  ? -12.604 -4.325  4.588   1.00 12.77 ? 87  LEU A O   1 
ATOM   655  C  CB  . LEU A 1 87  ? -12.524 -5.958  7.383   1.00 15.70 ? 87  LEU A CB  1 
ATOM   656  C  CG  . LEU A 1 87  ? -13.331 -6.772  8.404   1.00 15.56 ? 87  LEU A CG  1 
ATOM   657  C  CD1 . LEU A 1 87  ? -12.961 -6.335  9.820   1.00 16.88 ? 87  LEU A CD1 1 
ATOM   658  C  CD2 . LEU A 1 87  ? -14.822 -6.580  8.160   1.00 15.41 ? 87  LEU A CD2 1 
ATOM   659  N  N   . VAL A 1 88  ? -10.715 -5.517  4.742   1.00 12.36 ? 88  VAL A N   1 
ATOM   660  C  CA  . VAL A 1 88  ? -9.985  -4.601  3.878   1.00 13.35 ? 88  VAL A CA  1 
ATOM   661  C  C   . VAL A 1 88  ? -10.610 -4.704  2.488   1.00 14.20 ? 88  VAL A C   1 
ATOM   662  O  O   . VAL A 1 88  ? -10.885 -3.698  1.833   1.00 12.78 ? 88  VAL A O   1 
ATOM   663  C  CB  . VAL A 1 88  ? -8.489  -4.973  3.794   1.00 13.19 ? 88  VAL A CB  1 
ATOM   664  C  CG1 . VAL A 1 88  ? -7.779  -4.028  2.841   1.00 13.19 ? 88  VAL A CG1 1 
ATOM   665  C  CG2 . VAL A 1 88  ? -7.859  -4.903  5.181   1.00 12.57 ? 88  VAL A CG2 1 
ATOM   666  N  N   . SER A 1 89  ? -10.833 -5.938  2.054   1.00 13.11 ? 89  SER A N   1 
ATOM   667  C  CA  . SER A 1 89  ? -11.442 -6.220  0.759   1.00 13.72 ? 89  SER A CA  1 
ATOM   668  C  C   . SER A 1 89  ? -12.806 -5.535  0.630   1.00 13.72 ? 89  SER A C   1 
ATOM   669  O  O   . SER A 1 89  ? -13.108 -4.907  -0.390  1.00 14.13 ? 89  SER A O   1 
ATOM   670  C  CB  . SER A 1 89  ? -11.606 -7.733  0.601   1.00 15.04 ? 89  SER A CB  1 
ATOM   671  O  OG  . SER A 1 89  ? -12.461 -8.049  -0.476  1.00 20.40 ? 89  SER A OG  1 
ATOM   672  N  N   . ALA A 1 90  ? -13.625 -5.659  1.671   1.00 11.27 ? 90  ALA A N   1 
ATOM   673  C  CA  . ALA A 1 90  ? -14.954 -5.057  1.679   1.00 10.14 ? 90  ALA A CA  1 
ATOM   674  C  C   . ALA A 1 90  ? -14.890 -3.528  1.686   1.00 10.26 ? 90  ALA A C   1 
ATOM   675  O  O   . ALA A 1 90  ? -15.721 -2.860  1.069   1.00 11.20 ? 90  ALA A O   1 
ATOM   676  C  CB  . ALA A 1 90  ? -15.740 -5.550  2.891   1.00 10.09 ? 90  ALA A CB  1 
ATOM   677  N  N   . TYR A 1 91  ? -13.906 -2.977  2.388   1.00 10.59 ? 91  TYR A N   1 
ATOM   678  C  CA  . TYR A 1 91  ? -13.741 -1.530  2.460   1.00 11.78 ? 91  TYR A CA  1 
ATOM   679  C  C   . TYR A 1 91  ? -13.432 -1.038  1.039   1.00 11.76 ? 91  TYR A C   1 
ATOM   680  O  O   . TYR A 1 91  ? -13.999 -0.050  0.571   1.00 11.35 ? 91  TYR A O   1 
ATOM   681  C  CB  . TYR A 1 91  ? -12.585 -1.186  3.413   1.00 11.55 ? 91  TYR A CB  1 
ATOM   682  C  CG  . TYR A 1 91  ? -12.495 0.268   3.847   1.00 11.39 ? 91  TYR A CG  1 
ATOM   683  C  CD1 . TYR A 1 91  ? -12.929 0.666   5.114   1.00 12.18 ? 91  TYR A CD1 1 
ATOM   684  C  CD2 . TYR A 1 91  ? -11.931 1.237   3.013   1.00 10.74 ? 91  TYR A CD2 1 
ATOM   685  C  CE1 . TYR A 1 91  ? -12.797 1.988   5.541   1.00 11.57 ? 91  TYR A CE1 1 
ATOM   686  C  CE2 . TYR A 1 91  ? -11.797 2.563   3.432   1.00 10.27 ? 91  TYR A CE2 1 
ATOM   687  C  CZ  . TYR A 1 91  ? -12.230 2.929   4.697   1.00 12.71 ? 91  TYR A CZ  1 
ATOM   688  O  OH  . TYR A 1 91  ? -12.094 4.235   5.122   1.00 13.19 ? 91  TYR A OH  1 
ATOM   689  N  N   . LEU A 1 92  ? -12.541 -1.748  0.352   1.00 11.44 ? 92  LEU A N   1 
ATOM   690  C  CA  . LEU A 1 92  ? -12.167 -1.385  -1.009  1.00 10.77 ? 92  LEU A CA  1 
ATOM   691  C  C   . LEU A 1 92  ? -13.341 -1.505  -1.980  1.00 10.98 ? 92  LEU A C   1 
ATOM   692  O  O   . LEU A 1 92  ? -13.508 -0.663  -2.862  1.00 10.80 ? 92  LEU A O   1 
ATOM   693  C  CB  . LEU A 1 92  ? -10.988 -2.243  -1.485  1.00 9.71  ? 92  LEU A CB  1 
ATOM   694  C  CG  . LEU A 1 92  ? -9.610  -1.763  -1.017  1.00 11.11 ? 92  LEU A CG  1 
ATOM   695  C  CD1 . LEU A 1 92  ? -8.556  -2.844  -1.241  1.00 11.23 ? 92  LEU A CD1 1 
ATOM   696  C  CD2 . LEU A 1 92  ? -9.245  -0.493  -1.767  1.00 11.61 ? 92  LEU A CD2 1 
ATOM   697  N  N   . GLN A 1 93  ? -14.158 -2.544  -1.811  1.00 10.84 ? 93  GLN A N   1 
ATOM   698  C  CA  . GLN A 1 93  ? -15.316 -2.736  -2.679  1.00 10.98 ? 93  GLN A CA  1 
ATOM   699  C  C   . GLN A 1 93  ? -16.288 -1.578  -2.458  1.00 11.30 ? 93  GLN A C   1 
ATOM   700  O  O   . GLN A 1 93  ? -16.907 -1.087  -3.403  1.00 9.89  ? 93  GLN A O   1 
ATOM   701  C  CB  . GLN A 1 93  ? -15.998 -4.085  -2.390  1.00 11.34 ? 93  GLN A CB  1 
ATOM   702  C  CG  . GLN A 1 93  ? -17.331 -4.288  -3.120  1.00 13.46 ? 93  GLN A CG  1 
ATOM   703  C  CD  . GLN A 1 93  ? -17.818 -5.732  -3.118  1.00 14.10 ? 93  GLN A CD  1 
ATOM   704  O  OE1 . GLN A 1 93  ? -17.634 -6.467  -2.143  1.00 16.88 ? 93  GLN A OE1 1 
ATOM   705  N  NE2 . GLN A 1 93  ? -18.459 -6.140  -4.211  1.00 13.39 ? 93  GLN A NE2 1 
ATOM   706  N  N   . ALA A 1 94  ? -16.405 -1.136  -1.206  1.00 12.19 ? 94  ALA A N   1 
ATOM   707  C  CA  . ALA A 1 94  ? -17.278 -0.018  -0.871  1.00 12.65 ? 94  ALA A CA  1 
ATOM   708  C  C   . ALA A 1 94  ? -16.838 1.205   -1.670  1.00 12.75 ? 94  ALA A C   1 
ATOM   709  O  O   . ALA A 1 94  ? -17.626 1.786   -2.414  1.00 13.57 ? 94  ALA A O   1 
ATOM   710  C  CB  . ALA A 1 94  ? -17.205 0.284   0.615   1.00 11.99 ? 94  ALA A CB  1 
ATOM   711  N  N   . LEU A 1 95  ? -15.574 1.590   -1.523  1.00 13.59 ? 95  LEU A N   1 
ATOM   712  C  CA  . LEU A 1 95  ? -15.059 2.747   -2.242  1.00 13.03 ? 95  LEU A CA  1 
ATOM   713  C  C   . LEU A 1 95  ? -15.251 2.593   -3.749  1.00 14.04 ? 95  LEU A C   1 
ATOM   714  O  O   . LEU A 1 95  ? -15.541 3.567   -4.444  1.00 14.54 ? 95  LEU A O   1 
ATOM   715  C  CB  . LEU A 1 95  ? -13.577 2.960   -1.920  1.00 15.09 ? 95  LEU A CB  1 
ATOM   716  C  CG  . LEU A 1 95  ? -13.215 3.246   -0.457  1.00 13.80 ? 95  LEU A CG  1 
ATOM   717  C  CD1 . LEU A 1 95  ? -11.723 3.564   -0.352  1.00 15.78 ? 95  LEU A CD1 1 
ATOM   718  C  CD2 . LEU A 1 95  ? -14.038 4.408   0.059   1.00 12.77 ? 95  LEU A CD2 1 
ATOM   719  N  N   . THR A 1 96  ? -15.091 1.373   -4.254  1.00 13.39 ? 96  THR A N   1 
ATOM   720  C  CA  . THR A 1 96  ? -15.258 1.115   -5.681  1.00 14.12 ? 96  THR A CA  1 
ATOM   721  C  C   . THR A 1 96  ? -16.670 1.483   -6.123  1.00 13.46 ? 96  THR A C   1 
ATOM   722  O  O   . THR A 1 96  ? -16.854 2.139   -7.145  1.00 14.93 ? 96  THR A O   1 
ATOM   723  C  CB  . THR A 1 96  ? -14.986 -0.374  -6.026  1.00 14.10 ? 96  THR A CB  1 
ATOM   724  O  OG1 . THR A 1 96  ? -13.604 -0.672  -5.793  1.00 13.98 ? 96  THR A OG1 1 
ATOM   725  C  CG2 . THR A 1 96  ? -15.313 -0.659  -7.487  1.00 15.72 ? 96  THR A CG2 1 
ATOM   726  N  N   . ASN A 1 97  ? -17.664 1.069   -5.345  1.00 14.24 ? 97  ASN A N   1 
ATOM   727  C  CA  . ASN A 1 97  ? -19.056 1.363   -5.660  1.00 12.62 ? 97  ASN A CA  1 
ATOM   728  C  C   . ASN A 1 97  ? -19.396 2.828   -5.399  1.00 12.94 ? 97  ASN A C   1 
ATOM   729  O  O   . ASN A 1 97  ? -20.394 3.340   -5.899  1.00 13.34 ? 97  ASN A O   1 
ATOM   730  C  CB  . ASN A 1 97  ? -19.981 0.455   -4.845  1.00 13.10 ? 97  ASN A CB  1 
ATOM   731  C  CG  . ASN A 1 97  ? -20.081 -0.939  -5.425  1.00 14.44 ? 97  ASN A CG  1 
ATOM   732  O  OD1 . ASN A 1 97  ? -20.798 -1.168  -6.401  1.00 13.38 ? 97  ASN A OD1 1 
ATOM   733  N  ND2 . ASN A 1 97  ? -19.345 -1.875  -4.841  1.00 13.21 ? 97  ASN A ND2 1 
ATOM   734  N  N   . GLU A 1 98  ? -18.551 3.490   -4.617  1.00 12.42 ? 98  GLU A N   1 
ATOM   735  C  CA  . GLU A 1 98  ? -18.731 4.898   -4.281  1.00 13.10 ? 98  GLU A CA  1 
ATOM   736  C  C   . GLU A 1 98  ? -18.314 5.764   -5.467  1.00 12.98 ? 98  GLU A C   1 
ATOM   737  O  O   . GLU A 1 98  ? -18.756 6.902   -5.605  1.00 12.80 ? 98  GLU A O   1 
ATOM   738  C  CB  . GLU A 1 98  ? -17.887 5.250   -3.041  1.00 12.96 ? 98  GLU A CB  1 
ATOM   739  C  CG  . GLU A 1 98  ? -17.885 6.728   -2.649  1.00 13.16 ? 98  GLU A CG  1 
ATOM   740  C  CD  . GLU A 1 98  ? -17.122 6.996   -1.356  1.00 13.05 ? 98  GLU A CD  1 
ATOM   741  O  OE1 . GLU A 1 98  ? -17.597 6.582   -0.281  1.00 12.59 ? 98  GLU A OE1 1 
ATOM   742  O  OE2 . GLU A 1 98  ? -16.042 7.620   -1.413  1.00 14.79 ? 98  GLU A OE2 1 
ATOM   743  N  N   . GLY A 1 99  ? -17.463 5.213   -6.323  1.00 13.55 ? 99  GLY A N   1 
ATOM   744  C  CA  . GLY A 1 99  ? -17.005 5.956   -7.481  1.00 13.66 ? 99  GLY A CA  1 
ATOM   745  C  C   . GLY A 1 99  ? -15.518 6.267   -7.433  1.00 14.12 ? 99  GLY A C   1 
ATOM   746  O  O   . GLY A 1 99  ? -14.956 6.741   -8.411  1.00 13.67 ? 99  GLY A O   1 
ATOM   747  N  N   . VAL A 1 100 ? -14.872 5.998   -6.303  1.00 12.73 ? 100 VAL A N   1 
ATOM   748  C  CA  . VAL A 1 100 ? -13.440 6.261   -6.170  1.00 12.77 ? 100 VAL A CA  1 
ATOM   749  C  C   . VAL A 1 100 ? -12.654 5.665   -7.343  1.00 13.61 ? 100 VAL A C   1 
ATOM   750  O  O   . VAL A 1 100 ? -12.792 4.481   -7.663  1.00 13.09 ? 100 VAL A O   1 
ATOM   751  C  CB  . VAL A 1 100 ? -12.904 5.692   -4.844  1.00 14.09 ? 100 VAL A CB  1 
ATOM   752  C  CG1 . VAL A 1 100 ? -11.396 5.859   -4.770  1.00 12.67 ? 100 VAL A CG1 1 
ATOM   753  C  CG2 . VAL A 1 100 ? -13.572 6.398   -3.681  1.00 13.87 ? 100 VAL A CG2 1 
ATOM   754  N  N   . ALA A 1 101 ? -11.819 6.487   -7.974  1.00 13.73 ? 101 ALA A N   1 
ATOM   755  C  CA  . ALA A 1 101 ? -11.037 6.051   -9.130  1.00 12.67 ? 101 ALA A CA  1 
ATOM   756  C  C   . ALA A 1 101 ? -9.721  5.353   -8.799  1.00 11.50 ? 101 ALA A C   1 
ATOM   757  O  O   . ALA A 1 101 ? -9.270  4.495   -9.556  1.00 9.65  ? 101 ALA A O   1 
ATOM   758  C  CB  . ALA A 1 101 ? -10.769 7.242   -10.058 1.00 14.20 ? 101 ALA A CB  1 
ATOM   759  N  N   . SER A 1 102 ? -9.106  5.711   -7.677  1.00 12.29 ? 102 SER A N   1 
ATOM   760  C  CA  . SER A 1 102 ? -7.835  5.106   -7.300  1.00 11.68 ? 102 SER A CA  1 
ATOM   761  C  C   . SER A 1 102 ? -7.543  5.235   -5.815  1.00 12.18 ? 102 SER A C   1 
ATOM   762  O  O   . SER A 1 102 ? -7.889  6.239   -5.183  1.00 12.64 ? 102 SER A O   1 
ATOM   763  C  CB  . SER A 1 102 ? -6.703  5.748   -8.096  1.00 13.54 ? 102 SER A CB  1 
ATOM   764  O  OG  . SER A 1 102 ? -6.688  7.147   -7.885  1.00 12.49 ? 102 SER A OG  1 
ATOM   765  N  N   . VAL A 1 103 ? -6.885  4.218   -5.268  1.00 10.90 ? 103 VAL A N   1 
ATOM   766  C  CA  . VAL A 1 103 ? -6.544  4.190   -3.852  1.00 11.88 ? 103 VAL A CA  1 
ATOM   767  C  C   . VAL A 1 103 ? -5.150  3.622   -3.639  1.00 11.34 ? 103 VAL A C   1 
ATOM   768  O  O   . VAL A 1 103 ? -4.763  2.651   -4.290  1.00 13.04 ? 103 VAL A O   1 
ATOM   769  C  CB  . VAL A 1 103 ? -7.536  3.305   -3.050  1.00 12.28 ? 103 VAL A CB  1 
ATOM   770  C  CG1 . VAL A 1 103 ? -7.182  3.334   -1.571  1.00 13.37 ? 103 VAL A CG1 1 
ATOM   771  C  CG2 . VAL A 1 103 ? -8.963  3.775   -3.269  1.00 14.39 ? 103 VAL A CG2 1 
ATOM   772  N  N   . LEU A 1 104 ? -4.398  4.240   -2.733  1.00 11.46 ? 104 LEU A N   1 
ATOM   773  C  CA  . LEU A 1 104 ? -3.058  3.773   -2.389  1.00 12.03 ? 104 LEU A CA  1 
ATOM   774  C  C   . LEU A 1 104 ? -3.165  3.186   -0.985  1.00 11.98 ? 104 LEU A C   1 
ATOM   775  O  O   . LEU A 1 104 ? -3.585  3.875   -0.054  1.00 12.05 ? 104 LEU A O   1 
ATOM   776  C  CB  . LEU A 1 104 ? -2.049  4.924   -2.396  1.00 13.55 ? 104 LEU A CB  1 
ATOM   777  C  CG  . LEU A 1 104 ? -0.661  4.609   -1.820  1.00 14.51 ? 104 LEU A CG  1 
ATOM   778  C  CD1 . LEU A 1 104 ? -0.046  3.410   -2.530  1.00 15.03 ? 104 LEU A CD1 1 
ATOM   779  C  CD2 . LEU A 1 104 ? 0.236   5.826   -1.960  1.00 17.74 ? 104 LEU A CD2 1 
ATOM   780  N  N   . VAL A 1 105 ? -2.807  1.910   -0.851  1.00 11.21 ? 105 VAL A N   1 
ATOM   781  C  CA  . VAL A 1 105 ? -2.870  1.202   0.430   1.00 12.23 ? 105 VAL A CA  1 
ATOM   782  C  C   . VAL A 1 105 ? -1.462  0.888   0.928   1.00 12.24 ? 105 VAL A C   1 
ATOM   783  O  O   . VAL A 1 105 ? -0.706  0.185   0.261   1.00 14.65 ? 105 VAL A O   1 
ATOM   784  C  CB  . VAL A 1 105 ? -3.641  -0.137  0.290   1.00 11.96 ? 105 VAL A CB  1 
ATOM   785  C  CG1 . VAL A 1 105 ? -3.746  -0.831  1.648   1.00 10.29 ? 105 VAL A CG1 1 
ATOM   786  C  CG2 . VAL A 1 105 ? -5.022  0.112   -0.294  1.00 10.81 ? 105 VAL A CG2 1 
ATOM   787  N  N   . ILE A 1 106 ? -1.109  1.413   2.097   1.00 14.41 ? 106 ILE A N   1 
ATOM   788  C  CA  . ILE A 1 106 ? 0.212   1.180   2.668   1.00 13.04 ? 106 ILE A CA  1 
ATOM   789  C  C   . ILE A 1 106 ? 0.043   0.269   3.873   1.00 13.15 ? 106 ILE A C   1 
ATOM   790  O  O   . ILE A 1 106 ? -0.653  0.618   4.828   1.00 14.14 ? 106 ILE A O   1 
ATOM   791  C  CB  . ILE A 1 106 ? 0.876   2.509   3.084   1.00 11.72 ? 106 ILE A CB  1 
ATOM   792  C  CG1 . ILE A 1 106 ? 1.102   3.382   1.848   1.00 12.52 ? 106 ILE A CG1 1 
ATOM   793  C  CG2 . ILE A 1 106 ? 2.198   2.238   3.770   1.00 10.72 ? 106 ILE A CG2 1 
ATOM   794  C  CD1 . ILE A 1 106 ? 1.717   4.740   2.151   1.00 12.31 ? 106 ILE A CD1 1 
ATOM   795  N  N   . SER A 1 107 ? 0.684   -0.897  3.830   1.00 13.54 ? 107 SER A N   1 
ATOM   796  C  CA  . SER A 1 107 ? 0.539   -1.867  4.906   1.00 12.63 ? 107 SER A CA  1 
ATOM   797  C  C   . SER A 1 107 ? 1.792   -2.677  5.229   1.00 13.42 ? 107 SER A C   1 
ATOM   798  O  O   . SER A 1 107 ? 2.913   -2.186  5.106   1.00 12.62 ? 107 SER A O   1 
ATOM   799  C  CB  . SER A 1 107 ? -0.616  -2.812  4.565   1.00 13.50 ? 107 SER A CB  1 
ATOM   800  O  OG  . SER A 1 107 ? -0.976  -3.625  5.665   1.00 14.32 ? 107 SER A OG  1 
ATOM   801  N  N   . HIS A 1 108 ? 1.588   -3.925  5.649   1.00 12.38 ? 108 HIS A N   1 
ATOM   802  C  CA  . HIS A 1 108 ? 2.696   -4.792  6.020   1.00 12.55 ? 108 HIS A CA  1 
ATOM   803  C  C   . HIS A 1 108 ? 2.505   -6.227  5.559   1.00 12.42 ? 108 HIS A C   1 
ATOM   804  O  O   . HIS A 1 108 ? 1.439   -6.608  5.063   1.00 11.42 ? 108 HIS A O   1 
ATOM   805  C  CB  . HIS A 1 108 ? 2.860   -4.860  7.545   1.00 13.90 ? 108 HIS A CB  1 
ATOM   806  C  CG  . HIS A 1 108 ? 2.561   -3.584  8.267   1.00 12.39 ? 108 HIS A CG  1 
ATOM   807  N  ND1 . HIS A 1 108 ? 3.488   -2.955  9.071   1.00 12.56 ? 108 HIS A ND1 1 
ATOM   808  C  CD2 . HIS A 1 108 ? 1.427   -2.850  8.357   1.00 13.67 ? 108 HIS A CD2 1 
ATOM   809  C  CE1 . HIS A 1 108 ? 2.937   -1.889  9.623   1.00 13.57 ? 108 HIS A CE1 1 
ATOM   810  N  NE2 . HIS A 1 108 ? 1.687   -1.803  9.206   1.00 10.59 ? 108 HIS A NE2 1 
ATOM   811  N  N   . LEU A 1 109 ? 3.566   -7.012  5.727   1.00 13.59 ? 109 LEU A N   1 
ATOM   812  C  CA  . LEU A 1 109 ? 3.517   -8.435  5.432   1.00 14.36 ? 109 LEU A CA  1 
ATOM   813  C  C   . LEU A 1 109 ? 2.852   -8.922  6.715   1.00 14.48 ? 109 LEU A C   1 
ATOM   814  O  O   . LEU A 1 109 ? 3.040   -8.324  7.772   1.00 14.22 ? 109 LEU A O   1 
ATOM   815  C  CB  . LEU A 1 109 ? 4.916   -9.049  5.364   1.00 14.98 ? 109 LEU A CB  1 
ATOM   816  C  CG  . LEU A 1 109 ? 5.944   -8.651  4.305   1.00 14.33 ? 109 LEU A CG  1 
ATOM   817  C  CD1 . LEU A 1 109 ? 7.260   -9.347  4.631   1.00 15.27 ? 109 LEU A CD1 1 
ATOM   818  C  CD2 . LEU A 1 109 ? 5.457   -9.038  2.927   1.00 13.78 ? 109 LEU A CD2 1 
ATOM   819  N  N   . PRO A 1 110 ? 2.081   -10.012 6.651   1.00 15.45 ? 110 PRO A N   1 
ATOM   820  C  CA  . PRO A 1 110 ? 1.800   -10.804 5.455   1.00 15.56 ? 110 PRO A CA  1 
ATOM   821  C  C   . PRO A 1 110 ? 0.528   -10.324 4.762   1.00 15.35 ? 110 PRO A C   1 
ATOM   822  O  O   . PRO A 1 110 ? 0.163   -10.828 3.694   1.00 15.24 ? 110 PRO A O   1 
ATOM   823  C  CB  . PRO A 1 110 ? 1.644   -12.202 6.025   1.00 15.61 ? 110 PRO A CB  1 
ATOM   824  C  CG  . PRO A 1 110 ? 0.875   -11.925 7.283   1.00 15.53 ? 110 PRO A CG  1 
ATOM   825  C  CD  . PRO A 1 110 ? 1.560   -10.685 7.855   1.00 15.63 ? 110 PRO A CD  1 
ATOM   826  N  N   . LEU A 1 111 ? -0.131  -9.343  5.375   1.00 13.04 ? 111 LEU A N   1 
ATOM   827  C  CA  . LEU A 1 111 ? -1.379  -8.798  4.847   1.00 14.20 ? 111 LEU A CA  1 
ATOM   828  C  C   . LEU A 1 111 ? -1.351  -8.386  3.374   1.00 13.30 ? 111 LEU A C   1 
ATOM   829  O  O   . LEU A 1 111 ? -2.253  -8.734  2.619   1.00 13.22 ? 111 LEU A O   1 
ATOM   830  C  CB  . LEU A 1 111 ? -1.835  -7.609  5.701   1.00 12.46 ? 111 LEU A CB  1 
ATOM   831  C  CG  . LEU A 1 111 ? -3.107  -6.873  5.260   1.00 14.20 ? 111 LEU A CG  1 
ATOM   832  C  CD1 . LEU A 1 111 ? -4.177  -7.859  4.844   1.00 16.01 ? 111 LEU A CD1 1 
ATOM   833  C  CD2 . LEU A 1 111 ? -3.594  -5.993  6.401   1.00 14.41 ? 111 LEU A CD2 1 
ATOM   834  N  N   . VAL A 1 112 ? -0.318  -7.658  2.965   1.00 14.04 ? 112 VAL A N   1 
ATOM   835  C  CA  . VAL A 1 112 ? -0.226  -7.198  1.581   1.00 12.30 ? 112 VAL A CA  1 
ATOM   836  C  C   . VAL A 1 112 ? -0.289  -8.342  0.577   1.00 11.43 ? 112 VAL A C   1 
ATOM   837  O  O   . VAL A 1 112 ? -0.950  -8.230  -0.456  1.00 9.34  ? 112 VAL A O   1 
ATOM   838  C  CB  . VAL A 1 112 ? 1.056   -6.365  1.349   1.00 12.64 ? 112 VAL A CB  1 
ATOM   839  C  CG1 . VAL A 1 112 ? 0.986   -5.083  2.165   1.00 12.60 ? 112 VAL A CG1 1 
ATOM   840  C  CG2 . VAL A 1 112 ? 2.284   -7.173  1.731   1.00 13.29 ? 112 VAL A CG2 1 
ATOM   841  N  N   . GLY A 1 113 ? 0.390   -9.442  0.884   1.00 11.00 ? 113 GLY A N   1 
ATOM   842  C  CA  . GLY A 1 113 ? 0.372   -10.586 -0.009  1.00 13.07 ? 113 GLY A CA  1 
ATOM   843  C  C   . GLY A 1 113 ? -1.013  -11.209 -0.093  1.00 14.09 ? 113 GLY A C   1 
ATOM   844  O  O   . GLY A 1 113 ? -1.530  -11.447 -1.193  1.00 12.56 ? 113 GLY A O   1 
ATOM   845  N  N   . TYR A 1 114 ? -1.617  -11.468 1.067   1.00 13.42 ? 114 TYR A N   1 
ATOM   846  C  CA  . TYR A 1 114 ? -2.947  -12.070 1.132   1.00 15.44 ? 114 TYR A CA  1 
ATOM   847  C  C   . TYR A 1 114 ? -4.009  -11.165 0.516   1.00 13.98 ? 114 TYR A C   1 
ATOM   848  O  O   . TYR A 1 114 ? -4.976  -11.645 -0.076  1.00 13.16 ? 114 TYR A O   1 
ATOM   849  C  CB  . TYR A 1 114 ? -3.347  -12.367 2.583   1.00 18.19 ? 114 TYR A CB  1 
ATOM   850  C  CG  . TYR A 1 114 ? -2.395  -13.263 3.334   1.00 23.83 ? 114 TYR A CG  1 
ATOM   851  C  CD1 . TYR A 1 114 ? -1.930  -14.453 2.775   1.00 25.98 ? 114 TYR A CD1 1 
ATOM   852  C  CD2 . TYR A 1 114 ? -1.970  -12.928 4.619   1.00 26.95 ? 114 TYR A CD2 1 
ATOM   853  C  CE1 . TYR A 1 114 ? -1.062  -15.287 3.480   1.00 28.55 ? 114 TYR A CE1 1 
ATOM   854  C  CE2 . TYR A 1 114 ? -1.107  -13.755 5.330   1.00 29.27 ? 114 TYR A CE2 1 
ATOM   855  C  CZ  . TYR A 1 114 ? -0.657  -14.933 4.757   1.00 29.13 ? 114 TYR A CZ  1 
ATOM   856  O  OH  . TYR A 1 114 ? 0.177   -15.760 5.482   1.00 33.10 ? 114 TYR A OH  1 
ATOM   857  N  N   . LEU A 1 115 ? -3.829  -9.857  0.670   1.00 13.19 ? 115 LEU A N   1 
ATOM   858  C  CA  . LEU A 1 115 ? -4.780  -8.896  0.125   1.00 12.66 ? 115 LEU A CA  1 
ATOM   859  C  C   . LEU A 1 115 ? -4.904  -9.041  -1.386  1.00 12.51 ? 115 LEU A C   1 
ATOM   860  O  O   . LEU A 1 115 ? -6.014  -9.048  -1.920  1.00 13.27 ? 115 LEU A O   1 
ATOM   861  C  CB  . LEU A 1 115 ? -4.359  -7.466  0.475   1.00 11.88 ? 115 LEU A CB  1 
ATOM   862  C  CG  . LEU A 1 115 ? -5.315  -6.356  0.029   1.00 8.93  ? 115 LEU A CG  1 
ATOM   863  C  CD1 . LEU A 1 115 ? -6.713  -6.611  0.576   1.00 9.86  ? 115 LEU A CD1 1 
ATOM   864  C  CD2 . LEU A 1 115 ? -4.795  -5.020  0.521   1.00 10.30 ? 115 LEU A CD2 1 
ATOM   865  N  N   . VAL A 1 116 ? -3.769  -9.146  -2.076  1.00 11.82 ? 116 VAL A N   1 
ATOM   866  C  CA  . VAL A 1 116 ? -3.788  -9.306  -3.526  1.00 11.85 ? 116 VAL A CA  1 
ATOM   867  C  C   . VAL A 1 116 ? -4.538  -10.577 -3.921  1.00 12.13 ? 116 VAL A C   1 
ATOM   868  O  O   . VAL A 1 116 ? -5.358  -10.557 -4.836  1.00 11.46 ? 116 VAL A O   1 
ATOM   869  C  CB  . VAL A 1 116 ? -2.359  -9.377  -4.115  1.00 10.72 ? 116 VAL A CB  1 
ATOM   870  C  CG1 . VAL A 1 116 ? -2.423  -9.711  -5.604  1.00 10.64 ? 116 VAL A CG1 1 
ATOM   871  C  CG2 . VAL A 1 116 ? -1.648  -8.051  -3.916  1.00 10.26 ? 116 VAL A CG2 1 
ATOM   872  N  N   . ALA A 1 117 ? -4.249  -11.680 -3.234  1.00 12.35 ? 117 ALA A N   1 
ATOM   873  C  CA  . ALA A 1 117 ? -4.903  -12.956 -3.528  1.00 12.23 ? 117 ALA A CA  1 
ATOM   874  C  C   . ALA A 1 117 ? -6.399  -12.854 -3.260  1.00 12.37 ? 117 ALA A C   1 
ATOM   875  O  O   . ALA A 1 117 ? -7.215  -13.262 -4.085  1.00 13.41 ? 117 ALA A O   1 
ATOM   876  C  CB  . ALA A 1 117 ? -4.295  -14.070 -2.682  1.00 10.78 ? 117 ALA A CB  1 
ATOM   877  N  N   . GLU A 1 118 ? -6.746  -12.305 -2.099  1.00 12.40 ? 118 GLU A N   1 
ATOM   878  C  CA  . GLU A 1 118 ? -8.140  -12.125 -1.706  1.00 12.83 ? 118 GLU A CA  1 
ATOM   879  C  C   . GLU A 1 118 ? -8.906  -11.316 -2.752  1.00 12.90 ? 118 GLU A C   1 
ATOM   880  O  O   . GLU A 1 118 ? -10.047 -11.632 -3.076  1.00 11.51 ? 118 GLU A O   1 
ATOM   881  C  CB  . GLU A 1 118 ? -8.205  -11.416 -0.352  1.00 15.96 ? 118 GLU A CB  1 
ATOM   882  C  CG  . GLU A 1 118 ? -9.584  -10.934 0.085   1.00 19.48 ? 118 GLU A CG  1 
ATOM   883  C  CD  . GLU A 1 118 ? -10.539 -12.064 0.402   1.00 23.42 ? 118 GLU A CD  1 
ATOM   884  O  OE1 . GLU A 1 118 ? -10.066 -13.189 0.663   1.00 23.64 ? 118 GLU A OE1 1 
ATOM   885  O  OE2 . GLU A 1 118 ? -11.767 -11.819 0.408   1.00 26.05 ? 118 GLU A OE2 1 
ATOM   886  N  N   . LEU A 1 119 ? -8.270  -10.273 -3.276  1.00 12.54 ? 119 LEU A N   1 
ATOM   887  C  CA  . LEU A 1 119 ? -8.899  -9.420  -4.279  1.00 12.57 ? 119 LEU A CA  1 
ATOM   888  C  C   . LEU A 1 119 ? -8.886  -10.031 -5.677  1.00 11.75 ? 119 LEU A C   1 
ATOM   889  O  O   . LEU A 1 119 ? -9.815  -9.831  -6.465  1.00 10.79 ? 119 LEU A O   1 
ATOM   890  C  CB  . LEU A 1 119 ? -8.188  -8.063  -4.331  1.00 10.72 ? 119 LEU A CB  1 
ATOM   891  C  CG  . LEU A 1 119 ? -8.132  -7.225  -3.053  1.00 10.90 ? 119 LEU A CG  1 
ATOM   892  C  CD1 . LEU A 1 119 ? -7.167  -6.070  -3.259  1.00 12.50 ? 119 LEU A CD1 1 
ATOM   893  C  CD2 . LEU A 1 119 ? -9.518  -6.712  -2.701  1.00 10.89 ? 119 LEU A CD2 1 
ATOM   894  N  N   . CYS A 1 120 ? -7.839  -10.791 -5.981  1.00 11.59 ? 120 CYS A N   1 
ATOM   895  C  CA  . CYS A 1 120 ? -7.690  -11.371 -7.311  1.00 12.08 ? 120 CYS A CA  1 
ATOM   896  C  C   . CYS A 1 120 ? -7.778  -12.887 -7.411  1.00 12.99 ? 120 CYS A C   1 
ATOM   897  O  O   . CYS A 1 120 ? -6.892  -13.602 -6.952  1.00 13.34 ? 120 CYS A O   1 
ATOM   898  C  CB  . CYS A 1 120 ? -6.360  -10.915 -7.914  1.00 11.58 ? 120 CYS A CB  1 
ATOM   899  S  SG  . CYS A 1 120 ? -6.111  -9.130  -7.854  1.00 13.15 ? 120 CYS A SG  1 
ATOM   900  N  N   . PRO A 1 121 ? -8.854  -13.396 -8.025  1.00 13.95 ? 121 PRO A N   1 
ATOM   901  C  CA  . PRO A 1 121 ? -9.033  -14.840 -8.185  1.00 14.03 ? 121 PRO A CA  1 
ATOM   902  C  C   . PRO A 1 121 ? -7.884  -15.456 -8.985  1.00 14.27 ? 121 PRO A C   1 
ATOM   903  O  O   . PRO A 1 121 ? -7.385  -14.847 -9.930  1.00 13.94 ? 121 PRO A O   1 
ATOM   904  C  CB  . PRO A 1 121 ? -10.362 -14.934 -8.931  1.00 14.71 ? 121 PRO A CB  1 
ATOM   905  C  CG  . PRO A 1 121 ? -11.122 -13.767 -8.387  1.00 12.77 ? 121 PRO A CG  1 
ATOM   906  C  CD  . PRO A 1 121 ? -10.078 -12.672 -8.413  1.00 12.20 ? 121 PRO A CD  1 
ATOM   907  N  N   . GLY A 1 122 ? -7.462  -16.653 -8.592  1.00 13.87 ? 122 GLY A N   1 
ATOM   908  C  CA  . GLY A 1 122 ? -6.392  -17.339 -9.300  1.00 14.40 ? 122 GLY A CA  1 
ATOM   909  C  C   . GLY A 1 122 ? -4.974  -16.935 -8.939  1.00 14.92 ? 122 GLY A C   1 
ATOM   910  O  O   . GLY A 1 122 ? -4.016  -17.524 -9.436  1.00 15.18 ? 122 GLY A O   1 
ATOM   911  N  N   . GLU A 1 123 ? -4.832  -15.942 -8.070  1.00 14.05 ? 123 GLU A N   1 
ATOM   912  C  CA  . GLU A 1 123 ? -3.508  -15.474 -7.678  1.00 14.04 ? 123 GLU A CA  1 
ATOM   913  C  C   . GLU A 1 123 ? -3.096  -15.984 -6.309  1.00 14.37 ? 123 GLU A C   1 
ATOM   914  O  O   . GLU A 1 123 ? -3.913  -16.057 -5.392  1.00 14.84 ? 123 GLU A O   1 
ATOM   915  C  CB  . GLU A 1 123 ? -3.469  -13.942 -7.641  1.00 13.83 ? 123 GLU A CB  1 
ATOM   916  C  CG  . GLU A 1 123 ? -3.805  -13.246 -8.943  1.00 14.48 ? 123 GLU A CG  1 
ATOM   917  C  CD  . GLU A 1 123 ? -2.762  -13.464 -10.023 1.00 17.05 ? 123 GLU A CD  1 
ATOM   918  O  OE1 . GLU A 1 123 ? -1.603  -13.810 -9.688  1.00 16.34 ? 123 GLU A OE1 1 
ATOM   919  O  OE2 . GLU A 1 123 ? -3.104  -13.267 -11.207 1.00 14.17 ? 123 GLU A OE2 1 
ATOM   920  N  N   . THR A 1 124 ? -1.826  -16.349 -6.182  1.00 14.86 ? 124 THR A N   1 
ATOM   921  C  CA  . THR A 1 124 ? -1.284  -16.790 -4.903  1.00 14.83 ? 124 THR A CA  1 
ATOM   922  C  C   . THR A 1 124 ? -0.689  -15.528 -4.276  1.00 14.66 ? 124 THR A C   1 
ATOM   923  O  O   . THR A 1 124 ? -0.409  -14.551 -4.973  1.00 14.04 ? 124 THR A O   1 
ATOM   924  C  CB  . THR A 1 124 ? -0.163  -17.840 -5.079  1.00 14.75 ? 124 THR A CB  1 
ATOM   925  O  OG1 . THR A 1 124 ? 0.861   -17.306 -5.924  1.00 15.93 ? 124 THR A OG1 1 
ATOM   926  C  CG2 . THR A 1 124 ? -0.710  -19.112 -5.699  1.00 15.98 ? 124 THR A CG2 1 
ATOM   927  N  N   . PRO A 1 125 ? -0.493  -15.523 -2.950  1.00 14.33 ? 125 PRO A N   1 
ATOM   928  C  CA  . PRO A 1 125 ? 0.076   -14.330 -2.311  1.00 14.80 ? 125 PRO A CA  1 
ATOM   929  C  C   . PRO A 1 125 ? 1.445   -13.993 -2.909  1.00 15.15 ? 125 PRO A C   1 
ATOM   930  O  O   . PRO A 1 125 ? 2.372   -14.788 -2.820  1.00 13.98 ? 125 PRO A O   1 
ATOM   931  C  CB  . PRO A 1 125 ? 0.178   -14.740 -0.841  1.00 13.92 ? 125 PRO A CB  1 
ATOM   932  C  CG  . PRO A 1 125 ? -0.899  -15.784 -0.692  1.00 15.31 ? 125 PRO A CG  1 
ATOM   933  C  CD  . PRO A 1 125 ? -0.746  -16.583 -1.962  1.00 13.23 ? 125 PRO A CD  1 
ATOM   934  N  N   . PRO A 1 126 ? 1.582   -12.822 -3.551  1.00 15.60 ? 126 PRO A N   1 
ATOM   935  C  CA  . PRO A 1 126 ? 2.903   -12.512 -4.115  1.00 15.43 ? 126 PRO A CA  1 
ATOM   936  C  C   . PRO A 1 126 ? 3.898   -12.043 -3.050  1.00 15.62 ? 126 PRO A C   1 
ATOM   937  O  O   . PRO A 1 126 ? 3.507   -11.680 -1.939  1.00 13.39 ? 126 PRO A O   1 
ATOM   938  C  CB  . PRO A 1 126 ? 2.593   -11.434 -5.153  1.00 16.04 ? 126 PRO A CB  1 
ATOM   939  C  CG  . PRO A 1 126 ? 1.408   -10.720 -4.556  1.00 15.54 ? 126 PRO A CG  1 
ATOM   940  C  CD  . PRO A 1 126 ? 0.564   -11.856 -4.005  1.00 15.52 ? 126 PRO A CD  1 
ATOM   941  N  N   . MET A 1 127 ? 5.183   -12.064 -3.402  1.00 16.43 ? 127 MET A N   1 
ATOM   942  C  CA  . MET A 1 127 ? 6.264   -11.641 -2.510  1.00 18.87 ? 127 MET A CA  1 
ATOM   943  C  C   . MET A 1 127 ? 6.476   -10.118 -2.594  1.00 18.78 ? 127 MET A C   1 
ATOM   944  O  O   . MET A 1 127 ? 6.656   -9.566  -3.683  1.00 19.82 ? 127 MET A O   1 
ATOM   945  C  CB  . MET A 1 127 ? 7.558   -12.364 -2.898  1.00 22.81 ? 127 MET A CB  1 
ATOM   946  C  CG  . MET A 1 127 ? 8.805   -11.882 -2.165  1.00 27.92 ? 127 MET A CG  1 
ATOM   947  S  SD  . MET A 1 127 ? 8.947   -12.520 -0.487  1.00 36.89 ? 127 MET A SD  1 
ATOM   948  C  CE  . MET A 1 127 ? 9.695   -14.173 -0.797  1.00 30.65 ? 127 MET A CE  1 
ATOM   949  N  N   . PHE A 1 128 ? 6.471   -9.458  -1.438  1.00 16.60 ? 128 PHE A N   1 
ATOM   950  C  CA  . PHE A 1 128 ? 6.633   -8.007  -1.338  1.00 15.86 ? 128 PHE A CA  1 
ATOM   951  C  C   . PHE A 1 128 ? 7.935   -7.561  -0.658  1.00 15.92 ? 128 PHE A C   1 
ATOM   952  O  O   . PHE A 1 128 ? 8.146   -7.848  0.516   1.00 16.10 ? 128 PHE A O   1 
ATOM   953  C  CB  . PHE A 1 128 ? 5.478   -7.413  -0.519  1.00 14.36 ? 128 PHE A CB  1 
ATOM   954  C  CG  . PHE A 1 128 ? 4.256   -7.062  -1.323  1.00 15.91 ? 128 PHE A CG  1 
ATOM   955  C  CD1 . PHE A 1 128 ? 4.140   -5.809  -1.922  1.00 14.81 ? 128 PHE A CD1 1 
ATOM   956  C  CD2 . PHE A 1 128 ? 3.202   -7.959  -1.439  1.00 13.69 ? 128 PHE A CD2 1 
ATOM   957  C  CE1 . PHE A 1 128 ? 2.986   -5.457  -2.618  1.00 16.88 ? 128 PHE A CE1 1 
ATOM   958  C  CE2 . PHE A 1 128 ? 2.044   -7.616  -2.134  1.00 14.93 ? 128 PHE A CE2 1 
ATOM   959  C  CZ  . PHE A 1 128 ? 1.937   -6.366  -2.722  1.00 14.68 ? 128 PHE A CZ  1 
ATOM   960  N  N   . THR A 1 129 ? 8.802   -6.861  -1.381  1.00 14.64 ? 129 THR A N   1 
ATOM   961  C  CA  . THR A 1 129 ? 10.024  -6.350  -0.760  1.00 15.95 ? 129 THR A CA  1 
ATOM   962  C  C   . THR A 1 129 ? 9.584   -4.997  -0.192  1.00 14.95 ? 129 THR A C   1 
ATOM   963  O  O   . THR A 1 129 ? 8.537   -4.482  -0.591  1.00 13.02 ? 129 THR A O   1 
ATOM   964  C  CB  . THR A 1 129 ? 11.144  -6.133  -1.788  1.00 16.14 ? 129 THR A CB  1 
ATOM   965  O  OG1 . THR A 1 129 ? 10.799  -5.045  -2.653  1.00 16.45 ? 129 THR A OG1 1 
ATOM   966  C  CG2 . THR A 1 129 ? 11.343  -7.395  -2.627  1.00 18.04 ? 129 THR A CG2 1 
ATOM   967  N  N   . THR A 1 130 ? 10.347  -4.416  0.730   1.00 13.59 ? 130 THR A N   1 
ATOM   968  C  CA  . THR A 1 130 ? 9.935   -3.132  1.299   1.00 14.01 ? 130 THR A CA  1 
ATOM   969  C  C   . THR A 1 130 ? 9.750   -2.054  0.226   1.00 13.92 ? 130 THR A C   1 
ATOM   970  O  O   . THR A 1 130 ? 10.532  -1.961  -0.719  1.00 13.81 ? 130 THR A O   1 
ATOM   971  C  CB  . THR A 1 130 ? 10.935  -2.630  2.376   1.00 13.77 ? 130 THR A CB  1 
ATOM   972  O  OG1 . THR A 1 130 ? 12.266  -2.635  1.845   1.00 16.08 ? 130 THR A OG1 1 
ATOM   973  C  CG2 . THR A 1 130 ? 10.879  -3.515  3.614   1.00 12.66 ? 130 THR A CG2 1 
ATOM   974  N  N   . SER A 1 131 ? 8.698   -1.252  0.383   1.00 12.55 ? 131 SER A N   1 
ATOM   975  C  CA  . SER A 1 131 ? 8.364   -0.175  -0.550  1.00 12.37 ? 131 SER A CA  1 
ATOM   976  C  C   . SER A 1 131 ? 7.825   -0.663  -1.895  1.00 11.73 ? 131 SER A C   1 
ATOM   977  O  O   . SER A 1 131 ? 7.459   0.147   -2.742  1.00 12.91 ? 131 SER A O   1 
ATOM   978  C  CB  . SER A 1 131 ? 9.577   0.731   -0.796  1.00 12.86 ? 131 SER A CB  1 
ATOM   979  O  OG  . SER A 1 131 ? 9.923   1.469   0.364   1.00 14.78 ? 131 SER A OG  1 
ATOM   980  N  N   . ALA A 1 132 ? 7.777   -1.978  -2.092  1.00 10.91 ? 132 ALA A N   1 
ATOM   981  C  CA  . ALA A 1 132 ? 7.271   -2.546  -3.342  1.00 11.69 ? 132 ALA A CA  1 
ATOM   982  C  C   . ALA A 1 132 ? 5.782   -2.241  -3.494  1.00 10.76 ? 132 ALA A C   1 
ATOM   983  O  O   . ALA A 1 132 ? 5.061   -2.145  -2.505  1.00 11.83 ? 132 ALA A O   1 
ATOM   984  C  CB  . ALA A 1 132 ? 7.501   -4.054  -3.367  1.00 9.86  ? 132 ALA A CB  1 
ATOM   985  N  N   . ILE A 1 133 ? 5.323   -2.105  -4.732  1.00 11.34 ? 133 ILE A N   1 
ATOM   986  C  CA  . ILE A 1 133 ? 3.922   -1.791  -4.980  1.00 12.48 ? 133 ILE A CA  1 
ATOM   987  C  C   . ILE A 1 133 ? 3.242   -2.747  -5.951  1.00 13.81 ? 133 ILE A C   1 
ATOM   988  O  O   . ILE A 1 133 ? 3.776   -3.062  -7.014  1.00 14.33 ? 133 ILE A O   1 
ATOM   989  C  CB  . ILE A 1 133 ? 3.766   -0.361  -5.541  1.00 11.44 ? 133 ILE A CB  1 
ATOM   990  C  CG1 . ILE A 1 133 ? 4.222   0.662   -4.499  1.00 14.40 ? 133 ILE A CG1 1 
ATOM   991  C  CG2 . ILE A 1 133 ? 2.315   -0.100  -5.926  1.00 14.65 ? 133 ILE A CG2 1 
ATOM   992  C  CD1 . ILE A 1 133 ? 4.198   2.091   -5.004  1.00 12.61 ? 133 ILE A CD1 1 
ATOM   993  N  N   . ALA A 1 134 ? 2.051   -3.197  -5.576  1.00 13.53 ? 134 ALA A N   1 
ATOM   994  C  CA  . ALA A 1 134 ? 1.280   -4.092  -6.424  1.00 12.65 ? 134 ALA A CA  1 
ATOM   995  C  C   . ALA A 1 134 ? 0.101   -3.310  -6.982  1.00 12.45 ? 134 ALA A C   1 
ATOM   996  O  O   . ALA A 1 134 ? -0.562  -2.567  -6.255  1.00 12.55 ? 134 ALA A O   1 
ATOM   997  C  CB  . ALA A 1 134 ? 0.787   -5.281  -5.621  1.00 12.62 ? 134 ALA A CB  1 
ATOM   998  N  N   . SER A 1 135 ? -0.145  -3.471  -8.276  1.00 11.33 ? 135 SER A N   1 
ATOM   999  C  CA  . SER A 1 135 ? -1.249  -2.794  -8.944  1.00 11.56 ? 135 SER A CA  1 
ATOM   1000 C  C   . SER A 1 135 ? -2.381  -3.772  -9.184  1.00 11.32 ? 135 SER A C   1 
ATOM   1001 O  O   . SER A 1 135 ? -2.184  -4.832  -9.772  1.00 9.61  ? 135 SER A O   1 
ATOM   1002 C  CB  . SER A 1 135 ? -0.805  -2.223  -10.285 1.00 10.49 ? 135 SER A CB  1 
ATOM   1003 O  OG  . SER A 1 135 ? -1.935  -1.935  -11.085 1.00 13.11 ? 135 SER A OG  1 
ATOM   1004 N  N   . VAL A 1 136 ? -3.569  -3.395  -8.736  1.00 10.66 ? 136 VAL A N   1 
ATOM   1005 C  CA  . VAL A 1 136 ? -4.748  -4.230  -8.878  1.00 12.07 ? 136 VAL A CA  1 
ATOM   1006 C  C   . VAL A 1 136 ? -5.917  -3.406  -9.379  1.00 11.94 ? 136 VAL A C   1 
ATOM   1007 O  O   . VAL A 1 136 ? -6.209  -2.351  -8.830  1.00 14.44 ? 136 VAL A O   1 
ATOM   1008 C  CB  . VAL A 1 136 ? -5.159  -4.844  -7.519  1.00 11.72 ? 136 VAL A CB  1 
ATOM   1009 C  CG1 . VAL A 1 136 ? -6.488  -5.572  -7.651  1.00 13.06 ? 136 VAL A CG1 1 
ATOM   1010 C  CG2 . VAL A 1 136 ? -4.072  -5.792  -7.022  1.00 10.75 ? 136 VAL A CG2 1 
ATOM   1011 N  N   . THR A 1 137 ? -6.579  -3.881  -10.423 1.00 12.29 ? 137 THR A N   1 
ATOM   1012 C  CA  . THR A 1 137 ? -7.748  -3.182  -10.931 1.00 11.87 ? 137 THR A CA  1 
ATOM   1013 C  C   . THR A 1 137 ? -8.935  -3.917  -10.334 1.00 12.55 ? 137 THR A C   1 
ATOM   1014 O  O   . THR A 1 137 ? -9.132  -5.103  -10.600 1.00 12.58 ? 137 THR A O   1 
ATOM   1015 C  CB  . THR A 1 137 ? -7.828  -3.240  -12.457 1.00 11.82 ? 137 THR A CB  1 
ATOM   1016 O  OG1 . THR A 1 137 ? -6.726  -2.518  -13.016 1.00 10.01 ? 137 THR A OG1 1 
ATOM   1017 C  CG2 . THR A 1 137 ? -9.138  -2.631  -12.941 1.00 13.37 ? 137 THR A CG2 1 
ATOM   1018 N  N   . LEU A 1 138 ? -9.709  -3.218  -9.511  1.00 12.36 ? 138 LEU A N   1 
ATOM   1019 C  CA  . LEU A 1 138 ? -10.859 -3.817  -8.845  1.00 13.31 ? 138 LEU A CA  1 
ATOM   1020 C  C   . LEU A 1 138 ? -12.185 -3.308  -9.395  1.00 14.17 ? 138 LEU A C   1 
ATOM   1021 O  O   . LEU A 1 138 ? -12.372 -2.101  -9.580  1.00 14.25 ? 138 LEU A O   1 
ATOM   1022 C  CB  . LEU A 1 138 ? -10.790 -3.529  -7.346  1.00 12.97 ? 138 LEU A CB  1 
ATOM   1023 C  CG  . LEU A 1 138 ? -11.808 -4.176  -6.401  1.00 14.07 ? 138 LEU A CG  1 
ATOM   1024 C  CD1 . LEU A 1 138 ? -11.640 -5.697  -6.383  1.00 12.62 ? 138 LEU A CD1 1 
ATOM   1025 C  CD2 . LEU A 1 138 ? -11.598 -3.611  -5.007  1.00 14.37 ? 138 LEU A CD2 1 
ATOM   1026 N  N   . ASP A 1 139 ? -13.107 -4.228  -9.655  1.00 14.19 ? 139 ASP A N   1 
ATOM   1027 C  CA  . ASP A 1 139 ? -14.409 -3.829  -10.156 1.00 15.95 ? 139 ASP A CA  1 
ATOM   1028 C  C   . ASP A 1 139 ? -15.432 -3.797  -9.021  1.00 15.86 ? 139 ASP A C   1 
ATOM   1029 O  O   . ASP A 1 139 ? -15.144 -4.195  -7.887  1.00 16.26 ? 139 ASP A O   1 
ATOM   1030 C  CB  . ASP A 1 139 ? -14.863 -4.738  -11.314 1.00 15.74 ? 139 ASP A CB  1 
ATOM   1031 C  CG  . ASP A 1 139 ? -15.344 -6.105  -10.862 1.00 18.00 ? 139 ASP A CG  1 
ATOM   1032 O  OD1 . ASP A 1 139 ? -15.453 -6.993  -11.741 1.00 18.09 ? 139 ASP A OD1 1 
ATOM   1033 O  OD2 . ASP A 1 139 ? -15.626 -6.298  -9.660  1.00 15.68 ? 139 ASP A OD2 1 
ATOM   1034 N  N   . GLU A 1 140 ? -16.622 -3.310  -9.340  1.00 16.09 ? 140 GLU A N   1 
ATOM   1035 C  CA  . GLU A 1 140 ? -17.701 -3.157  -8.374  1.00 19.05 ? 140 GLU A CA  1 
ATOM   1036 C  C   . GLU A 1 140 ? -18.162 -4.426  -7.649  1.00 17.68 ? 140 GLU A C   1 
ATOM   1037 O  O   . GLU A 1 140 ? -18.734 -4.352  -6.560  1.00 16.56 ? 140 GLU A O   1 
ATOM   1038 C  CB  . GLU A 1 140 ? -18.881 -2.484  -9.070  1.00 20.60 ? 140 GLU A CB  1 
ATOM   1039 C  CG  . GLU A 1 140 ? -18.472 -1.303  -9.968  1.00 25.25 ? 140 GLU A CG  1 
ATOM   1040 C  CD  . GLU A 1 140 ? -17.784 -1.732  -11.272 1.00 28.56 ? 140 GLU A CD  1 
ATOM   1041 O  OE1 . GLU A 1 140 ? -18.323 -2.629  -11.956 1.00 30.23 ? 140 GLU A OE1 1 
ATOM   1042 O  OE2 . GLU A 1 140 ? -16.716 -1.165  -11.621 1.00 26.98 ? 140 GLU A OE2 1 
ATOM   1043 N  N   . SER A 1 141 ? -17.905 -5.587  -8.240  1.00 18.40 ? 141 SER A N   1 
ATOM   1044 C  CA  . SER A 1 141 ? -18.307 -6.846  -7.623  1.00 17.79 ? 141 SER A CA  1 
ATOM   1045 C  C   . SER A 1 141 ? -17.178 -7.459  -6.806  1.00 18.69 ? 141 SER A C   1 
ATOM   1046 O  O   . SER A 1 141 ? -17.254 -8.616  -6.399  1.00 20.21 ? 141 SER A O   1 
ATOM   1047 C  CB  . SER A 1 141 ? -18.786 -7.828  -8.692  1.00 18.16 ? 141 SER A CB  1 
ATOM   1048 O  OG  . SER A 1 141 ? -19.973 -7.344  -9.301  1.00 19.46 ? 141 SER A OG  1 
ATOM   1049 N  N   . GLY A 1 142 ? -16.132 -6.674  -6.567  1.00 18.69 ? 142 GLY A N   1 
ATOM   1050 C  CA  . GLY A 1 142 ? -15.005 -7.153  -5.786  1.00 18.58 ? 142 GLY A CA  1 
ATOM   1051 C  C   . GLY A 1 142 ? -14.036 -8.021  -6.563  1.00 18.56 ? 142 GLY A C   1 
ATOM   1052 O  O   . GLY A 1 142 ? -13.170 -8.660  -5.977  1.00 19.33 ? 142 GLY A O   1 
ATOM   1053 N  N   . ASN A 1 143 ? -14.173 -8.044  -7.884  1.00 18.38 ? 143 ASN A N   1 
ATOM   1054 C  CA  . ASN A 1 143 ? -13.293 -8.855  -8.708  1.00 19.59 ? 143 ASN A CA  1 
ATOM   1055 C  C   . ASN A 1 143 ? -12.087 -8.031  -9.153  1.00 17.66 ? 143 ASN A C   1 
ATOM   1056 O  O   . ASN A 1 143 ? -12.224 -7.047  -9.886  1.00 17.38 ? 143 ASN A O   1 
ATOM   1057 C  CB  . ASN A 1 143 ? -14.052 -9.385  -9.921  1.00 22.79 ? 143 ASN A CB  1 
ATOM   1058 C  CG  . ASN A 1 143 ? -13.667 -10.807 -10.264 1.00 28.75 ? 143 ASN A CG  1 
ATOM   1059 O  OD1 . ASN A 1 143 ? -14.260 -11.431 -11.153 1.00 33.08 ? 143 ASN A OD1 1 
ATOM   1060 N  ND2 . ASN A 1 143 ? -12.674 -11.335 -9.557  1.00 29.09 ? 143 ASN A ND2 1 
ATOM   1061 N  N   . GLY A 1 144 ? -10.907 -8.439  -8.706  1.00 15.69 ? 144 GLY A N   1 
ATOM   1062 C  CA  . GLY A 1 144 ? -9.706  -7.710  -9.049  1.00 13.80 ? 144 GLY A CA  1 
ATOM   1063 C  C   . GLY A 1 144 ? -8.752  -8.457  -9.950  1.00 12.98 ? 144 GLY A C   1 
ATOM   1064 O  O   . GLY A 1 144 ? -8.687  -9.686  -9.938  1.00 12.31 ? 144 GLY A O   1 
ATOM   1065 N  N   . THR A 1 145 ? -8.006  -7.690  -10.733 1.00 12.94 ? 145 THR A N   1 
ATOM   1066 C  CA  . THR A 1 145 ? -7.022  -8.224  -11.660 1.00 13.69 ? 145 THR A CA  1 
ATOM   1067 C  C   . THR A 1 145 ? -5.640  -7.747  -11.222 1.00 13.47 ? 145 THR A C   1 
ATOM   1068 O  O   . THR A 1 145 ? -5.437  -6.551  -11.006 1.00 12.27 ? 145 THR A O   1 
ATOM   1069 C  CB  . THR A 1 145 ? -7.292  -7.713  -13.080 1.00 14.61 ? 145 THR A CB  1 
ATOM   1070 O  OG1 . THR A 1 145 ? -8.524  -8.264  -13.555 1.00 18.00 ? 145 THR A OG1 1 
ATOM   1071 C  CG2 . THR A 1 145 ? -6.168  -8.102  -14.012 1.00 18.43 ? 145 THR A CG2 1 
ATOM   1072 N  N   . PHE A 1 146 ? -4.702  -8.683  -11.085 1.00 12.02 ? 146 PHE A N   1 
ATOM   1073 C  CA  . PHE A 1 146 ? -3.330  -8.369  -10.685 1.00 13.09 ? 146 PHE A CA  1 
ATOM   1074 C  C   . PHE A 1 146 ? -2.547  -7.935  -11.928 1.00 13.36 ? 146 PHE A C   1 
ATOM   1075 O  O   . PHE A 1 146 ? -2.111  -8.766  -12.728 1.00 12.26 ? 146 PHE A O   1 
ATOM   1076 C  CB  . PHE A 1 146 ? -2.693  -9.607  -10.038 1.00 14.15 ? 146 PHE A CB  1 
ATOM   1077 C  CG  . PHE A 1 146 ? -1.329  -9.369  -9.452  1.00 14.79 ? 146 PHE A CG  1 
ATOM   1078 C  CD1 . PHE A 1 146 ? -0.914  -8.090  -9.089  1.00 13.41 ? 146 PHE A CD1 1 
ATOM   1079 C  CD2 . PHE A 1 146 ? -0.470  -10.441 -9.228  1.00 16.05 ? 146 PHE A CD2 1 
ATOM   1080 C  CE1 . PHE A 1 146 ? 0.330   -7.878  -8.515  1.00 12.54 ? 146 PHE A CE1 1 
ATOM   1081 C  CE2 . PHE A 1 146 ? 0.783   -10.244 -8.649  1.00 15.96 ? 146 PHE A CE2 1 
ATOM   1082 C  CZ  . PHE A 1 146 ? 1.185   -8.956  -8.293  1.00 17.44 ? 146 PHE A CZ  1 
ATOM   1083 N  N   . ASN A 1 147 ? -2.384  -6.624  -12.078 1.00 13.34 ? 147 ASN A N   1 
ATOM   1084 C  CA  . ASN A 1 147 ? -1.696  -6.041  -13.227 1.00 12.64 ? 147 ASN A CA  1 
ATOM   1085 C  C   . ASN A 1 147 ? -0.188  -6.245  -13.216 1.00 12.98 ? 147 ASN A C   1 
ATOM   1086 O  O   . ASN A 1 147 ? 0.361   -6.899  -14.098 1.00 14.78 ? 147 ASN A O   1 
ATOM   1087 C  CB  . ASN A 1 147 ? -2.016  -4.549  -13.293 1.00 13.45 ? 147 ASN A CB  1 
ATOM   1088 C  CG  . ASN A 1 147 ? -3.504  -4.282  -13.273 1.00 14.99 ? 147 ASN A CG  1 
ATOM   1089 O  OD1 . ASN A 1 147 ? -3.971  -3.329  -12.645 1.00 16.91 ? 147 ASN A OD1 1 
ATOM   1090 N  ND2 . ASN A 1 147 ? -4.263  -5.126  -13.965 1.00 12.07 ? 147 ASN A ND2 1 
ATOM   1091 N  N   . TRP A 1 148 ? 0.481   -5.678  -12.222 1.00 12.65 ? 148 TRP A N   1 
ATOM   1092 C  CA  . TRP A 1 148 ? 1.928   -5.810  -12.116 1.00 12.43 ? 148 TRP A CA  1 
ATOM   1093 C  C   . TRP A 1 148 ? 2.424   -5.531  -10.706 1.00 13.11 ? 148 TRP A C   1 
ATOM   1094 O  O   . TRP A 1 148 ? 1.650   -5.203  -9.807  1.00 10.85 ? 148 TRP A O   1 
ATOM   1095 C  CB  . TRP A 1 148 ? 2.628   -4.862  -13.098 1.00 12.99 ? 148 TRP A CB  1 
ATOM   1096 C  CG  . TRP A 1 148 ? 2.033   -3.475  -13.147 1.00 12.03 ? 148 TRP A CG  1 
ATOM   1097 C  CD1 . TRP A 1 148 ? 1.156   -2.994  -14.074 1.00 11.40 ? 148 TRP A CD1 1 
ATOM   1098 C  CD2 . TRP A 1 148 ? 2.260   -2.406  -12.220 1.00 13.20 ? 148 TRP A CD2 1 
ATOM   1099 N  NE1 . TRP A 1 148 ? 0.823   -1.692  -13.784 1.00 11.70 ? 148 TRP A NE1 1 
ATOM   1100 C  CE2 . TRP A 1 148 ? 1.486   -1.308  -12.650 1.00 11.81 ? 148 TRP A CE2 1 
ATOM   1101 C  CE3 . TRP A 1 148 ? 3.042   -2.271  -11.067 1.00 12.03 ? 148 TRP A CE3 1 
ATOM   1102 C  CZ2 . TRP A 1 148 ? 1.471   -0.090  -11.967 1.00 12.67 ? 148 TRP A CZ2 1 
ATOM   1103 C  CZ3 . TRP A 1 148 ? 3.028   -1.059  -10.388 1.00 12.87 ? 148 TRP A CZ3 1 
ATOM   1104 C  CH2 . TRP A 1 148 ? 2.247   0.015   -10.841 1.00 11.17 ? 148 TRP A CH2 1 
ATOM   1105 N  N   . GLN A 1 149 ? 3.730   -5.666  -10.529 1.00 14.09 ? 149 GLN A N   1 
ATOM   1106 C  CA  . GLN A 1 149 ? 4.360   -5.430  -9.241  1.00 16.61 ? 149 GLN A CA  1 
ATOM   1107 C  C   . GLN A 1 149 ? 5.705   -4.777  -9.522  1.00 17.15 ? 149 GLN A C   1 
ATOM   1108 O  O   . GLN A 1 149 ? 6.451   -5.228  -10.389 1.00 17.03 ? 149 GLN A O   1 
ATOM   1109 C  CB  . GLN A 1 149 ? 4.569   -6.761  -8.528  1.00 18.41 ? 149 GLN A CB  1 
ATOM   1110 C  CG  . GLN A 1 149 ? 4.889   -6.655  -7.066  1.00 22.50 ? 149 GLN A CG  1 
ATOM   1111 C  CD  . GLN A 1 149 ? 5.607   -7.892  -6.582  1.00 25.23 ? 149 GLN A CD  1 
ATOM   1112 O  OE1 . GLN A 1 149 ? 5.266   -9.021  -6.969  1.00 25.58 ? 149 GLN A OE1 1 
ATOM   1113 N  NE2 . GLN A 1 149 ? 6.606   -7.696  -5.744  1.00 25.36 ? 149 GLN A NE2 1 
ATOM   1114 N  N   . MET A 1 150 ? 6.016   -3.713  -8.793  1.00 16.46 ? 150 MET A N   1 
ATOM   1115 C  CA  . MET A 1 150 ? 7.270   -3.002  -8.990  1.00 17.11 ? 150 MET A CA  1 
ATOM   1116 C  C   . MET A 1 150 ? 7.985   -2.864  -7.657  1.00 16.83 ? 150 MET A C   1 
ATOM   1117 O  O   . MET A 1 150 ? 7.352   -2.614  -6.638  1.00 16.50 ? 150 MET A O   1 
ATOM   1118 C  CB  . MET A 1 150 ? 6.980   -1.616  -9.576  1.00 17.07 ? 150 MET A CB  1 
ATOM   1119 C  CG  . MET A 1 150 ? 8.203   -0.746  -9.819  1.00 18.64 ? 150 MET A CG  1 
ATOM   1120 S  SD  . MET A 1 150 ? 9.323   -1.426  -11.054 1.00 17.32 ? 150 MET A SD  1 
ATOM   1121 C  CE  . MET A 1 150 ? 8.304   -1.321  -12.527 1.00 18.66 ? 150 MET A CE  1 
ATOM   1122 N  N   . SER A 1 151 ? 9.303   -3.030  -7.656  1.00 18.17 ? 151 SER A N   1 
ATOM   1123 C  CA  . SER A 1 151 ? 10.057  -2.898  -6.410  1.00 18.13 ? 151 SER A CA  1 
ATOM   1124 C  C   . SER A 1 151 ? 11.260  -1.976  -6.591  1.00 18.08 ? 151 SER A C   1 
ATOM   1125 O  O   . SER A 1 151 ? 11.741  -1.780  -7.711  1.00 16.88 ? 151 SER A O   1 
ATOM   1126 C  CB  . SER A 1 151 ? 10.500  -4.278  -5.907  1.00 18.98 ? 151 SER A CB  1 
ATOM   1127 O  OG  . SER A 1 151 ? 11.281  -4.960  -6.866  1.00 22.30 ? 151 SER A OG  1 
ATOM   1128 N  N   . PRO A 1 152 ? 11.758  -1.387  -5.489  1.00 17.57 ? 152 PRO A N   1 
ATOM   1129 C  CA  . PRO A 1 152 ? 12.907  -0.482  -5.556  1.00 18.77 ? 152 PRO A CA  1 
ATOM   1130 C  C   . PRO A 1 152 ? 14.093  -1.051  -6.332  1.00 19.81 ? 152 PRO A C   1 
ATOM   1131 O  O   . PRO A 1 152 ? 14.839  -0.304  -6.965  1.00 20.44 ? 152 PRO A O   1 
ATOM   1132 C  CB  . PRO A 1 152 ? 13.245  -0.245  -4.086  1.00 17.94 ? 152 PRO A CB  1 
ATOM   1133 C  CG  . PRO A 1 152 ? 11.918  -0.323  -3.432  1.00 18.18 ? 152 PRO A CG  1 
ATOM   1134 C  CD  . PRO A 1 152 ? 11.299  -1.533  -4.097  1.00 18.40 ? 152 PRO A CD  1 
ATOM   1135 N  N   . CYS A 1 153 ? 14.273  -2.367  -6.286  1.00 20.46 ? 153 CYS A N   1 
ATOM   1136 C  CA  . CYS A 1 153 ? 15.391  -2.973  -6.997  1.00 22.25 ? 153 CYS A CA  1 
ATOM   1137 C  C   . CYS A 1 153 ? 15.161  -3.029  -8.503  1.00 22.35 ? 153 CYS A C   1 
ATOM   1138 O  O   . CYS A 1 153 ? 16.106  -2.885  -9.275  1.00 24.22 ? 153 CYS A O   1 
ATOM   1139 C  CB  . CYS A 1 153 ? 15.679  -4.381  -6.461  1.00 22.78 ? 153 CYS A CB  1 
ATOM   1140 S  SG  . CYS A 1 153 ? 14.598  -5.696  -7.073  1.00 26.07 ? 153 CYS A SG  1 
ATOM   1141 N  N   . ASN A 1 154 ? 13.917  -3.236  -8.927  1.00 23.13 ? 154 ASN A N   1 
ATOM   1142 C  CA  . ASN A 1 154 ? 13.622  -3.301  -10.361 1.00 24.85 ? 154 ASN A CA  1 
ATOM   1143 C  C   . ASN A 1 154 ? 13.670  -1.905  -10.966 1.00 26.16 ? 154 ASN A C   1 
ATOM   1144 O  O   . ASN A 1 154 ? 13.358  -1.710  -12.138 1.00 27.59 ? 154 ASN A O   1 
ATOM   1145 C  CB  . ASN A 1 154 ? 12.242  -3.905  -10.625 1.00 24.04 ? 154 ASN A CB  1 
ATOM   1146 C  CG  . ASN A 1 154 ? 11.974  -4.119  -12.113 1.00 24.70 ? 154 ASN A CG  1 
ATOM   1147 O  OD1 . ASN A 1 154 ? 10.829  -4.136  -12.553 1.00 23.40 ? 154 ASN A OD1 1 
ATOM   1148 N  ND2 . ASN A 1 154 ? 13.041  -4.291  -12.892 1.00 23.96 ? 154 ASN A ND2 1 
ATOM   1149 N  N   . LEU A 1 155 ? 14.023  -0.926  -10.146 1.00 27.03 ? 155 LEU A N   1 
ATOM   1150 C  CA  . LEU A 1 155 ? 14.142  0.452   -10.605 1.00 29.04 ? 155 LEU A CA  1 
ATOM   1151 C  C   . LEU A 1 155 ? 15.608  0.810   -10.406 1.00 31.34 ? 155 LEU A C   1 
ATOM   1152 O  O   . LEU A 1 155 ? 16.277  1.271   -11.337 1.00 33.28 ? 155 LEU A O   1 
ATOM   1153 C  CB  . LEU A 1 155 ? 13.267  1.392   -9.767  1.00 28.94 ? 155 LEU A CB  1 
ATOM   1154 C  CG  . LEU A 1 155 ? 11.749  1.175   -9.733  1.00 29.54 ? 155 LEU A CG  1 
ATOM   1155 C  CD1 . LEU A 1 155 ? 11.102  2.259   -8.883  1.00 29.72 ? 155 LEU A CD1 1 
ATOM   1156 C  CD2 . LEU A 1 155 ? 11.186  1.219   -11.147 1.00 29.96 ? 155 LEU A CD2 1 
ATOM   1157 N  N   . LYS A 1 156 ? 16.093  0.560   -9.186  1.00 31.93 ? 156 LYS A N   1 
ATOM   1158 C  CA  . LYS A 1 156 ? 17.475  0.831   -8.765  1.00 32.88 ? 156 LYS A CA  1 
ATOM   1159 C  C   . LYS A 1 156 ? 18.577  0.358   -9.708  1.00 33.47 ? 156 LYS A C   1 
ATOM   1160 O  O   . LYS A 1 156 ? 19.336  1.219   -10.211 1.00 33.38 ? 156 LYS A O   1 
ATOM   1161 C  CB  . LYS A 1 156 ? 17.737  0.203   -7.392  1.00 32.01 ? 156 LYS A CB  1 
ATOM   1162 C  CG  . LYS A 1 156 ? 17.458  1.096   -6.196  1.00 30.74 ? 156 LYS A CG  1 
ATOM   1163 C  CD  . LYS A 1 156 ? 18.007  0.435   -4.937  1.00 30.66 ? 156 LYS A CD  1 
ATOM   1164 C  CE  . LYS A 1 156 ? 17.890  1.341   -3.718  1.00 31.02 ? 156 LYS A CE  1 
ATOM   1165 N  NZ  . LYS A 1 156 ? 18.485  0.689   -2.519  1.00 30.58 ? 156 LYS A NZ  1 
HETATM 1166 CA CA  . CA  B 2 .   ? 8.686   17.388  -3.318  1.00 21.53 ? 162 CA  A CA  1 
HETATM 1167 W  W   . WO4 C 3 .   ? 6.822   -5.507  8.064   1.00 16.76 ? 163 WO4 A W   1 
HETATM 1168 O  O1  . WO4 C 3 .   ? 6.127   -5.655  6.484   1.00 14.52 ? 163 WO4 A O1  1 
HETATM 1169 O  O2  . WO4 C 3 .   ? 5.807   -4.519  9.064   1.00 18.72 ? 163 WO4 A O2  1 
HETATM 1170 O  O3  . WO4 C 3 .   ? 8.459   -4.960  7.980   1.00 23.77 ? 163 WO4 A O3  1 
HETATM 1171 O  O4  . WO4 C 3 .   ? 6.860   -7.076  8.795   1.00 16.35 ? 163 WO4 A O4  1 
HETATM 1172 O  O   . HOH D 4 .   ? -11.953 -13.190 -3.604  1.00 10.46 ? 201 HOH A O   1 
HETATM 1173 O  O   . HOH D 4 .   ? 4.929   16.305  4.024   1.00 12.37 ? 202 HOH A O   1 
HETATM 1174 O  O   . HOH D 4 .   ? 6.165   0.799   13.125  1.00 9.66  ? 203 HOH A O   1 
HETATM 1175 O  O   . HOH D 4 .   ? -15.696 9.661   -2.972  1.00 15.54 ? 204 HOH A O   1 
HETATM 1176 O  O   . HOH D 4 .   ? -6.663  -15.702 -5.054  1.00 13.35 ? 205 HOH A O   1 
HETATM 1177 O  O   . HOH D 4 .   ? 8.068   14.919  5.156   1.00 9.95  ? 206 HOH A O   1 
HETATM 1178 O  O   . HOH D 4 .   ? -15.020 -3.423  5.566   1.00 14.83 ? 207 HOH A O   1 
HETATM 1179 O  O   . HOH D 4 .   ? -14.912 3.174   -8.648  1.00 8.67  ? 208 HOH A O   1 
HETATM 1180 O  O   . HOH D 4 .   ? -3.794  -6.594  -16.094 1.00 14.57 ? 209 HOH A O   1 
HETATM 1181 O  O   . HOH D 4 .   ? -22.830 0.348   -7.118  1.00 14.44 ? 210 HOH A O   1 
HETATM 1182 O  O   . HOH D 4 .   ? -18.214 -3.851  0.352   1.00 11.74 ? 211 HOH A O   1 
HETATM 1183 O  O   . HOH D 4 .   ? -14.049 1.540   -10.704 1.00 15.07 ? 212 HOH A O   1 
HETATM 1184 O  O   . HOH D 4 .   ? 13.140  -2.828  -1.078  1.00 15.90 ? 213 HOH A O   1 
HETATM 1185 O  O   . HOH D 4 .   ? 0.426   -17.599 3.603   1.00 28.42 ? 214 HOH A O   1 
HETATM 1186 O  O   . HOH D 4 .   ? -10.094 -1.070  9.365   1.00 11.49 ? 215 HOH A O   1 
HETATM 1187 O  O   . HOH D 4 .   ? 4.856   -7.516  -12.326 1.00 11.54 ? 216 HOH A O   1 
HETATM 1188 O  O   . HOH D 4 .   ? -7.123  -11.765 7.146   1.00 14.11 ? 217 HOH A O   1 
HETATM 1189 O  O   . HOH D 4 .   ? 15.426  8.414   -3.271  1.00 14.76 ? 218 HOH A O   1 
HETATM 1190 O  O   . HOH D 4 .   ? 4.090   16.206  -2.870  1.00 19.08 ? 219 HOH A O   1 
HETATM 1191 O  O   . HOH D 4 .   ? 1.378   -12.660 2.334   1.00 12.82 ? 220 HOH A O   1 
HETATM 1192 O  O   . HOH D 4 .   ? 1.436   9.775   7.390   1.00 15.80 ? 221 HOH A O   1 
HETATM 1193 O  O   . HOH D 4 .   ? -7.849  -12.334 -11.111 1.00 16.19 ? 222 HOH A O   1 
HETATM 1194 O  O   . HOH D 4 .   ? -9.794  -14.113 -4.776  1.00 20.58 ? 223 HOH A O   1 
HETATM 1195 O  O   . HOH D 4 .   ? 8.035   -3.859  23.860  1.00 21.40 ? 224 HOH A O   1 
HETATM 1196 O  O   . HOH D 4 .   ? 7.171   17.783  0.908   1.00 20.87 ? 225 HOH A O   1 
HETATM 1197 O  O   . HOH D 4 .   ? -1.101  9.201   11.165  1.00 16.97 ? 226 HOH A O   1 
HETATM 1198 O  O   . HOH D 4 .   ? 17.514  -1.984  -11.926 1.00 23.98 ? 227 HOH A O   1 
HETATM 1199 O  O   . HOH D 4 .   ? -9.846  3.911   -12.010 1.00 18.02 ? 228 HOH A O   1 
HETATM 1200 O  O   . HOH D 4 .   ? 12.386  0.249   1.561   1.00 19.37 ? 229 HOH A O   1 
HETATM 1201 O  O   . HOH D 4 .   ? -5.091  -11.666 -11.995 1.00 18.65 ? 230 HOH A O   1 
HETATM 1202 O  O   . HOH D 4 .   ? 13.321  -4.298  -3.603  1.00 16.66 ? 231 HOH A O   1 
HETATM 1203 O  O   . HOH D 4 .   ? -2.828  10.534  1.908   1.00 35.08 ? 232 HOH A O   1 
HETATM 1204 O  O   . HOH D 4 .   ? 13.294  7.689   10.276  1.00 18.07 ? 233 HOH A O   1 
HETATM 1205 O  O   . HOH D 4 .   ? -3.374  -10.609 8.027   1.00 17.47 ? 234 HOH A O   1 
HETATM 1206 O  O   . HOH D 4 .   ? 2.636   10.952  9.491   1.00 19.26 ? 235 HOH A O   1 
HETATM 1207 O  O   . HOH D 4 .   ? -9.787  1.200   -12.589 1.00 14.30 ? 236 HOH A O   1 
HETATM 1208 O  O   . HOH D 4 .   ? -4.090  -17.800 -3.051  1.00 18.77 ? 237 HOH A O   1 
HETATM 1209 O  O   . HOH D 4 .   ? 3.918   14.157  3.242   1.00 20.24 ? 238 HOH A O   1 
HETATM 1210 O  O   . HOH D 4 .   ? 8.292   -4.834  -12.113 1.00 18.81 ? 239 HOH A O   1 
HETATM 1211 O  O   . HOH D 4 .   ? 13.938  10.625  1.206   1.00 28.81 ? 240 HOH A O   1 
HETATM 1212 O  O   . HOH D 4 .   ? -2.618  16.914  -3.988  1.00 32.12 ? 241 HOH A O   1 
HETATM 1213 O  O   . HOH D 4 .   ? 13.946  3.044   16.518  1.00 20.04 ? 242 HOH A O   1 
HETATM 1214 O  O   . HOH D 4 .   ? -12.422 4.733   7.887   1.00 22.83 ? 243 HOH A O   1 
HETATM 1215 O  O   . HOH D 4 .   ? -12.729 9.826   -2.702  1.00 21.70 ? 244 HOH A O   1 
HETATM 1216 O  O   . HOH D 4 .   ? 19.206  4.614   0.373   1.00 27.88 ? 245 HOH A O   1 
HETATM 1217 O  O   . HOH D 4 .   ? 7.551   6.970   12.608  1.00 20.65 ? 246 HOH A O   1 
HETATM 1218 O  O   . HOH D 4 .   ? -7.778  9.432   1.532   1.00 14.86 ? 247 HOH A O   1 
HETATM 1219 O  O   . HOH D 4 .   ? -2.786  8.262   13.344  1.00 20.61 ? 248 HOH A O   1 
HETATM 1220 O  O   . HOH D 4 .   ? 9.985   13.610  5.841   1.00 27.05 ? 249 HOH A O   1 
HETATM 1221 O  O   . HOH D 4 .   ? 11.408  3.750   20.750  1.00 20.09 ? 250 HOH A O   1 
HETATM 1222 O  O   . HOH D 4 .   ? 2.480   -10.213 2.199   1.00 32.00 ? 251 HOH A O   1 
HETATM 1223 O  O   . HOH D 4 .   ? 21.238  7.459   9.010   1.00 30.70 ? 252 HOH A O   1 
HETATM 1224 O  O   . HOH D 4 .   ? -11.747 -9.572  11.966  1.00 27.98 ? 253 HOH A O   1 
HETATM 1225 O  O   . HOH D 4 .   ? -12.440 -11.651 -5.423  1.00 24.11 ? 254 HOH A O   1 
HETATM 1226 O  O   . HOH D 4 .   ? -3.882  7.132   -11.967 1.00 27.78 ? 255 HOH A O   1 
HETATM 1227 O  O   . HOH D 4 .   ? 3.210   -17.009 -4.359  1.00 28.86 ? 256 HOH A O   1 
HETATM 1228 O  O   . HOH D 4 .   ? -7.685  -6.145  -15.720 1.00 29.17 ? 257 HOH A O   1 
HETATM 1229 O  O   . HOH D 4 .   ? -18.670 2.971   -9.247  1.00 20.67 ? 258 HOH A O   1 
HETATM 1230 O  O   . HOH D 4 .   ? 15.146  -6.068  -13.281 1.00 25.21 ? 259 HOH A O   1 
HETATM 1231 O  O   . HOH D 4 .   ? 20.513  0.819   -1.143  1.00 36.44 ? 260 HOH A O   1 
HETATM 1232 O  O   . HOH D 4 .   ? 1.073   15.003  -1.106  1.00 21.37 ? 261 HOH A O   1 
HETATM 1233 O  O   . HOH D 4 .   ? -9.164  12.997  -2.922  1.00 26.02 ? 262 HOH A O   1 
HETATM 1234 O  O   . HOH D 4 .   ? 5.507   8.978   11.655  1.00 24.54 ? 263 HOH A O   1 
HETATM 1235 O  O   . HOH D 4 .   ? 10.369  10.448  7.412   1.00 20.01 ? 264 HOH A O   1 
HETATM 1236 O  O   . HOH D 4 .   ? -3.525  13.032  -5.864  1.00 18.85 ? 265 HOH A O   1 
HETATM 1237 O  O   . HOH D 4 .   ? -12.735 -11.131 -1.919  1.00 31.76 ? 266 HOH A O   1 
HETATM 1238 O  O   . HOH D 4 .   ? -5.756  -14.251 0.437   1.00 21.58 ? 267 HOH A O   1 
HETATM 1239 O  O   . HOH D 4 .   ? -8.226  -14.726 0.366   1.00 24.36 ? 268 HOH A O   1 
HETATM 1240 O  O   . HOH D 4 .   ? -1.031  -5.930  -16.968 1.00 32.13 ? 269 HOH A O   1 
HETATM 1241 O  O   . HOH D 4 .   ? -8.460  7.662   9.548   1.00 23.34 ? 270 HOH A O   1 
HETATM 1242 O  O   . HOH D 4 .   ? 5.925   -5.381  20.229  1.00 17.99 ? 271 HOH A O   1 
HETATM 1243 O  O   . HOH D 4 .   ? 0.200   -13.628 -7.405  1.00 26.41 ? 272 HOH A O   1 
HETATM 1244 O  O   . HOH D 4 .   ? 4.732   -8.252  9.850   1.00 20.57 ? 273 HOH A O   1 
HETATM 1245 O  O   . HOH D 4 .   ? 15.423  10.303  3.744   1.00 30.74 ? 274 HOH A O   1 
HETATM 1246 O  O   . HOH D 4 .   ? -2.732  17.510  0.161   1.00 31.75 ? 275 HOH A O   1 
HETATM 1247 O  O   . HOH D 4 .   ? -8.428  5.477   12.541  1.00 20.63 ? 276 HOH A O   1 
HETATM 1248 O  O   . HOH D 4 .   ? 19.540  3.127   6.467   1.00 14.98 ? 277 HOH A O   1 
HETATM 1249 O  O   . HOH D 4 .   ? -6.428  16.835  -0.850  1.00 27.40 ? 278 HOH A O   1 
HETATM 1250 O  O   . HOH D 4 .   ? -8.390  12.136  -13.505 1.00 30.35 ? 279 HOH A O   1 
HETATM 1251 O  O   . HOH D 4 .   ? 15.728  5.227   11.674  1.00 24.34 ? 280 HOH A O   1 
HETATM 1252 O  O   . HOH D 4 .   ? 5.380   -12.626 -6.087  1.00 32.12 ? 281 HOH A O   1 
HETATM 1253 O  O   . HOH D 4 .   ? -9.467  11.139  -9.116  1.00 18.32 ? 282 HOH A O   1 
HETATM 1254 O  O   . HOH D 4 .   ? -12.334 -3.666  12.262  1.00 24.00 ? 283 HOH A O   1 
HETATM 1255 O  O   . HOH D 4 .   ? -11.194 -7.313  13.145  1.00 23.13 ? 284 HOH A O   1 
HETATM 1256 O  O   . HOH D 4 .   ? 12.605  -6.361  1.529   1.00 17.33 ? 285 HOH A O   1 
HETATM 1257 O  O   . HOH D 4 .   ? -11.037 -2.057  7.014   1.00 14.22 ? 286 HOH A O   1 
HETATM 1258 O  O   . HOH D 4 .   ? -1.101  8.676   8.501   1.00 16.66 ? 287 HOH A O   1 
HETATM 1259 O  O   . HOH D 4 .   ? 8.079   -6.850  11.067  1.00 32.87 ? 288 HOH A O   1 
HETATM 1260 O  O   . HOH D 4 .   ? 1.271   10.482  11.891  1.00 17.24 ? 289 HOH A O   1 
HETATM 1261 O  O   . HOH D 4 .   ? -15.435 4.802   -11.099 1.00 19.69 ? 290 HOH A O   1 
HETATM 1262 O  O   . HOH D 4 .   ? 1.148   11.943  5.799   1.00 21.62 ? 291 HOH A O   1 
HETATM 1263 O  O   . HOH D 4 .   ? -0.831  -7.437  -19.062 1.00 19.87 ? 292 HOH A O   1 
HETATM 1264 O  O   . HOH D 4 .   ? -5.978  -14.714 3.538   1.00 18.09 ? 293 HOH A O   1 
HETATM 1265 O  O   . HOH D 4 .   ? 8.624   -7.293  -4.479  1.00 15.08 ? 294 HOH A O   1 
HETATM 1266 O  O   . HOH D 4 .   ? -22.681 0.943   -9.500  1.00 20.52 ? 295 HOH A O   1 
HETATM 1267 O  O   . HOH D 4 .   ? -14.153 -1.996  7.756   1.00 19.19 ? 296 HOH A O   1 
HETATM 1268 O  O   . HOH D 4 .   ? 10.586  15.513  -2.594  1.00 18.14 ? 297 HOH A O   1 
HETATM 1269 O  O   . HOH D 4 .   ? -14.323 -3.007  10.015  1.00 27.21 ? 298 HOH A O   1 
HETATM 1270 O  O   . HOH D 4 .   ? -21.997 -8.681  -8.734  1.00 27.20 ? 299 HOH A O   1 
HETATM 1271 O  O   . HOH D 4 .   ? -12.009 0.774   10.598  1.00 22.84 ? 300 HOH A O   1 
HETATM 1272 O  O   . HOH D 4 .   ? 3.503   -10.057 -12.288 1.00 26.08 ? 301 HOH A O   1 
HETATM 1273 O  O   . HOH D 4 .   ? 5.500   -6.943  -14.744 1.00 17.15 ? 302 HOH A O   1 
HETATM 1274 O  O   . HOH D 4 .   ? 12.357  6.976   -9.054  1.00 18.28 ? 303 HOH A O   1 
HETATM 1275 O  O   . HOH D 4 .   ? 9.003   8.546   14.363  1.00 23.86 ? 304 HOH A O   1 
HETATM 1276 O  O   . HOH D 4 .   ? -10.821 9.030   8.475   1.00 27.03 ? 305 HOH A O   1 
HETATM 1277 O  O   . HOH D 4 .   ? -13.323 -5.968  -2.978  1.00 22.61 ? 306 HOH A O   1 
HETATM 1278 O  O   . HOH D 4 .   ? 5.622   -5.465  23.018  1.00 23.13 ? 307 HOH A O   1 
HETATM 1279 O  O   . HOH D 4 .   ? -14.294 -12.466 -3.541  1.00 28.83 ? 308 HOH A O   1 
HETATM 1280 O  O   . HOH D 4 .   ? -11.686 12.981  -2.425  1.00 31.53 ? 309 HOH A O   1 
HETATM 1281 O  O   . HOH D 4 .   ? 3.704   -6.262  18.662  1.00 20.11 ? 310 HOH A O   1 
HETATM 1282 O  O   . HOH D 4 .   ? -1.076  -6.488  14.118  1.00 28.28 ? 311 HOH A O   1 
HETATM 1283 O  O   . HOH D 4 .   ? -1.050  -3.516  -16.495 1.00 28.58 ? 312 HOH A O   1 
HETATM 1284 O  O   . HOH D 4 .   ? -11.696 -0.724  12.710  1.00 33.20 ? 313 HOH A O   1 
HETATM 1285 O  O   . HOH D 4 .   ? -1.089  10.534  -7.190  1.00 26.63 ? 314 HOH A O   1 
HETATM 1286 O  O   . HOH D 4 .   ? -20.358 0.633   -8.684  1.00 28.86 ? 315 HOH A O   1 
HETATM 1287 O  O   . HOH D 4 .   ? -7.590  9.760   -10.949 1.00 32.53 ? 316 HOH A O   1 
HETATM 1288 O  O   . HOH D 4 .   ? 2.899   -4.881  16.608  1.00 27.48 ? 317 HOH A O   1 
HETATM 1289 O  O   . HOH D 4 .   ? -0.019  -15.520 -11.741 1.00 29.15 ? 318 HOH A O   1 
HETATM 1290 O  O   . HOH D 4 .   ? -5.563  -13.266 5.572   1.00 31.41 ? 319 HOH A O   1 
HETATM 1291 O  O   . HOH D 4 .   ? -10.783 4.091   9.866   1.00 30.21 ? 320 HOH A O   1 
HETATM 1292 O  O   . HOH D 4 .   ? 8.161   15.783  7.544   1.00 30.68 ? 321 HOH A O   1 
HETATM 1293 O  O   . HOH D 4 .   ? 15.889  2.285   -14.003 1.00 27.79 ? 322 HOH A O   1 
HETATM 1294 O  O   . HOH D 4 .   ? -0.651  -16.410 -8.619  1.00 23.93 ? 323 HOH A O   1 
HETATM 1295 O  O   . HOH D 4 .   ? -15.179 3.477   8.416   1.00 20.56 ? 324 HOH A O   1 
HETATM 1296 O  O   . HOH D 4 .   ? 11.838  -3.663  7.329   1.00 25.61 ? 325 HOH A O   1 
HETATM 1297 O  O   . HOH D 4 .   ? 11.810  -7.483  -6.622  1.00 28.49 ? 326 HOH A O   1 
HETATM 1298 O  O   . HOH D 4 .   ? 4.332   -14.964 -6.864  1.00 21.71 ? 327 HOH A O   1 
HETATM 1299 O  O   . HOH D 4 .   ? -3.120  -9.632  -15.096 1.00 27.60 ? 328 HOH A O   1 
HETATM 1300 O  O   . HOH D 4 .   ? 16.422  -4.027  1.879   1.00 32.43 ? 329 HOH A O   1 
HETATM 1301 O  O   . HOH D 4 .   ? 0.944   -13.307 -11.055 1.00 23.16 ? 330 HOH A O   1 
HETATM 1302 O  O   . HOH D 4 .   ? -9.276  -4.542  14.818  1.00 28.15 ? 331 HOH A O   1 
HETATM 1303 O  O   . HOH D 4 .   ? -11.788 -1.007  -15.085 1.00 32.98 ? 332 HOH A O   1 
HETATM 1304 O  O   . HOH D 4 .   ? 2.255   13.648  -8.364  1.00 22.55 ? 333 HOH A O   1 
HETATM 1305 O  O   . HOH D 4 .   ? -17.232 -4.552  5.611   1.00 23.00 ? 334 HOH A O   1 
HETATM 1306 O  O   . HOH D 4 .   ? -14.731 -9.185  2.230   1.00 32.45 ? 335 HOH A O   1 
HETATM 1307 O  O   . HOH D 4 .   ? 12.234  -5.921  14.773  1.00 30.34 ? 336 HOH A O   1 
HETATM 1308 O  O   . HOH D 4 .   ? 17.932  2.678   -12.351 1.00 32.50 ? 337 HOH A O   1 
HETATM 1309 O  O   . HOH D 4 .   ? -10.751 -5.576  -12.886 1.00 28.84 ? 338 HOH A O   1 
HETATM 1310 O  O   . HOH D 4 .   ? 7.787   6.326   -13.932 1.00 23.56 ? 339 HOH A O   1 
HETATM 1311 O  O   . HOH D 4 .   ? 9.343   -6.135  -14.000 1.00 32.20 ? 340 HOH A O   1 
HETATM 1312 O  O   . HOH D 4 .   ? -9.447  11.171  2.202   1.00 24.96 ? 341 HOH A O   1 
HETATM 1313 O  O   . HOH D 4 .   ? 9.562   -5.882  -10.152 1.00 31.47 ? 342 HOH A O   1 
HETATM 1314 O  O   . HOH D 4 .   ? 19.619  -3.506  -10.302 1.00 29.23 ? 343 HOH A O   1 
HETATM 1315 O  O   . HOH D 4 .   ? 9.615   -5.770  16.062  1.00 30.55 ? 344 HOH A O   1 
HETATM 1316 O  O   . HOH D 4 .   ? 3.495   15.901  -16.058 1.00 37.52 ? 345 HOH A O   1 
HETATM 1317 O  O   . HOH D 4 .   ? 0.649   -10.102 -13.034 1.00 30.20 ? 346 HOH A O   1 
HETATM 1318 O  O   . HOH D 4 .   ? 15.692  9.921   10.297  1.00 25.90 ? 347 HOH A O   1 
HETATM 1319 O  O   . HOH D 4 .   ? 1.332   13.082  2.916   1.00 23.01 ? 348 HOH A O   1 
HETATM 1320 O  O   . HOH D 4 .   ? 15.598  5.722   14.088  1.00 35.44 ? 349 HOH A O   1 
HETATM 1321 O  O   . HOH D 4 .   ? -19.256 -8.195  -12.062 1.00 34.40 ? 350 HOH A O   1 
HETATM 1322 O  O   . HOH D 4 .   ? 14.991  -4.725  -0.028  1.00 27.52 ? 351 HOH A O   1 
HETATM 1323 O  O   . HOH D 4 .   ? -1.877  15.317  5.071   1.00 35.80 ? 352 HOH A O   1 
HETATM 1324 O  O   . HOH D 4 .   ? 3.709   16.238  -9.769  1.00 33.00 ? 353 HOH A O   1 
HETATM 1325 O  O   . HOH D 4 .   ? 0.602   15.561  -10.889 1.00 30.88 ? 354 HOH A O   1 
HETATM 1326 O  O   . HOH D 4 .   ? 4.715   -7.109  12.807  1.00 22.68 ? 355 HOH A O   1 
HETATM 1327 O  O   . HOH D 4 .   ? -11.387 -16.784 -1.133  1.00 28.37 ? 356 HOH A O   1 
HETATM 1328 O  O   . HOH D 4 .   ? -5.008  4.860   -11.265 1.00 24.86 ? 357 HOH A O   1 
HETATM 1329 O  O   . HOH D 4 .   ? -8.893  7.862   12.577  1.00 31.14 ? 358 HOH A O   1 
HETATM 1330 O  O   . HOH D 4 .   ? 8.950   11.290  -11.476 1.00 27.19 ? 359 HOH A O   1 
HETATM 1331 O  O   . HOH D 4 .   ? -21.174 -1.126  -9.978  1.00 19.21 ? 360 HOH A O   1 
HETATM 1332 O  O   . HOH D 4 .   ? 8.325   8.307   17.058  1.00 17.42 ? 361 HOH A O   1 
HETATM 1333 O  O   . HOH D 4 .   ? 10.272  -8.501  11.280  1.00 21.15 ? 362 HOH A O   1 
HETATM 1334 O  O   . HOH D 4 .   ? -9.672  10.551  6.719   1.00 27.74 ? 363 HOH A O   1 
HETATM 1335 O  O   . HOH D 4 .   ? 10.376  -9.835  -3.903  1.00 34.39 ? 364 HOH A O   1 
HETATM 1336 O  O   . HOH D 4 .   ? 8.638   -6.724  -8.178  1.00 18.77 ? 365 HOH A O   1 
HETATM 1337 O  O   . HOH D 4 .   ? 3.685   -11.665 -14.218 1.00 22.93 ? 366 HOH A O   1 
HETATM 1338 O  O   . HOH D 4 .   ? 4.152   -10.901 -9.647  1.00 20.86 ? 367 HOH A O   1 
HETATM 1339 O  O   . HOH D 4 .   ? 10.896  -9.237  6.145   1.00 21.88 ? 368 HOH A O   1 
HETATM 1340 O  O   . HOH D 4 .   ? -12.731 -8.909  -2.928  1.00 31.21 ? 369 HOH A O   1 
HETATM 1341 O  O   . HOH D 4 .   ? 4.429   -11.109 0.557   1.00 23.35 ? 370 HOH A O   1 
HETATM 1342 O  O   . HOH D 4 .   ? -3.424  9.773   7.970   1.00 31.09 ? 371 HOH A O   1 
HETATM 1343 O  O   . HOH D 4 .   ? 13.019  12.285  4.894   1.00 34.36 ? 372 HOH A O   1 
HETATM 1344 O  O   . HOH D 4 .   ? 4.449   16.348  6.478   1.00 30.69 ? 373 HOH A O   1 
HETATM 1345 O  O   . HOH D 4 .   ? -0.118  12.881  12.197  1.00 27.47 ? 374 HOH A O   1 
HETATM 1346 O  O   . HOH D 4 .   ? 1.358   12.836  -12.181 1.00 26.88 ? 375 HOH A O   1 
HETATM 1347 O  O   . HOH D 4 .   ? -12.606 -2.766  -13.197 1.00 28.13 ? 376 HOH A O   1 
HETATM 1348 O  O   . HOH D 4 .   ? -5.793  12.351  7.279   1.00 31.97 ? 377 HOH A O   1 
HETATM 1349 O  O   . HOH D 4 .   ? 1.306   14.655  6.543   1.00 35.09 ? 378 HOH A O   1 
HETATM 1350 O  O   . HOH D 4 .   ? -16.933 9.385   -5.317  1.00 28.47 ? 379 HOH A O   1 
HETATM 1351 O  O   . HOH D 4 .   ? 17.802  -2.458  -0.086  1.00 30.83 ? 380 HOH A O   1 
HETATM 1352 O  O   . HOH D 4 .   ? -3.047  -9.224  -19.567 1.00 34.09 ? 381 HOH A O   1 
HETATM 1353 O  O   . HOH D 4 .   ? 1.806   -7.501  14.604  1.00 25.16 ? 382 HOH A O   1 
HETATM 1354 O  O   . HOH D 4 .   ? 2.225   -16.234 -9.736  1.00 35.47 ? 383 HOH A O   1 
HETATM 1355 O  O   . HOH D 4 .   ? 14.533  -3.994  3.745   1.00 22.43 ? 384 HOH A O   1 
HETATM 1356 O  O   . HOH D 4 .   ? -5.813  9.079   -14.201 1.00 29.75 ? 385 HOH A O   1 
HETATM 1357 O  O   . HOH D 4 .   ? -13.053 -8.001  -13.207 1.00 25.33 ? 386 HOH A O   1 
HETATM 1358 O  O   . HOH D 4 .   ? 16.269  10.310  6.431   1.00 26.70 ? 387 HOH A O   1 
HETATM 1359 O  O   . HOH D 4 .   ? 18.787  -1.264  -14.047 1.00 28.68 ? 388 HOH A O   1 
HETATM 1360 O  O   . HOH D 4 .   ? -8.327  -6.788  15.688  1.00 32.16 ? 389 HOH A O   1 
HETATM 1361 O  O   . HOH D 4 .   ? -1.763  11.358  5.057   1.00 29.51 ? 390 HOH A O   1 
HETATM 1362 O  O   . HOH D 4 .   ? -25.188 0.984   -8.482  1.00 29.58 ? 391 HOH A O   1 
HETATM 1363 O  O   . HOH D 4 .   ? -6.344  -4.079  -15.345 1.00 26.67 ? 392 HOH A O   1 
HETATM 1364 O  O   . HOH D 4 .   ? 17.251  4.226   -1.962  1.00 29.76 ? 393 HOH A O   1 
HETATM 1365 O  O   . HOH D 4 .   ? 21.932  5.370   4.376   1.00 28.46 ? 394 HOH A O   1 
HETATM 1366 O  O   . HOH D 4 .   ? 2.146   17.740  -3.840  1.00 31.15 ? 395 HOH A O   1 
HETATM 1367 O  O   . HOH D 4 .   ? -15.908 -12.403 -0.340  1.00 29.11 ? 396 HOH A O   1 
HETATM 1368 O  O   . HOH D 4 .   ? 12.055  -8.895  2.197   1.00 27.17 ? 397 HOH A O   1 
HETATM 1369 O  O   . HOH D 4 .   ? -9.413  -12.574 6.737   1.00 28.68 ? 398 HOH A O   1 
HETATM 1370 O  O   . HOH D 4 .   ? -2.178  -0.042  -12.854 1.00 34.48 ? 399 HOH A O   1 
HETATM 1371 O  O   . HOH D 4 .   ? -21.081 3.937   -8.767  1.00 31.78 ? 400 HOH A O   1 
HETATM 1372 O  O   . HOH D 4 .   ? 6.055   18.395  -2.945  1.00 29.61 ? 401 HOH A O   1 
HETATM 1373 O  O   . HOH D 4 .   ? 7.452   16.121  -5.512  1.00 25.03 ? 402 HOH A O   1 
HETATM 1374 O  O   . HOH D 4 .   ? 9.261   18.068  -0.669  1.00 17.79 ? 403 HOH A O   1 
HETATM 1375 O  O   . HOH D 4 .   ? 11.363  18.133  -2.966  1.00 19.29 ? 404 HOH A O   1 
HETATM 1376 O  O   . HOH D 4 .   ? 15.364  8.300   8.592   1.00 29.50 ? 405 HOH A O   1 
HETATM 1377 O  O   . HOH D 4 .   ? 9.048   -9.403  8.926   1.00 29.34 ? 406 HOH A O   1 
HETATM 1378 O  O   . HOH D 4 .   ? -5.328  -14.975 -11.351 1.00 32.43 ? 407 HOH A O   1 
HETATM 1379 O  O   . HOH D 4 .   ? 1.421   -12.888 -14.812 1.00 31.87 ? 408 HOH A O   1 
HETATM 1380 O  O   . HOH D 4 .   ? 5.923   13.979  10.851  1.00 25.58 ? 409 HOH A O   1 
HETATM 1381 O  O   . HOH D 4 .   ? 13.597  -5.452  6.532   1.00 35.22 ? 410 HOH A O   1 
HETATM 1382 O  O   . HOH D 4 .   ? 12.277  -7.725  9.876   1.00 31.58 ? 411 HOH A O   1 
HETATM 1383 O  O   . HOH D 4 .   ? 3.457   17.007  1.454   1.00 22.93 ? 412 HOH A O   1 
HETATM 1384 O  O   . HOH D 4 .   ? -2.171  -13.576 9.148   1.00 32.49 ? 413 HOH A O   1 
HETATM 1385 O  O   . HOH D 4 .   ? 9.592   -4.857  18.532  1.00 26.12 ? 414 HOH A O   1 
HETATM 1386 O  O   . HOH D 4 .   ? 12.801  16.175  -2.541  1.00 33.15 ? 415 HOH A O   1 
HETATM 1387 O  O   . HOH D 4 .   ? 21.247  -1.391  -10.461 1.00 29.62 ? 416 HOH A O   1 
HETATM 1388 O  O   . HOH D 4 .   ? -0.112  15.287  1.929   1.00 35.04 ? 417 HOH A O   1 
HETATM 1389 O  O   . HOH D 4 .   ? 8.538   -11.324 -6.247  1.00 29.07 ? 418 HOH A O   1 
HETATM 1390 O  O   . HOH D 4 .   ? 7.096   -8.383  -10.967 1.00 27.04 ? 419 HOH A O   1 
HETATM 1391 O  O   . HOH D 4 .   ? -11.512 12.091  7.090   1.00 25.94 ? 420 HOH A O   1 
HETATM 1392 O  O   . HOH D 4 .   ? 9.422   -10.625 1.548   1.00 33.50 ? 421 HOH A O   1 
HETATM 1393 O  O   . HOH D 4 .   ? 16.144  16.393  -1.537  1.00 28.19 ? 422 HOH A O   1 
HETATM 1394 O  O   . HOH D 4 .   ? -12.080 -12.593 6.489   1.00 32.25 ? 423 HOH A O   1 
HETATM 1395 O  O   . HOH D 4 .   ? 10.743  -11.477 4.788   1.00 33.10 ? 424 HOH A O   1 
HETATM 1396 O  O   . HOH D 4 .   ? 16.363  -2.713  -3.091  1.00 28.42 ? 425 HOH A O   1 
HETATM 1397 O  O   . HOH D 4 .   ? -9.212  9.578   15.217  1.00 31.18 ? 426 HOH A O   1 
HETATM 1398 O  O   . HOH D 4 .   ? 4.357   -15.530 -1.049  1.00 30.74 ? 427 HOH A O   1 
HETATM 1399 O  O   . HOH D 4 .   ? -12.338 4.268   -12.343 1.00 25.49 ? 428 HOH A O   1 
HETATM 1400 O  O   . HOH D 4 .   ? 11.378  15.440  9.411   1.00 39.42 ? 429 HOH A O   1 
HETATM 1401 O  O   . HOH D 4 .   ? 17.629  -1.776  11.987  1.00 25.45 ? 430 HOH A O   1 
HETATM 1402 O  O   . HOH D 4 .   ? -4.939  -17.605 -13.017 1.00 23.85 ? 431 HOH A O   1 
HETATM 1403 O  O   . HOH D 4 .   ? 19.205  0.734   10.530  1.00 30.69 ? 432 HOH A O   1 
HETATM 1404 O  O   . HOH D 4 .   ? -7.246  -18.953 -12.764 1.00 21.92 ? 433 HOH A O   1 
HETATM 1405 O  O   . HOH D 4 .   ? -14.727 -11.192 -14.260 1.00 30.95 ? 434 HOH A O   1 
# 
